data_4UZZ
# 
_entry.id   4UZZ 
# 
_audit_conform.dict_name       mmcif_pdbx.dic 
_audit_conform.dict_version    5.391 
_audit_conform.dict_location   http://mmcif.pdb.org/dictionaries/ascii/mmcif_pdbx.dic 
# 
loop_
_database_2.database_id 
_database_2.database_code 
_database_2.pdbx_database_accession 
_database_2.pdbx_DOI 
PDB   4UZZ         pdb_00004uzz 10.2210/pdb4uzz/pdb 
PDBE  EBI-61727    ?            ?                   
WWPDB D_1290061727 ?            ?                   
# 
loop_
_pdbx_audit_revision_history.ordinal 
_pdbx_audit_revision_history.data_content_type 
_pdbx_audit_revision_history.major_revision 
_pdbx_audit_revision_history.minor_revision 
_pdbx_audit_revision_history.revision_date 
1 'Structure model' 1 0 2014-11-05 
2 'Structure model' 1 1 2024-05-08 
# 
_pdbx_audit_revision_details.ordinal             1 
_pdbx_audit_revision_details.revision_ordinal    1 
_pdbx_audit_revision_details.data_content_type   'Structure model' 
_pdbx_audit_revision_details.provider            repository 
_pdbx_audit_revision_details.type                'Initial release' 
_pdbx_audit_revision_details.description         ? 
_pdbx_audit_revision_details.details             ? 
# 
loop_
_pdbx_audit_revision_group.ordinal 
_pdbx_audit_revision_group.revision_ordinal 
_pdbx_audit_revision_group.data_content_type 
_pdbx_audit_revision_group.group 
1 2 'Structure model' 'Data collection'     
2 2 'Structure model' 'Database references' 
3 2 'Structure model' Other                 
# 
loop_
_pdbx_audit_revision_category.ordinal 
_pdbx_audit_revision_category.revision_ordinal 
_pdbx_audit_revision_category.data_content_type 
_pdbx_audit_revision_category.category 
1 2 'Structure model' chem_comp_atom       
2 2 'Structure model' chem_comp_bond       
3 2 'Structure model' database_2           
4 2 'Structure model' pdbx_database_status 
# 
loop_
_pdbx_audit_revision_item.ordinal 
_pdbx_audit_revision_item.revision_ordinal 
_pdbx_audit_revision_item.data_content_type 
_pdbx_audit_revision_item.item 
1 2 'Structure model' '_database_2.pdbx_DOI'                 
2 2 'Structure model' '_database_2.pdbx_database_accession'  
3 2 'Structure model' '_pdbx_database_status.status_code_sf' 
# 
_pdbx_database_status.status_code                     REL 
_pdbx_database_status.entry_id                        4UZZ 
_pdbx_database_status.deposit_site                    PDBE 
_pdbx_database_status.process_site                    PDBE 
_pdbx_database_status.SG_entry                        . 
_pdbx_database_status.recvd_initial_deposition_date   2014-09-09 
_pdbx_database_status.pdb_format_compatible           Y 
_pdbx_database_status.status_code_sf                  REL 
_pdbx_database_status.status_code_mr                  ? 
_pdbx_database_status.status_code_cs                  ? 
_pdbx_database_status.methods_development_category    ? 
_pdbx_database_status.status_code_nmr_data            ? 
# 
loop_
_audit_author.name 
_audit_author.pdbx_ordinal 
'Braeuer, P.'   1 
'Taschner, M.'  2 
'Lorentzen, E.' 3 
# 
_citation.id                        primary 
_citation.title                     
'Crystal Structures of Ift70/52 and Ift52/46 Provide Insight Into Intraflagellar Transport B Core Complex Assembly.' 
_citation.journal_abbrev            'J.Cell Biol.' 
_citation.journal_volume            207 
_citation.page_first                269 
_citation.page_last                 ? 
_citation.year                      2014 
_citation.journal_id_ASTM           JCLBA3 
_citation.country                   US 
_citation.journal_id_ISSN           0021-9525 
_citation.journal_id_CSD            2019 
_citation.book_publisher            ? 
_citation.pdbx_database_id_PubMed   25349261 
_citation.pdbx_database_id_DOI      10.1083/JCB.201408002 
# 
loop_
_citation_author.citation_id 
_citation_author.name 
_citation_author.ordinal 
_citation_author.identifier_ORCID 
primary 'Taschner, M.'  1 ? 
primary 'Kotsis, F.'    2 ? 
primary 'Braeuer, P.'   3 ? 
primary 'Kuehn, E.W.'   4 ? 
primary 'Lorentzen, E.' 5 ? 
# 
loop_
_entity.id 
_entity.type 
_entity.src_method 
_entity.pdbx_description 
_entity.formula_weight 
_entity.pdbx_number_of_molecules 
_entity.pdbx_ec 
_entity.pdbx_mutation 
_entity.pdbx_fragment 
_entity.details 
1 polymer man 'INTRAFLAGELLAR TRANSPORT COMPLEX B PROTEIN 46 CARBOXY-TERMINAL PROTEIN' 13460.124 1 ? ? 
'C-TERMINAL DOMAIN, RESIDUES 221-332' ? 
2 polymer man 'INTRAFLAGELLAR TRANSPORTER-LIKE PROTEIN'                                7712.705  1 ? ? 
'C-TERMINAL DOMAIN, RESIDUES 371-434' ? 
3 water   nat water                                                                    18.015    3 ? ? ? ? 
# 
loop_
_entity_name_com.entity_id 
_entity_name_com.name 
1 'INTRAFLAGELLAR TRANSPORT PROTEIN 46' 
2 'INTRAFLAGELLAR TRANSPORT PROTEIN 52' 
# 
loop_
_entity_poly.entity_id 
_entity_poly.type 
_entity_poly.nstd_linkage 
_entity_poly.nstd_monomer 
_entity_poly.pdbx_seq_one_letter_code 
_entity_poly.pdbx_seq_one_letter_code_can 
_entity_poly.pdbx_strand_id 
_entity_poly.pdbx_target_identifier 
1 'polypeptide(L)' no no 
;GAASPKQIQMWINNVAEIRKTKQPHSVSYTKPMPEIDELMQEWPQEIEEILQHLKIPSEELDFNLSDFCKLACAILDIPV
HDQPNESNVIESLHVLFTLYSEFKSNQHFQQNKNDG
;
;GAASPKQIQMWINNVAEIRKTKQPHSVSYTKPMPEIDELMQEWPQEIEEILQHLKIPSEELDFNLSDFCKLACAILDIPV
HDQPNESNVIESLHVLFTLYSEFKSNQHFQQNKNDG
;
A ? 
2 'polypeptide(L)' no no GAASDEFASEKVRLAQLTNKCNNNDLDYYIKESGDILGVTDKVKNKHDAKAILRYVLEELINFKKLNN 
GAASDEFASEKVRLAQLTNKCNNNDLDYYIKESGDILGVTDKVKNKHDAKAILRYVLEELINFKKLNN                                                    B ? 
# 
_pdbx_entity_nonpoly.entity_id   3 
_pdbx_entity_nonpoly.name        water 
_pdbx_entity_nonpoly.comp_id     HOH 
# 
loop_
_entity_poly_seq.entity_id 
_entity_poly_seq.num 
_entity_poly_seq.mon_id 
_entity_poly_seq.hetero 
1 1   GLY n 
1 2   ALA n 
1 3   ALA n 
1 4   SER n 
1 5   PRO n 
1 6   LYS n 
1 7   GLN n 
1 8   ILE n 
1 9   GLN n 
1 10  MET n 
1 11  TRP n 
1 12  ILE n 
1 13  ASN n 
1 14  ASN n 
1 15  VAL n 
1 16  ALA n 
1 17  GLU n 
1 18  ILE n 
1 19  ARG n 
1 20  LYS n 
1 21  THR n 
1 22  LYS n 
1 23  GLN n 
1 24  PRO n 
1 25  HIS n 
1 26  SER n 
1 27  VAL n 
1 28  SER n 
1 29  TYR n 
1 30  THR n 
1 31  LYS n 
1 32  PRO n 
1 33  MET n 
1 34  PRO n 
1 35  GLU n 
1 36  ILE n 
1 37  ASP n 
1 38  GLU n 
1 39  LEU n 
1 40  MET n 
1 41  GLN n 
1 42  GLU n 
1 43  TRP n 
1 44  PRO n 
1 45  GLN n 
1 46  GLU n 
1 47  ILE n 
1 48  GLU n 
1 49  GLU n 
1 50  ILE n 
1 51  LEU n 
1 52  GLN n 
1 53  HIS n 
1 54  LEU n 
1 55  LYS n 
1 56  ILE n 
1 57  PRO n 
1 58  SER n 
1 59  GLU n 
1 60  GLU n 
1 61  LEU n 
1 62  ASP n 
1 63  PHE n 
1 64  ASN n 
1 65  LEU n 
1 66  SER n 
1 67  ASP n 
1 68  PHE n 
1 69  CYS n 
1 70  LYS n 
1 71  LEU n 
1 72  ALA n 
1 73  CYS n 
1 74  ALA n 
1 75  ILE n 
1 76  LEU n 
1 77  ASP n 
1 78  ILE n 
1 79  PRO n 
1 80  VAL n 
1 81  HIS n 
1 82  ASP n 
1 83  GLN n 
1 84  PRO n 
1 85  ASN n 
1 86  GLU n 
1 87  SER n 
1 88  ASN n 
1 89  VAL n 
1 90  ILE n 
1 91  GLU n 
1 92  SER n 
1 93  LEU n 
1 94  HIS n 
1 95  VAL n 
1 96  LEU n 
1 97  PHE n 
1 98  THR n 
1 99  LEU n 
1 100 TYR n 
1 101 SER n 
1 102 GLU n 
1 103 PHE n 
1 104 LYS n 
1 105 SER n 
1 106 ASN n 
1 107 GLN n 
1 108 HIS n 
1 109 PHE n 
1 110 GLN n 
1 111 GLN n 
1 112 ASN n 
1 113 LYS n 
1 114 ASN n 
1 115 ASP n 
1 116 GLY n 
2 1   GLY n 
2 2   ALA n 
2 3   ALA n 
2 4   SER n 
2 5   ASP n 
2 6   GLU n 
2 7   PHE n 
2 8   ALA n 
2 9   SER n 
2 10  GLU n 
2 11  LYS n 
2 12  VAL n 
2 13  ARG n 
2 14  LEU n 
2 15  ALA n 
2 16  GLN n 
2 17  LEU n 
2 18  THR n 
2 19  ASN n 
2 20  LYS n 
2 21  CYS n 
2 22  ASN n 
2 23  ASN n 
2 24  ASN n 
2 25  ASP n 
2 26  LEU n 
2 27  ASP n 
2 28  TYR n 
2 29  TYR n 
2 30  ILE n 
2 31  LYS n 
2 32  GLU n 
2 33  SER n 
2 34  GLY n 
2 35  ASP n 
2 36  ILE n 
2 37  LEU n 
2 38  GLY n 
2 39  VAL n 
2 40  THR n 
2 41  ASP n 
2 42  LYS n 
2 43  VAL n 
2 44  LYS n 
2 45  ASN n 
2 46  LYS n 
2 47  HIS n 
2 48  ASP n 
2 49  ALA n 
2 50  LYS n 
2 51  ALA n 
2 52  ILE n 
2 53  LEU n 
2 54  ARG n 
2 55  TYR n 
2 56  VAL n 
2 57  LEU n 
2 58  GLU n 
2 59  GLU n 
2 60  LEU n 
2 61  ILE n 
2 62  ASN n 
2 63  PHE n 
2 64  LYS n 
2 65  LYS n 
2 66  LEU n 
2 67  ASN n 
2 68  ASN n 
# 
loop_
_entity_src_gen.entity_id 
_entity_src_gen.pdbx_src_id 
_entity_src_gen.pdbx_alt_source_flag 
_entity_src_gen.pdbx_seq_type 
_entity_src_gen.pdbx_beg_seq_num 
_entity_src_gen.pdbx_end_seq_num 
_entity_src_gen.gene_src_common_name 
_entity_src_gen.gene_src_genus 
_entity_src_gen.pdbx_gene_src_gene 
_entity_src_gen.gene_src_species 
_entity_src_gen.gene_src_strain 
_entity_src_gen.gene_src_tissue 
_entity_src_gen.gene_src_tissue_fraction 
_entity_src_gen.gene_src_details 
_entity_src_gen.pdbx_gene_src_fragment 
_entity_src_gen.pdbx_gene_src_scientific_name 
_entity_src_gen.pdbx_gene_src_ncbi_taxonomy_id 
_entity_src_gen.pdbx_gene_src_variant 
_entity_src_gen.pdbx_gene_src_cell_line 
_entity_src_gen.pdbx_gene_src_atcc 
_entity_src_gen.pdbx_gene_src_organ 
_entity_src_gen.pdbx_gene_src_organelle 
_entity_src_gen.pdbx_gene_src_cell 
_entity_src_gen.pdbx_gene_src_cellular_location 
_entity_src_gen.host_org_common_name 
_entity_src_gen.pdbx_host_org_scientific_name 
_entity_src_gen.pdbx_host_org_ncbi_taxonomy_id 
_entity_src_gen.host_org_genus 
_entity_src_gen.pdbx_host_org_gene 
_entity_src_gen.pdbx_host_org_organ 
_entity_src_gen.host_org_species 
_entity_src_gen.pdbx_host_org_tissue 
_entity_src_gen.pdbx_host_org_tissue_fraction 
_entity_src_gen.pdbx_host_org_strain 
_entity_src_gen.pdbx_host_org_variant 
_entity_src_gen.pdbx_host_org_cell_line 
_entity_src_gen.pdbx_host_org_atcc 
_entity_src_gen.pdbx_host_org_culture_collection 
_entity_src_gen.pdbx_host_org_cell 
_entity_src_gen.pdbx_host_org_organelle 
_entity_src_gen.pdbx_host_org_cellular_location 
_entity_src_gen.pdbx_host_org_vector_type 
_entity_src_gen.pdbx_host_org_vector 
_entity_src_gen.host_org_details 
_entity_src_gen.expression_system_id 
_entity_src_gen.plasmid_name 
_entity_src_gen.plasmid_details 
_entity_src_gen.pdbx_description 
1 1 sample ? ? ? ? ? ? ? ? ? ? ? ? 'TETRAHYMENA THERMOPHILA' 5911 ? ? ? ? ? ? ? ? 'ESCHERICHIA COLI' 469008 ? ? ? ? ? ? 
'BL21(DE3)' ? ? ? ? ? ? ? ? ? ? ? ? ? ? 
2 1 sample ? ? ? ? ? ? ? ? ? ? ? ? 'TETRAHYMENA THERMOPHILA' 5911 ? ? ? ? ? ? ? ? 'ESCHERICHIA COLI' 469008 ? ? ? ? ? ? 
'BL21(DE3)' ? ? ? ? ? ? ? ? ? ? ? ? ? ? 
# 
loop_
_chem_comp.id 
_chem_comp.type 
_chem_comp.mon_nstd_flag 
_chem_comp.name 
_chem_comp.pdbx_synonyms 
_chem_comp.formula 
_chem_comp.formula_weight 
ALA 'L-peptide linking' y ALANINE         ? 'C3 H7 N O2'     89.093  
ARG 'L-peptide linking' y ARGININE        ? 'C6 H15 N4 O2 1' 175.209 
ASN 'L-peptide linking' y ASPARAGINE      ? 'C4 H8 N2 O3'    132.118 
ASP 'L-peptide linking' y 'ASPARTIC ACID' ? 'C4 H7 N O4'     133.103 
CYS 'L-peptide linking' y CYSTEINE        ? 'C3 H7 N O2 S'   121.158 
GLN 'L-peptide linking' y GLUTAMINE       ? 'C5 H10 N2 O3'   146.144 
GLU 'L-peptide linking' y 'GLUTAMIC ACID' ? 'C5 H9 N O4'     147.129 
GLY 'peptide linking'   y GLYCINE         ? 'C2 H5 N O2'     75.067  
HIS 'L-peptide linking' y HISTIDINE       ? 'C6 H10 N3 O2 1' 156.162 
HOH non-polymer         . WATER           ? 'H2 O'           18.015  
ILE 'L-peptide linking' y ISOLEUCINE      ? 'C6 H13 N O2'    131.173 
LEU 'L-peptide linking' y LEUCINE         ? 'C6 H13 N O2'    131.173 
LYS 'L-peptide linking' y LYSINE          ? 'C6 H15 N2 O2 1' 147.195 
MET 'L-peptide linking' y METHIONINE      ? 'C5 H11 N O2 S'  149.211 
PHE 'L-peptide linking' y PHENYLALANINE   ? 'C9 H11 N O2'    165.189 
PRO 'L-peptide linking' y PROLINE         ? 'C5 H9 N O2'     115.130 
SER 'L-peptide linking' y SERINE          ? 'C3 H7 N O3'     105.093 
THR 'L-peptide linking' y THREONINE       ? 'C4 H9 N O3'     119.119 
TRP 'L-peptide linking' y TRYPTOPHAN      ? 'C11 H12 N2 O2'  204.225 
TYR 'L-peptide linking' y TYROSINE        ? 'C9 H11 N O3'    181.189 
VAL 'L-peptide linking' y VALINE          ? 'C5 H11 N O2'    117.146 
# 
loop_
_pdbx_poly_seq_scheme.asym_id 
_pdbx_poly_seq_scheme.entity_id 
_pdbx_poly_seq_scheme.seq_id 
_pdbx_poly_seq_scheme.mon_id 
_pdbx_poly_seq_scheme.ndb_seq_num 
_pdbx_poly_seq_scheme.pdb_seq_num 
_pdbx_poly_seq_scheme.auth_seq_num 
_pdbx_poly_seq_scheme.pdb_mon_id 
_pdbx_poly_seq_scheme.auth_mon_id 
_pdbx_poly_seq_scheme.pdb_strand_id 
_pdbx_poly_seq_scheme.pdb_ins_code 
_pdbx_poly_seq_scheme.hetero 
A 1 1   GLY 1   232 ?   ?   ?   A . n 
A 1 2   ALA 2   233 233 ALA ALA A . n 
A 1 3   ALA 3   234 234 ALA ALA A . n 
A 1 4   SER 4   235 235 SER SER A . n 
A 1 5   PRO 5   236 236 PRO PRO A . n 
A 1 6   LYS 6   237 237 LYS LYS A . n 
A 1 7   GLN 7   238 238 GLN GLN A . n 
A 1 8   ILE 8   239 239 ILE ILE A . n 
A 1 9   GLN 9   240 240 GLN GLN A . n 
A 1 10  MET 10  241 241 MET MET A . n 
A 1 11  TRP 11  242 242 TRP TRP A . n 
A 1 12  ILE 12  243 243 ILE ILE A . n 
A 1 13  ASN 13  244 244 ASN ASN A . n 
A 1 14  ASN 14  245 245 ASN ASN A . n 
A 1 15  VAL 15  246 246 VAL VAL A . n 
A 1 16  ALA 16  247 247 ALA ALA A . n 
A 1 17  GLU 17  248 248 GLU GLU A . n 
A 1 18  ILE 18  249 249 ILE ILE A . n 
A 1 19  ARG 19  250 250 ARG ARG A . n 
A 1 20  LYS 20  251 251 LYS LYS A . n 
A 1 21  THR 21  252 252 THR THR A . n 
A 1 22  LYS 22  253 253 LYS LYS A . n 
A 1 23  GLN 23  254 254 GLN GLN A . n 
A 1 24  PRO 24  255 255 PRO PRO A . n 
A 1 25  HIS 25  256 256 HIS HIS A . n 
A 1 26  SER 26  257 257 SER SER A . n 
A 1 27  VAL 27  258 258 VAL VAL A . n 
A 1 28  SER 28  259 259 SER SER A . n 
A 1 29  TYR 29  260 260 TYR TYR A . n 
A 1 30  THR 30  261 261 THR THR A . n 
A 1 31  LYS 31  262 262 LYS LYS A . n 
A 1 32  PRO 32  263 263 PRO PRO A . n 
A 1 33  MET 33  264 264 MET MET A . n 
A 1 34  PRO 34  265 265 PRO PRO A . n 
A 1 35  GLU 35  266 266 GLU GLU A . n 
A 1 36  ILE 36  267 267 ILE ILE A . n 
A 1 37  ASP 37  268 268 ASP ASP A . n 
A 1 38  GLU 38  269 269 GLU GLU A . n 
A 1 39  LEU 39  270 270 LEU LEU A . n 
A 1 40  MET 40  271 271 MET MET A . n 
A 1 41  GLN 41  272 272 GLN GLN A . n 
A 1 42  GLU 42  273 273 GLU GLU A . n 
A 1 43  TRP 43  274 274 TRP TRP A . n 
A 1 44  PRO 44  275 275 PRO PRO A . n 
A 1 45  GLN 45  276 276 GLN GLN A . n 
A 1 46  GLU 46  277 277 GLU GLU A . n 
A 1 47  ILE 47  278 278 ILE ILE A . n 
A 1 48  GLU 48  279 279 GLU GLU A . n 
A 1 49  GLU 49  280 280 GLU GLU A . n 
A 1 50  ILE 50  281 281 ILE ILE A . n 
A 1 51  LEU 51  282 282 LEU LEU A . n 
A 1 52  GLN 52  283 283 GLN GLN A . n 
A 1 53  HIS 53  284 284 HIS HIS A . n 
A 1 54  LEU 54  285 285 LEU LEU A . n 
A 1 55  LYS 55  286 286 LYS LYS A . n 
A 1 56  ILE 56  287 287 ILE ILE A . n 
A 1 57  PRO 57  288 288 PRO PRO A . n 
A 1 58  SER 58  289 289 SER SER A . n 
A 1 59  GLU 59  290 290 GLU GLU A . n 
A 1 60  GLU 60  291 291 GLU GLU A . n 
A 1 61  LEU 61  292 292 LEU LEU A . n 
A 1 62  ASP 62  293 293 ASP ASP A . n 
A 1 63  PHE 63  294 294 PHE PHE A . n 
A 1 64  ASN 64  295 295 ASN ASN A . n 
A 1 65  LEU 65  296 296 LEU LEU A . n 
A 1 66  SER 66  297 297 SER SER A . n 
A 1 67  ASP 67  298 298 ASP ASP A . n 
A 1 68  PHE 68  299 299 PHE PHE A . n 
A 1 69  CYS 69  300 300 CYS CYS A . n 
A 1 70  LYS 70  301 301 LYS LYS A . n 
A 1 71  LEU 71  302 302 LEU LEU A . n 
A 1 72  ALA 72  303 303 ALA ALA A . n 
A 1 73  CYS 73  304 304 CYS CYS A . n 
A 1 74  ALA 74  305 305 ALA ALA A . n 
A 1 75  ILE 75  306 306 ILE ILE A . n 
A 1 76  LEU 76  307 307 LEU LEU A . n 
A 1 77  ASP 77  308 308 ASP ASP A . n 
A 1 78  ILE 78  309 309 ILE ILE A . n 
A 1 79  PRO 79  310 310 PRO PRO A . n 
A 1 80  VAL 80  311 311 VAL VAL A . n 
A 1 81  HIS 81  312 312 HIS HIS A . n 
A 1 82  ASP 82  313 313 ASP ASP A . n 
A 1 83  GLN 83  314 314 GLN GLN A . n 
A 1 84  PRO 84  315 315 PRO PRO A . n 
A 1 85  ASN 85  316 316 ASN ASN A . n 
A 1 86  GLU 86  317 317 GLU GLU A . n 
A 1 87  SER 87  318 318 SER SER A . n 
A 1 88  ASN 88  319 319 ASN ASN A . n 
A 1 89  VAL 89  320 320 VAL VAL A . n 
A 1 90  ILE 90  321 321 ILE ILE A . n 
A 1 91  GLU 91  322 322 GLU GLU A . n 
A 1 92  SER 92  323 323 SER SER A . n 
A 1 93  LEU 93  324 324 LEU LEU A . n 
A 1 94  HIS 94  325 325 HIS HIS A . n 
A 1 95  VAL 95  326 326 VAL VAL A . n 
A 1 96  LEU 96  327 327 LEU LEU A . n 
A 1 97  PHE 97  328 328 PHE PHE A . n 
A 1 98  THR 98  329 329 THR THR A . n 
A 1 99  LEU 99  330 330 LEU LEU A . n 
A 1 100 TYR 100 331 331 TYR TYR A . n 
A 1 101 SER 101 332 332 SER SER A . n 
A 1 102 GLU 102 333 333 GLU GLU A . n 
A 1 103 PHE 103 334 334 PHE PHE A . n 
A 1 104 LYS 104 335 335 LYS LYS A . n 
A 1 105 SER 105 336 336 SER SER A . n 
A 1 106 ASN 106 337 337 ASN ASN A . n 
A 1 107 GLN 107 338 338 GLN GLN A . n 
A 1 108 HIS 108 339 339 HIS HIS A . n 
A 1 109 PHE 109 340 340 PHE PHE A . n 
A 1 110 GLN 110 341 ?   ?   ?   A . n 
A 1 111 GLN 111 342 ?   ?   ?   A . n 
A 1 112 ASN 112 343 ?   ?   ?   A . n 
A 1 113 LYS 113 344 ?   ?   ?   A . n 
A 1 114 ASN 114 345 ?   ?   ?   A . n 
A 1 115 ASP 115 346 ?   ?   ?   A . n 
A 1 116 GLY 116 347 ?   ?   ?   A . n 
B 2 1   GLY 1   536 ?   ?   ?   B . n 
B 2 2   ALA 2   537 ?   ?   ?   B . n 
B 2 3   ALA 3   538 538 ALA ALA B . n 
B 2 4   SER 4   539 539 SER SER B . n 
B 2 5   ASP 5   540 540 ASP ASP B . n 
B 2 6   GLU 6   541 541 GLU GLU B . n 
B 2 7   PHE 7   542 542 PHE PHE B . n 
B 2 8   ALA 8   543 543 ALA ALA B . n 
B 2 9   SER 9   544 544 SER SER B . n 
B 2 10  GLU 10  545 545 GLU GLU B . n 
B 2 11  LYS 11  546 546 LYS LYS B . n 
B 2 12  VAL 12  547 547 VAL VAL B . n 
B 2 13  ARG 13  548 548 ARG ARG B . n 
B 2 14  LEU 14  549 549 LEU LEU B . n 
B 2 15  ALA 15  550 550 ALA ALA B . n 
B 2 16  GLN 16  551 551 GLN GLN B . n 
B 2 17  LEU 17  552 552 LEU LEU B . n 
B 2 18  THR 18  553 553 THR THR B . n 
B 2 19  ASN 19  554 554 ASN ASN B . n 
B 2 20  LYS 20  555 555 LYS LYS B . n 
B 2 21  CYS 21  556 556 CYS CYS B . n 
B 2 22  ASN 22  557 557 ASN ASN B . n 
B 2 23  ASN 23  558 558 ASN ASN B . n 
B 2 24  ASN 24  559 559 ASN ASN B . n 
B 2 25  ASP 25  560 560 ASP ASP B . n 
B 2 26  LEU 26  561 561 LEU LEU B . n 
B 2 27  ASP 27  562 562 ASP ASP B . n 
B 2 28  TYR 28  563 563 TYR TYR B . n 
B 2 29  TYR 29  564 564 TYR TYR B . n 
B 2 30  ILE 30  565 565 ILE ILE B . n 
B 2 31  LYS 31  566 566 LYS LYS B . n 
B 2 32  GLU 32  567 567 GLU GLU B . n 
B 2 33  SER 33  568 568 SER SER B . n 
B 2 34  GLY 34  569 569 GLY GLY B . n 
B 2 35  ASP 35  570 570 ASP ASP B . n 
B 2 36  ILE 36  571 571 ILE ILE B . n 
B 2 37  LEU 37  572 572 LEU LEU B . n 
B 2 38  GLY 38  573 573 GLY GLY B . n 
B 2 39  VAL 39  574 574 VAL VAL B . n 
B 2 40  THR 40  575 575 THR THR B . n 
B 2 41  ASP 41  576 576 ASP ASP B . n 
B 2 42  LYS 42  577 577 LYS LYS B . n 
B 2 43  VAL 43  578 578 VAL VAL B . n 
B 2 44  LYS 44  579 579 LYS LYS B . n 
B 2 45  ASN 45  580 580 ASN ASN B . n 
B 2 46  LYS 46  581 581 LYS LYS B . n 
B 2 47  HIS 47  582 582 HIS HIS B . n 
B 2 48  ASP 48  583 583 ASP ASP B . n 
B 2 49  ALA 49  584 584 ALA ALA B . n 
B 2 50  LYS 50  585 585 LYS LYS B . n 
B 2 51  ALA 51  586 586 ALA ALA B . n 
B 2 52  ILE 52  587 587 ILE ILE B . n 
B 2 53  LEU 53  588 588 LEU LEU B . n 
B 2 54  ARG 54  589 589 ARG ARG B . n 
B 2 55  TYR 55  590 590 TYR TYR B . n 
B 2 56  VAL 56  591 591 VAL VAL B . n 
B 2 57  LEU 57  592 592 LEU LEU B . n 
B 2 58  GLU 58  593 593 GLU GLU B . n 
B 2 59  GLU 59  594 594 GLU GLU B . n 
B 2 60  LEU 60  595 595 LEU LEU B . n 
B 2 61  ILE 61  596 596 ILE ILE B . n 
B 2 62  ASN 62  597 597 ASN ASN B . n 
B 2 63  PHE 63  598 598 PHE PHE B . n 
B 2 64  LYS 64  599 599 LYS LYS B . n 
B 2 65  LYS 65  600 600 LYS LYS B . n 
B 2 66  LEU 66  601 601 LEU LEU B . n 
B 2 67  ASN 67  602 602 ASN ASN B . n 
B 2 68  ASN 68  603 ?   ?   ?   B . n 
# 
loop_
_pdbx_nonpoly_scheme.asym_id 
_pdbx_nonpoly_scheme.entity_id 
_pdbx_nonpoly_scheme.mon_id 
_pdbx_nonpoly_scheme.ndb_seq_num 
_pdbx_nonpoly_scheme.pdb_seq_num 
_pdbx_nonpoly_scheme.auth_seq_num 
_pdbx_nonpoly_scheme.pdb_mon_id 
_pdbx_nonpoly_scheme.auth_mon_id 
_pdbx_nonpoly_scheme.pdb_strand_id 
_pdbx_nonpoly_scheme.pdb_ins_code 
C 3 HOH 1 2001 2001 HOH HOH A . 
C 3 HOH 2 2002 2002 HOH HOH A . 
D 3 HOH 1 2001 2001 HOH HOH B . 
# 
loop_
_pdbx_unobs_or_zero_occ_atoms.id 
_pdbx_unobs_or_zero_occ_atoms.PDB_model_num 
_pdbx_unobs_or_zero_occ_atoms.polymer_flag 
_pdbx_unobs_or_zero_occ_atoms.occupancy_flag 
_pdbx_unobs_or_zero_occ_atoms.auth_asym_id 
_pdbx_unobs_or_zero_occ_atoms.auth_comp_id 
_pdbx_unobs_or_zero_occ_atoms.auth_seq_id 
_pdbx_unobs_or_zero_occ_atoms.PDB_ins_code 
_pdbx_unobs_or_zero_occ_atoms.auth_atom_id 
_pdbx_unobs_or_zero_occ_atoms.label_alt_id 
_pdbx_unobs_or_zero_occ_atoms.label_asym_id 
_pdbx_unobs_or_zero_occ_atoms.label_comp_id 
_pdbx_unobs_or_zero_occ_atoms.label_seq_id 
_pdbx_unobs_or_zero_occ_atoms.label_atom_id 
1  1 Y 1 A LYS 237 ? CG  ? A LYS 6  CG  
2  1 Y 1 A LYS 237 ? CD  ? A LYS 6  CD  
3  1 Y 1 A LYS 237 ? CE  ? A LYS 6  CE  
4  1 Y 1 A LYS 237 ? NZ  ? A LYS 6  NZ  
5  1 Y 1 A LYS 253 ? CG  ? A LYS 22 CG  
6  1 Y 1 A LYS 253 ? CD  ? A LYS 22 CD  
7  1 Y 1 A LYS 253 ? CE  ? A LYS 22 CE  
8  1 Y 1 A LYS 253 ? NZ  ? A LYS 22 NZ  
9  1 Y 1 A GLU 273 ? CG  ? A GLU 42 CG  
10 1 Y 1 A GLU 273 ? CD  ? A GLU 42 CD  
11 1 Y 1 A GLU 273 ? OE1 ? A GLU 42 OE1 
12 1 Y 1 A GLU 273 ? OE2 ? A GLU 42 OE2 
13 1 Y 1 A GLN 283 ? CG  ? A GLN 52 CG  
14 1 Y 1 A GLN 283 ? CD  ? A GLN 52 CD  
15 1 Y 1 A GLN 283 ? OE1 ? A GLN 52 OE1 
16 1 Y 1 A GLN 283 ? NE2 ? A GLN 52 NE2 
17 1 Y 1 A LYS 286 ? CG  ? A LYS 55 CG  
18 1 Y 1 A LYS 286 ? CD  ? A LYS 55 CD  
19 1 Y 1 A LYS 286 ? CE  ? A LYS 55 CE  
20 1 Y 1 A LYS 286 ? NZ  ? A LYS 55 NZ  
21 1 Y 1 A LEU 292 ? CG  ? A LEU 61 CG  
22 1 Y 1 A LEU 292 ? CD1 ? A LEU 61 CD1 
23 1 Y 1 A LEU 292 ? CD2 ? A LEU 61 CD2 
24 1 Y 1 B GLU 541 ? CG  ? B GLU 6  CG  
25 1 Y 1 B GLU 541 ? CD  ? B GLU 6  CD  
26 1 Y 1 B GLU 541 ? OE1 ? B GLU 6  OE1 
27 1 Y 1 B GLU 541 ? OE2 ? B GLU 6  OE2 
28 1 Y 1 B LYS 546 ? CG  ? B LYS 11 CG  
29 1 Y 1 B LYS 546 ? CD  ? B LYS 11 CD  
30 1 Y 1 B LYS 546 ? CE  ? B LYS 11 CE  
31 1 Y 1 B LYS 546 ? NZ  ? B LYS 11 NZ  
32 1 Y 1 B LYS 579 ? CG  ? B LYS 44 CG  
33 1 Y 1 B LYS 579 ? CD  ? B LYS 44 CD  
34 1 Y 1 B LYS 579 ? CE  ? B LYS 44 CE  
35 1 Y 1 B LYS 579 ? NZ  ? B LYS 44 NZ  
36 1 Y 1 B ARG 589 ? CG  ? B ARG 54 CG  
37 1 Y 1 B ARG 589 ? CD  ? B ARG 54 CD  
38 1 Y 1 B ARG 589 ? NE  ? B ARG 54 NE  
39 1 Y 1 B ARG 589 ? CZ  ? B ARG 54 CZ  
40 1 Y 1 B ARG 589 ? NH1 ? B ARG 54 NH1 
41 1 Y 1 B ARG 589 ? NH2 ? B ARG 54 NH2 
# 
loop_
_software.name 
_software.classification 
_software.version 
_software.citation_id 
_software.pdbx_ordinal 
PHENIX  refinement       '(PHENIX.REFINE)' ? 1 
XDS     'data reduction' .                 ? 2 
Aimless 'data scaling'   .                 ? 3 
PHENIX  phasing          .                 ? 4 
# 
_cell.entry_id           4UZZ 
_cell.length_a           84.394 
_cell.length_b           84.394 
_cell.length_c           95.477 
_cell.angle_alpha        90.00 
_cell.angle_beta         90.00 
_cell.angle_gamma        120.00 
_cell.Z_PDB              6 
_cell.pdbx_unique_axis   ? 
# 
_symmetry.entry_id                         4UZZ 
_symmetry.space_group_name_H-M             'P 32 2 1' 
_symmetry.pdbx_full_space_group_name_H-M   ? 
_symmetry.cell_setting                     ? 
_symmetry.Int_Tables_number                154 
# 
_exptl.entry_id          4UZZ 
_exptl.method            'X-RAY DIFFRACTION' 
_exptl.crystals_number   1 
# 
_exptl_crystal.id                    1 
_exptl_crystal.density_meas          ? 
_exptl_crystal.density_Matthews      4.6 
_exptl_crystal.density_percent_sol   73 
_exptl_crystal.description           NONE 
# 
_exptl_crystal_grow.crystal_id      1 
_exptl_crystal_grow.method          ? 
_exptl_crystal_grow.temp            ? 
_exptl_crystal_grow.temp_details    ? 
_exptl_crystal_grow.pH              8.2 
_exptl_crystal_grow.pdbx_pH_range   ? 
_exptl_crystal_grow.pdbx_details    '50MM TRISD PH 8.2, 0.6M TRI-SODIUM- CITRATE' 
# 
_diffrn.id                     1 
_diffrn.ambient_temp           100 
_diffrn.ambient_temp_details   ? 
_diffrn.crystal_id             1 
# 
_diffrn_detector.diffrn_id              1 
_diffrn_detector.detector               PIXEL 
_diffrn_detector.type                   'DECTRIS PILATUS 6M' 
_diffrn_detector.pdbx_collection_date   2012-09-21 
_diffrn_detector.details                ? 
# 
_diffrn_radiation.diffrn_id                        1 
_diffrn_radiation.wavelength_id                    1 
_diffrn_radiation.pdbx_monochromatic_or_laue_m_l   M 
_diffrn_radiation.monochromator                    ? 
_diffrn_radiation.pdbx_diffrn_protocol             'SINGLE WAVELENGTH' 
_diffrn_radiation.pdbx_scattering_type             x-ray 
# 
_diffrn_radiation_wavelength.id           1 
_diffrn_radiation_wavelength.wavelength   1 
_diffrn_radiation_wavelength.wt           1.0 
# 
_diffrn_source.diffrn_id                   1 
_diffrn_source.source                      SYNCHROTRON 
_diffrn_source.type                        'SLS BEAMLINE X10SA' 
_diffrn_source.pdbx_synchrotron_site       SLS 
_diffrn_source.pdbx_synchrotron_beamline   X10SA 
_diffrn_source.pdbx_wavelength             1 
_diffrn_source.pdbx_wavelength_list        ? 
# 
_reflns.pdbx_diffrn_id               1 
_reflns.pdbx_ordinal                 1 
_reflns.entry_id                     4UZZ 
_reflns.observed_criterion_sigma_I   -3.0 
_reflns.observed_criterion_sigma_F   ? 
_reflns.d_resolution_low             40.00 
_reflns.d_resolution_high            2.32 
_reflns.number_obs                   17160 
_reflns.number_all                   ? 
_reflns.percent_possible_obs         99.0 
_reflns.pdbx_Rmerge_I_obs            0.07 
_reflns.pdbx_Rsym_value              ? 
_reflns.pdbx_netI_over_sigmaI        17.00 
_reflns.B_iso_Wilson_estimate        71.12 
_reflns.pdbx_redundancy              6.2 
# 
_reflns_shell.pdbx_diffrn_id         1 
_reflns_shell.pdbx_ordinal           1 
_reflns_shell.d_res_high             2.32 
_reflns_shell.d_res_low              2.40 
_reflns_shell.percent_possible_all   92.9 
_reflns_shell.Rmerge_I_obs           1.50 
_reflns_shell.pdbx_Rsym_value        ? 
_reflns_shell.meanI_over_sigI_obs    0.60 
_reflns_shell.pdbx_redundancy        5.4 
# 
_refine.pdbx_refine_id                           'X-RAY DIFFRACTION' 
_refine.entry_id                                 4UZZ 
_refine.pdbx_diffrn_id                           1 
_refine.pdbx_TLS_residual_ADP_flag               ? 
_refine.ls_number_reflns_obs                     17159 
_refine.ls_number_reflns_all                     ? 
_refine.pdbx_ls_sigma_I                          ? 
_refine.pdbx_ls_sigma_F                          1.33 
_refine.pdbx_data_cutoff_high_absF               ? 
_refine.pdbx_data_cutoff_low_absF                ? 
_refine.pdbx_data_cutoff_high_rms_absF           ? 
_refine.ls_d_res_low                             42.197 
_refine.ls_d_res_high                            2.318 
_refine.ls_percent_reflns_obs                    97.91 
_refine.ls_R_factor_obs                          0.2406 
_refine.ls_R_factor_all                          ? 
_refine.ls_R_factor_R_work                       0.2393 
_refine.ls_R_factor_R_free                       0.2635 
_refine.ls_R_factor_R_free_error                 ? 
_refine.ls_R_factor_R_free_error_details         ? 
_refine.ls_percent_reflns_R_free                 5.1 
_refine.ls_number_reflns_R_free                  878 
_refine.ls_number_parameters                     ? 
_refine.ls_number_restraints                     ? 
_refine.occupancy_min                            ? 
_refine.occupancy_max                            ? 
_refine.correlation_coeff_Fo_to_Fc               ? 
_refine.correlation_coeff_Fo_to_Fc_free          ? 
_refine.B_iso_mean                               ? 
_refine.aniso_B[1][1]                            ? 
_refine.aniso_B[2][2]                            ? 
_refine.aniso_B[3][3]                            ? 
_refine.aniso_B[1][2]                            ? 
_refine.aniso_B[1][3]                            ? 
_refine.aniso_B[2][3]                            ? 
_refine.solvent_model_details                    'FLAT BULK SOLVENT MODEL' 
_refine.solvent_model_param_ksol                 ? 
_refine.solvent_model_param_bsol                 ? 
_refine.pdbx_solvent_vdw_probe_radii             1.11 
_refine.pdbx_solvent_ion_probe_radii             ? 
_refine.pdbx_solvent_shrinkage_radii             0.90 
_refine.pdbx_ls_cross_valid_method               ? 
_refine.details                                  ? 
_refine.pdbx_starting_model                      NONE 
_refine.pdbx_method_to_determine_struct          SAD 
_refine.pdbx_isotropic_thermal_model             ? 
_refine.pdbx_stereochemistry_target_values       ML 
_refine.pdbx_stereochem_target_val_spec_case     ? 
_refine.pdbx_R_Free_selection_details            ? 
_refine.pdbx_overall_ESU_R                       ? 
_refine.pdbx_overall_ESU_R_Free                  ? 
_refine.overall_SU_ML                            0.32 
_refine.pdbx_overall_phase_error                 38.81 
_refine.overall_SU_B                             ? 
_refine.overall_SU_R_Cruickshank_DPI             ? 
_refine.pdbx_overall_SU_R_free_Cruickshank_DPI   ? 
_refine.pdbx_overall_SU_R_Blow_DPI               ? 
_refine.pdbx_overall_SU_R_free_Blow_DPI          ? 
# 
_refine_hist.pdbx_refine_id                   'X-RAY DIFFRACTION' 
_refine_hist.cycle_id                         LAST 
_refine_hist.pdbx_number_atoms_protein        1369 
_refine_hist.pdbx_number_atoms_nucleic_acid   0 
_refine_hist.pdbx_number_atoms_ligand         0 
_refine_hist.number_atoms_solvent             3 
_refine_hist.number_atoms_total               1372 
_refine_hist.d_res_high                       2.318 
_refine_hist.d_res_low                        42.197 
# 
loop_
_refine_ls_restr.type 
_refine_ls_restr.dev_ideal 
_refine_ls_restr.dev_ideal_target 
_refine_ls_restr.weight 
_refine_ls_restr.number 
_refine_ls_restr.pdbx_refine_id 
_refine_ls_restr.pdbx_restraint_function 
f_bond_d           0.009  ? ? 1397 'X-RAY DIFFRACTION' ? 
f_angle_d          1.219  ? ? 1898 'X-RAY DIFFRACTION' ? 
f_dihedral_angle_d 17.786 ? ? 511  'X-RAY DIFFRACTION' ? 
f_chiral_restr     0.043  ? ? 216  'X-RAY DIFFRACTION' ? 
f_plane_restr      0.005  ? ? 248  'X-RAY DIFFRACTION' ? 
# 
loop_
_refine_ls_shell.pdbx_refine_id 
_refine_ls_shell.pdbx_total_number_of_bins_used 
_refine_ls_shell.d_res_high 
_refine_ls_shell.d_res_low 
_refine_ls_shell.number_reflns_R_work 
_refine_ls_shell.R_factor_R_work 
_refine_ls_shell.percent_reflns_obs 
_refine_ls_shell.R_factor_R_free 
_refine_ls_shell.R_factor_R_free_error 
_refine_ls_shell.percent_reflns_R_free 
_refine_ls_shell.number_reflns_R_free 
_refine_ls_shell.number_reflns_all 
_refine_ls_shell.R_factor_all 
'X-RAY DIFFRACTION' . 2.3175 2.4627  2453 0.3901 90.00  0.3912 . . 132 . . 
'X-RAY DIFFRACTION' . 2.4627 2.6528  2709 0.3574 99.00  0.4070 . . 155 . . 
'X-RAY DIFFRACTION' . 2.6528 2.9197  2678 0.3204 99.00  0.3609 . . 156 . . 
'X-RAY DIFFRACTION' . 2.9197 3.3421  2751 0.3048 99.00  0.3459 . . 150 . . 
'X-RAY DIFFRACTION' . 3.3421 4.2100  2792 0.2521 100.00 0.3009 . . 133 . . 
'X-RAY DIFFRACTION' . 4.2100 42.2040 2898 0.1957 100.00 0.2085 . . 152 . . 
# 
_struct.entry_id                  4UZZ 
_struct.title                     'Crystal structure of the TtIFT52-46 complex' 
_struct.pdbx_model_details        ? 
_struct.pdbx_CASP_flag            ? 
_struct.pdbx_model_type_details   ? 
# 
_struct_keywords.entry_id        4UZZ 
_struct_keywords.pdbx_keywords   'MOTOR PROTEIN' 
_struct_keywords.text            'MOTOR PROTEIN, CILIUM, IFT, INTRACELLULAR TRANSPORT, FLAGELLUM' 
# 
loop_
_struct_asym.id 
_struct_asym.pdbx_blank_PDB_chainid_flag 
_struct_asym.pdbx_modified 
_struct_asym.entity_id 
_struct_asym.details 
A N N 1 ? 
B N N 2 ? 
C N N 3 ? 
D N N 3 ? 
# 
loop_
_struct_ref.id 
_struct_ref.db_name 
_struct_ref.db_code 
_struct_ref.entity_id 
_struct_ref.pdbx_seq_one_letter_code 
_struct_ref.pdbx_align_begin 
_struct_ref.pdbx_db_accession 
_struct_ref.pdbx_db_isoform 
1 UNP Q23KH7_TETTS 1 ? ? Q23KH7 ? 
2 UNP I7LT74_TETTS 2 ? ? I7LT74 ? 
# 
loop_
_struct_ref_seq.align_id 
_struct_ref_seq.ref_id 
_struct_ref_seq.pdbx_PDB_id_code 
_struct_ref_seq.pdbx_strand_id 
_struct_ref_seq.seq_align_beg 
_struct_ref_seq.pdbx_seq_align_beg_ins_code 
_struct_ref_seq.seq_align_end 
_struct_ref_seq.pdbx_seq_align_end_ins_code 
_struct_ref_seq.pdbx_db_accession 
_struct_ref_seq.db_align_beg 
_struct_ref_seq.pdbx_db_align_beg_ins_code 
_struct_ref_seq.db_align_end 
_struct_ref_seq.pdbx_db_align_end_ins_code 
_struct_ref_seq.pdbx_auth_seq_align_beg 
_struct_ref_seq.pdbx_auth_seq_align_end 
1 1 4UZZ A 5 ? 116 ? Q23KH7 221 ? 332 ? 236 347 
2 2 4UZZ B 5 ? 68  ? I7LT74 371 ? 434 ? 540 603 
# 
loop_
_struct_ref_seq_dif.align_id 
_struct_ref_seq_dif.pdbx_pdb_id_code 
_struct_ref_seq_dif.mon_id 
_struct_ref_seq_dif.pdbx_pdb_strand_id 
_struct_ref_seq_dif.seq_num 
_struct_ref_seq_dif.pdbx_pdb_ins_code 
_struct_ref_seq_dif.pdbx_seq_db_name 
_struct_ref_seq_dif.pdbx_seq_db_accession_code 
_struct_ref_seq_dif.db_mon_id 
_struct_ref_seq_dif.pdbx_seq_db_seq_num 
_struct_ref_seq_dif.details 
_struct_ref_seq_dif.pdbx_auth_seq_num 
_struct_ref_seq_dif.pdbx_ordinal 
1 4UZZ GLY A 1 ? UNP Q23KH7 ? ? 'expression tag' 232 1 
1 4UZZ ALA A 2 ? UNP Q23KH7 ? ? 'expression tag' 233 2 
1 4UZZ ALA A 3 ? UNP Q23KH7 ? ? 'expression tag' 234 3 
1 4UZZ SER A 4 ? UNP Q23KH7 ? ? 'expression tag' 235 4 
2 4UZZ GLY B 1 ? UNP I7LT74 ? ? 'expression tag' 536 5 
2 4UZZ ALA B 2 ? UNP I7LT74 ? ? 'expression tag' 537 6 
2 4UZZ ALA B 3 ? UNP I7LT74 ? ? 'expression tag' 538 7 
2 4UZZ SER B 4 ? UNP I7LT74 ? ? 'expression tag' 539 8 
# 
_pdbx_struct_assembly.id                   1 
_pdbx_struct_assembly.details              author_and_software_defined_assembly 
_pdbx_struct_assembly.method_details       PISA 
_pdbx_struct_assembly.oligomeric_details   dimeric 
_pdbx_struct_assembly.oligomeric_count     2 
# 
loop_
_pdbx_struct_assembly_prop.biol_id 
_pdbx_struct_assembly_prop.type 
_pdbx_struct_assembly_prop.value 
_pdbx_struct_assembly_prop.details 
1 'ABSA (A^2)' 3700  ? 
1 MORE         -31.4 ? 
1 'SSA (A^2)'  9990  ? 
# 
_pdbx_struct_assembly_gen.assembly_id       1 
_pdbx_struct_assembly_gen.oper_expression   1 
_pdbx_struct_assembly_gen.asym_id_list      A,B,C,D 
# 
_pdbx_struct_oper_list.id                   1 
_pdbx_struct_oper_list.type                 'identity operation' 
_pdbx_struct_oper_list.name                 1_555 
_pdbx_struct_oper_list.symmetry_operation   x,y,z 
_pdbx_struct_oper_list.matrix[1][1]         1.0000000000 
_pdbx_struct_oper_list.matrix[1][2]         0.0000000000 
_pdbx_struct_oper_list.matrix[1][3]         0.0000000000 
_pdbx_struct_oper_list.vector[1]            0.0000000000 
_pdbx_struct_oper_list.matrix[2][1]         0.0000000000 
_pdbx_struct_oper_list.matrix[2][2]         1.0000000000 
_pdbx_struct_oper_list.matrix[2][3]         0.0000000000 
_pdbx_struct_oper_list.vector[2]            0.0000000000 
_pdbx_struct_oper_list.matrix[3][1]         0.0000000000 
_pdbx_struct_oper_list.matrix[3][2]         0.0000000000 
_pdbx_struct_oper_list.matrix[3][3]         1.0000000000 
_pdbx_struct_oper_list.vector[3]            0.0000000000 
# 
_struct_biol.id   1 
# 
loop_
_struct_conf.conf_type_id 
_struct_conf.id 
_struct_conf.pdbx_PDB_helix_id 
_struct_conf.beg_label_comp_id 
_struct_conf.beg_label_asym_id 
_struct_conf.beg_label_seq_id 
_struct_conf.pdbx_beg_PDB_ins_code 
_struct_conf.end_label_comp_id 
_struct_conf.end_label_asym_id 
_struct_conf.end_label_seq_id 
_struct_conf.pdbx_end_PDB_ins_code 
_struct_conf.beg_auth_comp_id 
_struct_conf.beg_auth_asym_id 
_struct_conf.beg_auth_seq_id 
_struct_conf.end_auth_comp_id 
_struct_conf.end_auth_asym_id 
_struct_conf.end_auth_seq_id 
_struct_conf.pdbx_PDB_helix_class 
_struct_conf.details 
_struct_conf.pdbx_PDB_helix_length 
HELX_P HELX_P1 1 SER A 4  ? GLN A 23  ? SER A 235 GLN A 254 1 ? 20 
HELX_P HELX_P2 2 ASP A 37 ? GLN A 41  ? ASP A 268 GLN A 272 5 ? 5  
HELX_P HELX_P3 3 PRO A 44 ? GLN A 52  ? PRO A 275 GLN A 283 1 ? 9  
HELX_P HELX_P4 4 ASN A 64 ? ASP A 77  ? ASN A 295 ASP A 308 1 ? 14 
HELX_P HELX_P5 5 SER A 87 ? HIS A 108 ? SER A 318 HIS A 339 1 ? 22 
HELX_P HELX_P6 6 ASP B 5  ? LYS B 20  ? ASP B 540 LYS B 555 1 ? 16 
HELX_P HELX_P7 7 ASN B 22 ? ASN B 24  ? ASN B 557 ASN B 559 5 ? 3  
HELX_P HELX_P8 8 ASP B 25 ? LEU B 37  ? ASP B 560 LEU B 572 1 ? 13 
HELX_P HELX_P9 9 ASP B 48 ? LYS B 64  ? ASP B 583 LYS B 599 1 ? 17 
# 
_struct_conf_type.id          HELX_P 
_struct_conf_type.criteria    ? 
_struct_conf_type.reference   ? 
# 
_struct_mon_prot_cis.pdbx_id                1 
_struct_mon_prot_cis.label_comp_id          GLN 
_struct_mon_prot_cis.label_seq_id           83 
_struct_mon_prot_cis.label_asym_id          A 
_struct_mon_prot_cis.label_alt_id           . 
_struct_mon_prot_cis.pdbx_PDB_ins_code      ? 
_struct_mon_prot_cis.auth_comp_id           GLN 
_struct_mon_prot_cis.auth_seq_id            314 
_struct_mon_prot_cis.auth_asym_id           A 
_struct_mon_prot_cis.pdbx_label_comp_id_2   PRO 
_struct_mon_prot_cis.pdbx_label_seq_id_2    84 
_struct_mon_prot_cis.pdbx_label_asym_id_2   A 
_struct_mon_prot_cis.pdbx_PDB_ins_code_2    ? 
_struct_mon_prot_cis.pdbx_auth_comp_id_2    PRO 
_struct_mon_prot_cis.pdbx_auth_seq_id_2     315 
_struct_mon_prot_cis.pdbx_auth_asym_id_2    A 
_struct_mon_prot_cis.pdbx_PDB_model_num     1 
_struct_mon_prot_cis.pdbx_omega_angle       -5.17 
# 
_pdbx_validate_close_contact.id               1 
_pdbx_validate_close_contact.PDB_model_num    1 
_pdbx_validate_close_contact.auth_atom_id_1   NZ 
_pdbx_validate_close_contact.auth_asym_id_1   B 
_pdbx_validate_close_contact.auth_comp_id_1   LYS 
_pdbx_validate_close_contact.auth_seq_id_1    566 
_pdbx_validate_close_contact.PDB_ins_code_1   ? 
_pdbx_validate_close_contact.label_alt_id_1   ? 
_pdbx_validate_close_contact.auth_atom_id_2   O 
_pdbx_validate_close_contact.auth_asym_id_2   B 
_pdbx_validate_close_contact.auth_comp_id_2   HIS 
_pdbx_validate_close_contact.auth_seq_id_2    582 
_pdbx_validate_close_contact.PDB_ins_code_2   ? 
_pdbx_validate_close_contact.label_alt_id_2   ? 
_pdbx_validate_close_contact.dist             2.12 
# 
loop_
_pdbx_validate_torsion.id 
_pdbx_validate_torsion.PDB_model_num 
_pdbx_validate_torsion.auth_comp_id 
_pdbx_validate_torsion.auth_asym_id 
_pdbx_validate_torsion.auth_seq_id 
_pdbx_validate_torsion.PDB_ins_code 
_pdbx_validate_torsion.label_alt_id 
_pdbx_validate_torsion.phi 
_pdbx_validate_torsion.psi 
1 1 PHE A 294 ? ? -59.26  76.22   
2 1 ASN A 295 ? ? -68.80  -178.67 
3 1 SER B 539 ? ? -141.46 36.12   
4 1 ASP B 540 ? ? -107.16 46.72   
5 1 ASN B 580 ? ? -105.33 79.10   
# 
loop_
_pdbx_validate_peptide_omega.id 
_pdbx_validate_peptide_omega.PDB_model_num 
_pdbx_validate_peptide_omega.auth_comp_id_1 
_pdbx_validate_peptide_omega.auth_asym_id_1 
_pdbx_validate_peptide_omega.auth_seq_id_1 
_pdbx_validate_peptide_omega.PDB_ins_code_1 
_pdbx_validate_peptide_omega.label_alt_id_1 
_pdbx_validate_peptide_omega.auth_comp_id_2 
_pdbx_validate_peptide_omega.auth_asym_id_2 
_pdbx_validate_peptide_omega.auth_seq_id_2 
_pdbx_validate_peptide_omega.PDB_ins_code_2 
_pdbx_validate_peptide_omega.label_alt_id_2 
_pdbx_validate_peptide_omega.omega 
1 1 ASP A 293 ? ? PHE A 294 ? ? 136.76 
2 1 ASP B 540 ? ? GLU B 541 ? ? 142.06 
# 
_pdbx_entry_details.entry_id                 4UZZ 
_pdbx_entry_details.compound_details         ? 
_pdbx_entry_details.source_details           ? 
_pdbx_entry_details.nonpolymer_details       ? 
_pdbx_entry_details.sequence_details         'GAAS IS A LEFTOVER SEQUENCE FROM THE N-TERMINAL AFFINITY TAG' 
_pdbx_entry_details.has_ligand_of_interest   ? 
# 
loop_
_pdbx_unobs_or_zero_occ_residues.id 
_pdbx_unobs_or_zero_occ_residues.PDB_model_num 
_pdbx_unobs_or_zero_occ_residues.polymer_flag 
_pdbx_unobs_or_zero_occ_residues.occupancy_flag 
_pdbx_unobs_or_zero_occ_residues.auth_asym_id 
_pdbx_unobs_or_zero_occ_residues.auth_comp_id 
_pdbx_unobs_or_zero_occ_residues.auth_seq_id 
_pdbx_unobs_or_zero_occ_residues.PDB_ins_code 
_pdbx_unobs_or_zero_occ_residues.label_asym_id 
_pdbx_unobs_or_zero_occ_residues.label_comp_id 
_pdbx_unobs_or_zero_occ_residues.label_seq_id 
1  1 Y 1 A GLY 232 ? A GLY 1   
2  1 Y 1 A GLN 341 ? A GLN 110 
3  1 Y 1 A GLN 342 ? A GLN 111 
4  1 Y 1 A ASN 343 ? A ASN 112 
5  1 Y 1 A LYS 344 ? A LYS 113 
6  1 Y 1 A ASN 345 ? A ASN 114 
7  1 Y 1 A ASP 346 ? A ASP 115 
8  1 Y 1 A GLY 347 ? A GLY 116 
9  1 Y 1 B GLY 536 ? B GLY 1   
10 1 Y 1 B ALA 537 ? B ALA 2   
11 1 Y 1 B ASN 603 ? B ASN 68  
# 
loop_
_chem_comp_atom.comp_id 
_chem_comp_atom.atom_id 
_chem_comp_atom.type_symbol 
_chem_comp_atom.pdbx_aromatic_flag 
_chem_comp_atom.pdbx_stereo_config 
_chem_comp_atom.pdbx_ordinal 
ALA N    N N N 1   
ALA CA   C N S 2   
ALA C    C N N 3   
ALA O    O N N 4   
ALA CB   C N N 5   
ALA OXT  O N N 6   
ALA H    H N N 7   
ALA H2   H N N 8   
ALA HA   H N N 9   
ALA HB1  H N N 10  
ALA HB2  H N N 11  
ALA HB3  H N N 12  
ALA HXT  H N N 13  
ARG N    N N N 14  
ARG CA   C N S 15  
ARG C    C N N 16  
ARG O    O N N 17  
ARG CB   C N N 18  
ARG CG   C N N 19  
ARG CD   C N N 20  
ARG NE   N N N 21  
ARG CZ   C N N 22  
ARG NH1  N N N 23  
ARG NH2  N N N 24  
ARG OXT  O N N 25  
ARG H    H N N 26  
ARG H2   H N N 27  
ARG HA   H N N 28  
ARG HB2  H N N 29  
ARG HB3  H N N 30  
ARG HG2  H N N 31  
ARG HG3  H N N 32  
ARG HD2  H N N 33  
ARG HD3  H N N 34  
ARG HE   H N N 35  
ARG HH11 H N N 36  
ARG HH12 H N N 37  
ARG HH21 H N N 38  
ARG HH22 H N N 39  
ARG HXT  H N N 40  
ASN N    N N N 41  
ASN CA   C N S 42  
ASN C    C N N 43  
ASN O    O N N 44  
ASN CB   C N N 45  
ASN CG   C N N 46  
ASN OD1  O N N 47  
ASN ND2  N N N 48  
ASN OXT  O N N 49  
ASN H    H N N 50  
ASN H2   H N N 51  
ASN HA   H N N 52  
ASN HB2  H N N 53  
ASN HB3  H N N 54  
ASN HD21 H N N 55  
ASN HD22 H N N 56  
ASN HXT  H N N 57  
ASP N    N N N 58  
ASP CA   C N S 59  
ASP C    C N N 60  
ASP O    O N N 61  
ASP CB   C N N 62  
ASP CG   C N N 63  
ASP OD1  O N N 64  
ASP OD2  O N N 65  
ASP OXT  O N N 66  
ASP H    H N N 67  
ASP H2   H N N 68  
ASP HA   H N N 69  
ASP HB2  H N N 70  
ASP HB3  H N N 71  
ASP HD2  H N N 72  
ASP HXT  H N N 73  
CYS N    N N N 74  
CYS CA   C N R 75  
CYS C    C N N 76  
CYS O    O N N 77  
CYS CB   C N N 78  
CYS SG   S N N 79  
CYS OXT  O N N 80  
CYS H    H N N 81  
CYS H2   H N N 82  
CYS HA   H N N 83  
CYS HB2  H N N 84  
CYS HB3  H N N 85  
CYS HG   H N N 86  
CYS HXT  H N N 87  
GLN N    N N N 88  
GLN CA   C N S 89  
GLN C    C N N 90  
GLN O    O N N 91  
GLN CB   C N N 92  
GLN CG   C N N 93  
GLN CD   C N N 94  
GLN OE1  O N N 95  
GLN NE2  N N N 96  
GLN OXT  O N N 97  
GLN H    H N N 98  
GLN H2   H N N 99  
GLN HA   H N N 100 
GLN HB2  H N N 101 
GLN HB3  H N N 102 
GLN HG2  H N N 103 
GLN HG3  H N N 104 
GLN HE21 H N N 105 
GLN HE22 H N N 106 
GLN HXT  H N N 107 
GLU N    N N N 108 
GLU CA   C N S 109 
GLU C    C N N 110 
GLU O    O N N 111 
GLU CB   C N N 112 
GLU CG   C N N 113 
GLU CD   C N N 114 
GLU OE1  O N N 115 
GLU OE2  O N N 116 
GLU OXT  O N N 117 
GLU H    H N N 118 
GLU H2   H N N 119 
GLU HA   H N N 120 
GLU HB2  H N N 121 
GLU HB3  H N N 122 
GLU HG2  H N N 123 
GLU HG3  H N N 124 
GLU HE2  H N N 125 
GLU HXT  H N N 126 
GLY N    N N N 127 
GLY CA   C N N 128 
GLY C    C N N 129 
GLY O    O N N 130 
GLY OXT  O N N 131 
GLY H    H N N 132 
GLY H2   H N N 133 
GLY HA2  H N N 134 
GLY HA3  H N N 135 
GLY HXT  H N N 136 
HIS N    N N N 137 
HIS CA   C N S 138 
HIS C    C N N 139 
HIS O    O N N 140 
HIS CB   C N N 141 
HIS CG   C Y N 142 
HIS ND1  N Y N 143 
HIS CD2  C Y N 144 
HIS CE1  C Y N 145 
HIS NE2  N Y N 146 
HIS OXT  O N N 147 
HIS H    H N N 148 
HIS H2   H N N 149 
HIS HA   H N N 150 
HIS HB2  H N N 151 
HIS HB3  H N N 152 
HIS HD1  H N N 153 
HIS HD2  H N N 154 
HIS HE1  H N N 155 
HIS HE2  H N N 156 
HIS HXT  H N N 157 
HOH O    O N N 158 
HOH H1   H N N 159 
HOH H2   H N N 160 
ILE N    N N N 161 
ILE CA   C N S 162 
ILE C    C N N 163 
ILE O    O N N 164 
ILE CB   C N S 165 
ILE CG1  C N N 166 
ILE CG2  C N N 167 
ILE CD1  C N N 168 
ILE OXT  O N N 169 
ILE H    H N N 170 
ILE H2   H N N 171 
ILE HA   H N N 172 
ILE HB   H N N 173 
ILE HG12 H N N 174 
ILE HG13 H N N 175 
ILE HG21 H N N 176 
ILE HG22 H N N 177 
ILE HG23 H N N 178 
ILE HD11 H N N 179 
ILE HD12 H N N 180 
ILE HD13 H N N 181 
ILE HXT  H N N 182 
LEU N    N N N 183 
LEU CA   C N S 184 
LEU C    C N N 185 
LEU O    O N N 186 
LEU CB   C N N 187 
LEU CG   C N N 188 
LEU CD1  C N N 189 
LEU CD2  C N N 190 
LEU OXT  O N N 191 
LEU H    H N N 192 
LEU H2   H N N 193 
LEU HA   H N N 194 
LEU HB2  H N N 195 
LEU HB3  H N N 196 
LEU HG   H N N 197 
LEU HD11 H N N 198 
LEU HD12 H N N 199 
LEU HD13 H N N 200 
LEU HD21 H N N 201 
LEU HD22 H N N 202 
LEU HD23 H N N 203 
LEU HXT  H N N 204 
LYS N    N N N 205 
LYS CA   C N S 206 
LYS C    C N N 207 
LYS O    O N N 208 
LYS CB   C N N 209 
LYS CG   C N N 210 
LYS CD   C N N 211 
LYS CE   C N N 212 
LYS NZ   N N N 213 
LYS OXT  O N N 214 
LYS H    H N N 215 
LYS H2   H N N 216 
LYS HA   H N N 217 
LYS HB2  H N N 218 
LYS HB3  H N N 219 
LYS HG2  H N N 220 
LYS HG3  H N N 221 
LYS HD2  H N N 222 
LYS HD3  H N N 223 
LYS HE2  H N N 224 
LYS HE3  H N N 225 
LYS HZ1  H N N 226 
LYS HZ2  H N N 227 
LYS HZ3  H N N 228 
LYS HXT  H N N 229 
MET N    N N N 230 
MET CA   C N S 231 
MET C    C N N 232 
MET O    O N N 233 
MET CB   C N N 234 
MET CG   C N N 235 
MET SD   S N N 236 
MET CE   C N N 237 
MET OXT  O N N 238 
MET H    H N N 239 
MET H2   H N N 240 
MET HA   H N N 241 
MET HB2  H N N 242 
MET HB3  H N N 243 
MET HG2  H N N 244 
MET HG3  H N N 245 
MET HE1  H N N 246 
MET HE2  H N N 247 
MET HE3  H N N 248 
MET HXT  H N N 249 
PHE N    N N N 250 
PHE CA   C N S 251 
PHE C    C N N 252 
PHE O    O N N 253 
PHE CB   C N N 254 
PHE CG   C Y N 255 
PHE CD1  C Y N 256 
PHE CD2  C Y N 257 
PHE CE1  C Y N 258 
PHE CE2  C Y N 259 
PHE CZ   C Y N 260 
PHE OXT  O N N 261 
PHE H    H N N 262 
PHE H2   H N N 263 
PHE HA   H N N 264 
PHE HB2  H N N 265 
PHE HB3  H N N 266 
PHE HD1  H N N 267 
PHE HD2  H N N 268 
PHE HE1  H N N 269 
PHE HE2  H N N 270 
PHE HZ   H N N 271 
PHE HXT  H N N 272 
PRO N    N N N 273 
PRO CA   C N S 274 
PRO C    C N N 275 
PRO O    O N N 276 
PRO CB   C N N 277 
PRO CG   C N N 278 
PRO CD   C N N 279 
PRO OXT  O N N 280 
PRO H    H N N 281 
PRO HA   H N N 282 
PRO HB2  H N N 283 
PRO HB3  H N N 284 
PRO HG2  H N N 285 
PRO HG3  H N N 286 
PRO HD2  H N N 287 
PRO HD3  H N N 288 
PRO HXT  H N N 289 
SER N    N N N 290 
SER CA   C N S 291 
SER C    C N N 292 
SER O    O N N 293 
SER CB   C N N 294 
SER OG   O N N 295 
SER OXT  O N N 296 
SER H    H N N 297 
SER H2   H N N 298 
SER HA   H N N 299 
SER HB2  H N N 300 
SER HB3  H N N 301 
SER HG   H N N 302 
SER HXT  H N N 303 
THR N    N N N 304 
THR CA   C N S 305 
THR C    C N N 306 
THR O    O N N 307 
THR CB   C N R 308 
THR OG1  O N N 309 
THR CG2  C N N 310 
THR OXT  O N N 311 
THR H    H N N 312 
THR H2   H N N 313 
THR HA   H N N 314 
THR HB   H N N 315 
THR HG1  H N N 316 
THR HG21 H N N 317 
THR HG22 H N N 318 
THR HG23 H N N 319 
THR HXT  H N N 320 
TRP N    N N N 321 
TRP CA   C N S 322 
TRP C    C N N 323 
TRP O    O N N 324 
TRP CB   C N N 325 
TRP CG   C Y N 326 
TRP CD1  C Y N 327 
TRP CD2  C Y N 328 
TRP NE1  N Y N 329 
TRP CE2  C Y N 330 
TRP CE3  C Y N 331 
TRP CZ2  C Y N 332 
TRP CZ3  C Y N 333 
TRP CH2  C Y N 334 
TRP OXT  O N N 335 
TRP H    H N N 336 
TRP H2   H N N 337 
TRP HA   H N N 338 
TRP HB2  H N N 339 
TRP HB3  H N N 340 
TRP HD1  H N N 341 
TRP HE1  H N N 342 
TRP HE3  H N N 343 
TRP HZ2  H N N 344 
TRP HZ3  H N N 345 
TRP HH2  H N N 346 
TRP HXT  H N N 347 
TYR N    N N N 348 
TYR CA   C N S 349 
TYR C    C N N 350 
TYR O    O N N 351 
TYR CB   C N N 352 
TYR CG   C Y N 353 
TYR CD1  C Y N 354 
TYR CD2  C Y N 355 
TYR CE1  C Y N 356 
TYR CE2  C Y N 357 
TYR CZ   C Y N 358 
TYR OH   O N N 359 
TYR OXT  O N N 360 
TYR H    H N N 361 
TYR H2   H N N 362 
TYR HA   H N N 363 
TYR HB2  H N N 364 
TYR HB3  H N N 365 
TYR HD1  H N N 366 
TYR HD2  H N N 367 
TYR HE1  H N N 368 
TYR HE2  H N N 369 
TYR HH   H N N 370 
TYR HXT  H N N 371 
VAL N    N N N 372 
VAL CA   C N S 373 
VAL C    C N N 374 
VAL O    O N N 375 
VAL CB   C N N 376 
VAL CG1  C N N 377 
VAL CG2  C N N 378 
VAL OXT  O N N 379 
VAL H    H N N 380 
VAL H2   H N N 381 
VAL HA   H N N 382 
VAL HB   H N N 383 
VAL HG11 H N N 384 
VAL HG12 H N N 385 
VAL HG13 H N N 386 
VAL HG21 H N N 387 
VAL HG22 H N N 388 
VAL HG23 H N N 389 
VAL HXT  H N N 390 
# 
loop_
_chem_comp_bond.comp_id 
_chem_comp_bond.atom_id_1 
_chem_comp_bond.atom_id_2 
_chem_comp_bond.value_order 
_chem_comp_bond.pdbx_aromatic_flag 
_chem_comp_bond.pdbx_stereo_config 
_chem_comp_bond.pdbx_ordinal 
ALA N   CA   sing N N 1   
ALA N   H    sing N N 2   
ALA N   H2   sing N N 3   
ALA CA  C    sing N N 4   
ALA CA  CB   sing N N 5   
ALA CA  HA   sing N N 6   
ALA C   O    doub N N 7   
ALA C   OXT  sing N N 8   
ALA CB  HB1  sing N N 9   
ALA CB  HB2  sing N N 10  
ALA CB  HB3  sing N N 11  
ALA OXT HXT  sing N N 12  
ARG N   CA   sing N N 13  
ARG N   H    sing N N 14  
ARG N   H2   sing N N 15  
ARG CA  C    sing N N 16  
ARG CA  CB   sing N N 17  
ARG CA  HA   sing N N 18  
ARG C   O    doub N N 19  
ARG C   OXT  sing N N 20  
ARG CB  CG   sing N N 21  
ARG CB  HB2  sing N N 22  
ARG CB  HB3  sing N N 23  
ARG CG  CD   sing N N 24  
ARG CG  HG2  sing N N 25  
ARG CG  HG3  sing N N 26  
ARG CD  NE   sing N N 27  
ARG CD  HD2  sing N N 28  
ARG CD  HD3  sing N N 29  
ARG NE  CZ   sing N N 30  
ARG NE  HE   sing N N 31  
ARG CZ  NH1  sing N N 32  
ARG CZ  NH2  doub N N 33  
ARG NH1 HH11 sing N N 34  
ARG NH1 HH12 sing N N 35  
ARG NH2 HH21 sing N N 36  
ARG NH2 HH22 sing N N 37  
ARG OXT HXT  sing N N 38  
ASN N   CA   sing N N 39  
ASN N   H    sing N N 40  
ASN N   H2   sing N N 41  
ASN CA  C    sing N N 42  
ASN CA  CB   sing N N 43  
ASN CA  HA   sing N N 44  
ASN C   O    doub N N 45  
ASN C   OXT  sing N N 46  
ASN CB  CG   sing N N 47  
ASN CB  HB2  sing N N 48  
ASN CB  HB3  sing N N 49  
ASN CG  OD1  doub N N 50  
ASN CG  ND2  sing N N 51  
ASN ND2 HD21 sing N N 52  
ASN ND2 HD22 sing N N 53  
ASN OXT HXT  sing N N 54  
ASP N   CA   sing N N 55  
ASP N   H    sing N N 56  
ASP N   H2   sing N N 57  
ASP CA  C    sing N N 58  
ASP CA  CB   sing N N 59  
ASP CA  HA   sing N N 60  
ASP C   O    doub N N 61  
ASP C   OXT  sing N N 62  
ASP CB  CG   sing N N 63  
ASP CB  HB2  sing N N 64  
ASP CB  HB3  sing N N 65  
ASP CG  OD1  doub N N 66  
ASP CG  OD2  sing N N 67  
ASP OD2 HD2  sing N N 68  
ASP OXT HXT  sing N N 69  
CYS N   CA   sing N N 70  
CYS N   H    sing N N 71  
CYS N   H2   sing N N 72  
CYS CA  C    sing N N 73  
CYS CA  CB   sing N N 74  
CYS CA  HA   sing N N 75  
CYS C   O    doub N N 76  
CYS C   OXT  sing N N 77  
CYS CB  SG   sing N N 78  
CYS CB  HB2  sing N N 79  
CYS CB  HB3  sing N N 80  
CYS SG  HG   sing N N 81  
CYS OXT HXT  sing N N 82  
GLN N   CA   sing N N 83  
GLN N   H    sing N N 84  
GLN N   H2   sing N N 85  
GLN CA  C    sing N N 86  
GLN CA  CB   sing N N 87  
GLN CA  HA   sing N N 88  
GLN C   O    doub N N 89  
GLN C   OXT  sing N N 90  
GLN CB  CG   sing N N 91  
GLN CB  HB2  sing N N 92  
GLN CB  HB3  sing N N 93  
GLN CG  CD   sing N N 94  
GLN CG  HG2  sing N N 95  
GLN CG  HG3  sing N N 96  
GLN CD  OE1  doub N N 97  
GLN CD  NE2  sing N N 98  
GLN NE2 HE21 sing N N 99  
GLN NE2 HE22 sing N N 100 
GLN OXT HXT  sing N N 101 
GLU N   CA   sing N N 102 
GLU N   H    sing N N 103 
GLU N   H2   sing N N 104 
GLU CA  C    sing N N 105 
GLU CA  CB   sing N N 106 
GLU CA  HA   sing N N 107 
GLU C   O    doub N N 108 
GLU C   OXT  sing N N 109 
GLU CB  CG   sing N N 110 
GLU CB  HB2  sing N N 111 
GLU CB  HB3  sing N N 112 
GLU CG  CD   sing N N 113 
GLU CG  HG2  sing N N 114 
GLU CG  HG3  sing N N 115 
GLU CD  OE1  doub N N 116 
GLU CD  OE2  sing N N 117 
GLU OE2 HE2  sing N N 118 
GLU OXT HXT  sing N N 119 
GLY N   CA   sing N N 120 
GLY N   H    sing N N 121 
GLY N   H2   sing N N 122 
GLY CA  C    sing N N 123 
GLY CA  HA2  sing N N 124 
GLY CA  HA3  sing N N 125 
GLY C   O    doub N N 126 
GLY C   OXT  sing N N 127 
GLY OXT HXT  sing N N 128 
HIS N   CA   sing N N 129 
HIS N   H    sing N N 130 
HIS N   H2   sing N N 131 
HIS CA  C    sing N N 132 
HIS CA  CB   sing N N 133 
HIS CA  HA   sing N N 134 
HIS C   O    doub N N 135 
HIS C   OXT  sing N N 136 
HIS CB  CG   sing N N 137 
HIS CB  HB2  sing N N 138 
HIS CB  HB3  sing N N 139 
HIS CG  ND1  sing Y N 140 
HIS CG  CD2  doub Y N 141 
HIS ND1 CE1  doub Y N 142 
HIS ND1 HD1  sing N N 143 
HIS CD2 NE2  sing Y N 144 
HIS CD2 HD2  sing N N 145 
HIS CE1 NE2  sing Y N 146 
HIS CE1 HE1  sing N N 147 
HIS NE2 HE2  sing N N 148 
HIS OXT HXT  sing N N 149 
HOH O   H1   sing N N 150 
HOH O   H2   sing N N 151 
ILE N   CA   sing N N 152 
ILE N   H    sing N N 153 
ILE N   H2   sing N N 154 
ILE CA  C    sing N N 155 
ILE CA  CB   sing N N 156 
ILE CA  HA   sing N N 157 
ILE C   O    doub N N 158 
ILE C   OXT  sing N N 159 
ILE CB  CG1  sing N N 160 
ILE CB  CG2  sing N N 161 
ILE CB  HB   sing N N 162 
ILE CG1 CD1  sing N N 163 
ILE CG1 HG12 sing N N 164 
ILE CG1 HG13 sing N N 165 
ILE CG2 HG21 sing N N 166 
ILE CG2 HG22 sing N N 167 
ILE CG2 HG23 sing N N 168 
ILE CD1 HD11 sing N N 169 
ILE CD1 HD12 sing N N 170 
ILE CD1 HD13 sing N N 171 
ILE OXT HXT  sing N N 172 
LEU N   CA   sing N N 173 
LEU N   H    sing N N 174 
LEU N   H2   sing N N 175 
LEU CA  C    sing N N 176 
LEU CA  CB   sing N N 177 
LEU CA  HA   sing N N 178 
LEU C   O    doub N N 179 
LEU C   OXT  sing N N 180 
LEU CB  CG   sing N N 181 
LEU CB  HB2  sing N N 182 
LEU CB  HB3  sing N N 183 
LEU CG  CD1  sing N N 184 
LEU CG  CD2  sing N N 185 
LEU CG  HG   sing N N 186 
LEU CD1 HD11 sing N N 187 
LEU CD1 HD12 sing N N 188 
LEU CD1 HD13 sing N N 189 
LEU CD2 HD21 sing N N 190 
LEU CD2 HD22 sing N N 191 
LEU CD2 HD23 sing N N 192 
LEU OXT HXT  sing N N 193 
LYS N   CA   sing N N 194 
LYS N   H    sing N N 195 
LYS N   H2   sing N N 196 
LYS CA  C    sing N N 197 
LYS CA  CB   sing N N 198 
LYS CA  HA   sing N N 199 
LYS C   O    doub N N 200 
LYS C   OXT  sing N N 201 
LYS CB  CG   sing N N 202 
LYS CB  HB2  sing N N 203 
LYS CB  HB3  sing N N 204 
LYS CG  CD   sing N N 205 
LYS CG  HG2  sing N N 206 
LYS CG  HG3  sing N N 207 
LYS CD  CE   sing N N 208 
LYS CD  HD2  sing N N 209 
LYS CD  HD3  sing N N 210 
LYS CE  NZ   sing N N 211 
LYS CE  HE2  sing N N 212 
LYS CE  HE3  sing N N 213 
LYS NZ  HZ1  sing N N 214 
LYS NZ  HZ2  sing N N 215 
LYS NZ  HZ3  sing N N 216 
LYS OXT HXT  sing N N 217 
MET N   CA   sing N N 218 
MET N   H    sing N N 219 
MET N   H2   sing N N 220 
MET CA  C    sing N N 221 
MET CA  CB   sing N N 222 
MET CA  HA   sing N N 223 
MET C   O    doub N N 224 
MET C   OXT  sing N N 225 
MET CB  CG   sing N N 226 
MET CB  HB2  sing N N 227 
MET CB  HB3  sing N N 228 
MET CG  SD   sing N N 229 
MET CG  HG2  sing N N 230 
MET CG  HG3  sing N N 231 
MET SD  CE   sing N N 232 
MET CE  HE1  sing N N 233 
MET CE  HE2  sing N N 234 
MET CE  HE3  sing N N 235 
MET OXT HXT  sing N N 236 
PHE N   CA   sing N N 237 
PHE N   H    sing N N 238 
PHE N   H2   sing N N 239 
PHE CA  C    sing N N 240 
PHE CA  CB   sing N N 241 
PHE CA  HA   sing N N 242 
PHE C   O    doub N N 243 
PHE C   OXT  sing N N 244 
PHE CB  CG   sing N N 245 
PHE CB  HB2  sing N N 246 
PHE CB  HB3  sing N N 247 
PHE CG  CD1  doub Y N 248 
PHE CG  CD2  sing Y N 249 
PHE CD1 CE1  sing Y N 250 
PHE CD1 HD1  sing N N 251 
PHE CD2 CE2  doub Y N 252 
PHE CD2 HD2  sing N N 253 
PHE CE1 CZ   doub Y N 254 
PHE CE1 HE1  sing N N 255 
PHE CE2 CZ   sing Y N 256 
PHE CE2 HE2  sing N N 257 
PHE CZ  HZ   sing N N 258 
PHE OXT HXT  sing N N 259 
PRO N   CA   sing N N 260 
PRO N   CD   sing N N 261 
PRO N   H    sing N N 262 
PRO CA  C    sing N N 263 
PRO CA  CB   sing N N 264 
PRO CA  HA   sing N N 265 
PRO C   O    doub N N 266 
PRO C   OXT  sing N N 267 
PRO CB  CG   sing N N 268 
PRO CB  HB2  sing N N 269 
PRO CB  HB3  sing N N 270 
PRO CG  CD   sing N N 271 
PRO CG  HG2  sing N N 272 
PRO CG  HG3  sing N N 273 
PRO CD  HD2  sing N N 274 
PRO CD  HD3  sing N N 275 
PRO OXT HXT  sing N N 276 
SER N   CA   sing N N 277 
SER N   H    sing N N 278 
SER N   H2   sing N N 279 
SER CA  C    sing N N 280 
SER CA  CB   sing N N 281 
SER CA  HA   sing N N 282 
SER C   O    doub N N 283 
SER C   OXT  sing N N 284 
SER CB  OG   sing N N 285 
SER CB  HB2  sing N N 286 
SER CB  HB3  sing N N 287 
SER OG  HG   sing N N 288 
SER OXT HXT  sing N N 289 
THR N   CA   sing N N 290 
THR N   H    sing N N 291 
THR N   H2   sing N N 292 
THR CA  C    sing N N 293 
THR CA  CB   sing N N 294 
THR CA  HA   sing N N 295 
THR C   O    doub N N 296 
THR C   OXT  sing N N 297 
THR CB  OG1  sing N N 298 
THR CB  CG2  sing N N 299 
THR CB  HB   sing N N 300 
THR OG1 HG1  sing N N 301 
THR CG2 HG21 sing N N 302 
THR CG2 HG22 sing N N 303 
THR CG2 HG23 sing N N 304 
THR OXT HXT  sing N N 305 
TRP N   CA   sing N N 306 
TRP N   H    sing N N 307 
TRP N   H2   sing N N 308 
TRP CA  C    sing N N 309 
TRP CA  CB   sing N N 310 
TRP CA  HA   sing N N 311 
TRP C   O    doub N N 312 
TRP C   OXT  sing N N 313 
TRP CB  CG   sing N N 314 
TRP CB  HB2  sing N N 315 
TRP CB  HB3  sing N N 316 
TRP CG  CD1  doub Y N 317 
TRP CG  CD2  sing Y N 318 
TRP CD1 NE1  sing Y N 319 
TRP CD1 HD1  sing N N 320 
TRP CD2 CE2  doub Y N 321 
TRP CD2 CE3  sing Y N 322 
TRP NE1 CE2  sing Y N 323 
TRP NE1 HE1  sing N N 324 
TRP CE2 CZ2  sing Y N 325 
TRP CE3 CZ3  doub Y N 326 
TRP CE3 HE3  sing N N 327 
TRP CZ2 CH2  doub Y N 328 
TRP CZ2 HZ2  sing N N 329 
TRP CZ3 CH2  sing Y N 330 
TRP CZ3 HZ3  sing N N 331 
TRP CH2 HH2  sing N N 332 
TRP OXT HXT  sing N N 333 
TYR N   CA   sing N N 334 
TYR N   H    sing N N 335 
TYR N   H2   sing N N 336 
TYR CA  C    sing N N 337 
TYR CA  CB   sing N N 338 
TYR CA  HA   sing N N 339 
TYR C   O    doub N N 340 
TYR C   OXT  sing N N 341 
TYR CB  CG   sing N N 342 
TYR CB  HB2  sing N N 343 
TYR CB  HB3  sing N N 344 
TYR CG  CD1  doub Y N 345 
TYR CG  CD2  sing Y N 346 
TYR CD1 CE1  sing Y N 347 
TYR CD1 HD1  sing N N 348 
TYR CD2 CE2  doub Y N 349 
TYR CD2 HD2  sing N N 350 
TYR CE1 CZ   doub Y N 351 
TYR CE1 HE1  sing N N 352 
TYR CE2 CZ   sing Y N 353 
TYR CE2 HE2  sing N N 354 
TYR CZ  OH   sing N N 355 
TYR OH  HH   sing N N 356 
TYR OXT HXT  sing N N 357 
VAL N   CA   sing N N 358 
VAL N   H    sing N N 359 
VAL N   H2   sing N N 360 
VAL CA  C    sing N N 361 
VAL CA  CB   sing N N 362 
VAL CA  HA   sing N N 363 
VAL C   O    doub N N 364 
VAL C   OXT  sing N N 365 
VAL CB  CG1  sing N N 366 
VAL CB  CG2  sing N N 367 
VAL CB  HB   sing N N 368 
VAL CG1 HG11 sing N N 369 
VAL CG1 HG12 sing N N 370 
VAL CG1 HG13 sing N N 371 
VAL CG2 HG21 sing N N 372 
VAL CG2 HG22 sing N N 373 
VAL CG2 HG23 sing N N 374 
VAL OXT HXT  sing N N 375 
# 
_atom_sites.entry_id                    4UZZ 
_atom_sites.fract_transf_matrix[1][1]   0.01228709 
_atom_sites.fract_transf_matrix[1][2]   -0.00375725 
_atom_sites.fract_transf_matrix[1][3]   -0.00470197 
_atom_sites.fract_transf_matrix[2][1]   0.00890001 
_atom_sites.fract_transf_matrix[2][2]   -0.00622207 
_atom_sites.fract_transf_matrix[2][3]   0.00832303 
_atom_sites.fract_transf_matrix[3][1]   -0.00391052 
_atom_sites.fract_transf_matrix[3][2]   -0.00931077 
_atom_sites.fract_transf_matrix[3][3]   -0.00277886 
_atom_sites.fract_transf_vector[1]      0.240586 
_atom_sites.fract_transf_vector[2]      0.497504 
_atom_sites.fract_transf_vector[3]      -0.126536 
# 
loop_
_atom_type.symbol 
C 
N 
O 
S 
# 
loop_
_atom_site.group_PDB 
_atom_site.id 
_atom_site.type_symbol 
_atom_site.label_atom_id 
_atom_site.label_alt_id 
_atom_site.label_comp_id 
_atom_site.label_asym_id 
_atom_site.label_entity_id 
_atom_site.label_seq_id 
_atom_site.pdbx_PDB_ins_code 
_atom_site.Cartn_x 
_atom_site.Cartn_y 
_atom_site.Cartn_z 
_atom_site.occupancy 
_atom_site.B_iso_or_equiv 
_atom_site.pdbx_formal_charge 
_atom_site.auth_seq_id 
_atom_site.auth_comp_id 
_atom_site.auth_asym_id 
_atom_site.auth_atom_id 
_atom_site.pdbx_PDB_model_num 
ATOM   1    N N   . ALA A 1 2   ? 24.426  -0.953  20.999  1.00 143.16 ? 233  ALA A N   1 
ATOM   2    C CA  . ALA A 1 2   ? 23.043  -0.921  20.535  1.00 142.49 ? 233  ALA A CA  1 
ATOM   3    C C   . ALA A 1 2   ? 22.267  0.222   21.194  1.00 138.84 ? 233  ALA A C   1 
ATOM   4    O O   . ALA A 1 2   ? 22.799  0.943   22.043  1.00 137.75 ? 233  ALA A O   1 
ATOM   5    C CB  . ALA A 1 2   ? 22.364  -2.257  20.805  1.00 160.39 ? 233  ALA A CB  1 
ATOM   6    N N   . ALA A 1 3   ? 21.009  0.390   20.790  1.00 134.66 ? 234  ALA A N   1 
ATOM   7    C CA  . ALA A 1 3   ? 20.163  1.438   21.347  1.00 129.34 ? 234  ALA A CA  1 
ATOM   8    C C   . ALA A 1 3   ? 18.691  1.038   21.345  1.00 123.65 ? 234  ALA A C   1 
ATOM   9    O O   . ALA A 1 3   ? 18.290  0.078   20.675  1.00 124.69 ? 234  ALA A O   1 
ATOM   10   C CB  . ALA A 1 3   ? 20.355  2.737   20.583  1.00 124.38 ? 234  ALA A CB  1 
ATOM   11   N N   . SER A 1 4   ? 17.900  1.780   22.111  1.00 120.02 ? 235  SER A N   1 
ATOM   12   C CA  . SER A 1 4   ? 16.467  1.556   22.216  1.00 116.10 ? 235  SER A CA  1 
ATOM   13   C C   . SER A 1 4   ? 15.837  1.652   20.838  1.00 114.97 ? 235  SER A C   1 
ATOM   14   O O   . SER A 1 4   ? 16.378  2.320   19.959  1.00 117.70 ? 235  SER A O   1 
ATOM   15   C CB  . SER A 1 4   ? 15.830  2.590   23.150  1.00 118.35 ? 235  SER A CB  1 
ATOM   16   O OG  . SER A 1 4   ? 16.746  3.020   24.156  1.00 121.98 ? 235  SER A OG  1 
ATOM   17   N N   . PRO A 1 5   ? 14.693  0.987   20.635  1.00 113.82 ? 236  PRO A N   1 
ATOM   18   C CA  . PRO A 1 5   ? 13.932  1.284   19.415  1.00 112.78 ? 236  PRO A CA  1 
ATOM   19   C C   . PRO A 1 5   ? 13.352  2.701   19.473  1.00 107.56 ? 236  PRO A C   1 
ATOM   20   O O   . PRO A 1 5   ? 12.890  3.231   18.452  1.00 103.73 ? 236  PRO A O   1 
ATOM   21   C CB  . PRO A 1 5   ? 12.823  0.219   19.414  1.00 106.73 ? 236  PRO A CB  1 
ATOM   22   C CG  . PRO A 1 5   ? 12.672  -0.155  20.852  1.00 109.13 ? 236  PRO A CG  1 
ATOM   23   C CD  . PRO A 1 5   ? 14.052  -0.055  21.455  1.00 111.63 ? 236  PRO A CD  1 
ATOM   24   N N   . LYS A 1 6   ? 13.371  3.295   20.668  1.00 106.81 ? 237  LYS A N   1 
ATOM   25   C CA  . LYS A 1 6   ? 13.012  4.698   20.835  1.00 108.77 ? 237  LYS A CA  1 
ATOM   26   C C   . LYS A 1 6   ? 14.065  5.549   20.146  1.00 105.43 ? 237  LYS A C   1 
ATOM   27   O O   . LYS A 1 6   ? 13.742  6.383   19.301  1.00 101.23 ? 237  LYS A O   1 
ATOM   28   C CB  . LYS A 1 6   ? 12.902  5.079   22.313  1.00 107.97 ? 237  LYS A CB  1 
ATOM   29   N N   . GLN A 1 7   ? 15.281  5.258   20.446  1.00 105.26 ? 238  GLN A N   1 
ATOM   30   C CA  . GLN A 1 7   ? 16.402  5.998   19.888  1.00 105.23 ? 238  GLN A CA  1 
ATOM   31   C C   . GLN A 1 7   ? 16.542  5.775   18.387  1.00 104.62 ? 238  GLN A C   1 
ATOM   32   O O   . GLN A 1 7   ? 16.929  6.690   17.645  1.00 104.00 ? 238  GLN A O   1 
ATOM   33   C CB  . GLN A 1 7   ? 17.707  5.621   20.601  1.00 108.59 ? 238  GLN A CB  1 
ATOM   34   C CG  . GLN A 1 7   ? 17.826  6.155   22.034  1.00 116.16 ? 238  GLN A CG  1 
ATOM   35   C CD  . GLN A 1 7   ? 19.149  5.791   22.707  1.00 119.57 ? 238  GLN A CD  1 
ATOM   36   O OE1 . GLN A 1 7   ? 19.478  4.610   22.877  1.00 120.50 ? 238  GLN A OE1 1 
ATOM   37   N NE2 . GLN A 1 7   ? 19.915  6.809   23.089  1.00 115.12 ? 238  GLN A NE2 1 
ATOM   38   N N   . ILE A 1 8   ? 16.215  4.580   17.981  1.00 103.11 ? 239  ILE A N   1 
ATOM   39   C CA  . ILE A 1 8   ? 16.304  4.200   16.579  1.00 96.43  ? 239  ILE A CA  1 
ATOM   40   C C   . ILE A 1 8   ? 15.289  4.953   15.734  1.00 95.62  ? 239  ILE A C   1 
ATOM   41   O O   . ILE A 1 8   ? 15.640  5.522   14.696  1.00 94.55  ? 239  ILE A O   1 
ATOM   42   C CB  . ILE A 1 8   ? 16.109  2.681   16.423  1.00 103.89 ? 239  ILE A CB  1 
ATOM   43   C CG1 . ILE A 1 8   ? 17.362  1.960   16.921  1.00 106.26 ? 239  ILE A CG1 1 
ATOM   44   C CG2 . ILE A 1 8   ? 15.774  2.303   14.973  1.00 91.63  ? 239  ILE A CG2 1 
ATOM   45   C CD1 . ILE A 1 8   ? 17.168  0.476   17.161  1.00 108.95 ? 239  ILE A CD1 1 
ATOM   46   N N   . GLN A 1 9   ? 14.035  4.969   16.177  1.00 97.37  ? 240  GLN A N   1 
ATOM   47   C CA  . GLN A 1 9   ? 13.000  5.718   15.472  1.00 95.10  ? 240  GLN A CA  1 
ATOM   48   C C   . GLN A 1 9   ? 13.358  7.206   15.432  1.00 96.15  ? 240  GLN A C   1 
ATOM   49   O O   . GLN A 1 9   ? 13.146  7.890   14.420  1.00 93.66  ? 240  GLN A O   1 
ATOM   50   C CB  . GLN A 1 9   ? 11.639  5.518   16.137  1.00 101.68 ? 240  GLN A CB  1 
ATOM   51   C CG  . GLN A 1 9   ? 10.509  6.305   15.475  1.00 100.57 ? 240  GLN A CG  1 
ATOM   52   C CD  . GLN A 1 9   ? 10.183  5.785   14.080  1.00 104.54 ? 240  GLN A CD  1 
ATOM   53   O OE1 . GLN A 1 9   ? 9.866   4.592   13.892  1.00 100.00 ? 240  GLN A OE1 1 
ATOM   54   N NE2 . GLN A 1 9   ? 10.258  6.677   13.090  1.00 101.28 ? 240  GLN A NE2 1 
ATOM   55   N N   . MET A 1 10  ? 13.900  7.700   16.542  1.00 98.89  ? 241  MET A N   1 
ATOM   56   C CA  . MET A 1 10  ? 14.327  9.099   16.647  1.00 98.35  ? 241  MET A CA  1 
ATOM   57   C C   . MET A 1 10  ? 15.310  9.433   15.521  1.00 90.94  ? 241  MET A C   1 
ATOM   58   O O   . MET A 1 10  ? 15.129  10.401  14.767  1.00 84.46  ? 241  MET A O   1 
ATOM   59   C CB  . MET A 1 10  ? 14.967  9.360   18.011  1.00 97.83  ? 241  MET A CB  1 
ATOM   60   C CG  . MET A 1 10  ? 14.997  10.820  18.391  1.00 111.96 ? 241  MET A CG  1 
ATOM   61   S SD  . MET A 1 10  ? 13.332  11.478  18.596  1.00 136.60 ? 241  MET A SD  1 
ATOM   62   C CE  . MET A 1 10  ? 13.060  11.066  20.322  1.00 123.62 ? 241  MET A CE  1 
ATOM   63   N N   . TRP A 1 11  ? 16.327  8.583   15.392  1.00 86.89  ? 242  TRP A N   1 
ATOM   64   C CA  . TRP A 1 11  ? 17.314  8.718   14.339  1.00 81.58  ? 242  TRP A CA  1 
ATOM   65   C C   . TRP A 1 11  ? 16.697  8.755   12.941  1.00 89.10  ? 242  TRP A C   1 
ATOM   66   O O   . TRP A 1 11  ? 17.001  9.666   12.153  1.00 85.31  ? 242  TRP A O   1 
ATOM   67   C CB  . TRP A 1 11  ? 18.320  7.583   14.417  1.00 83.95  ? 242  TRP A CB  1 
ATOM   68   C CG  . TRP A 1 11  ? 19.437  7.773   13.444  1.00 85.55  ? 242  TRP A CG  1 
ATOM   69   C CD1 . TRP A 1 11  ? 20.541  8.542   13.624  1.00 83.61  ? 242  TRP A CD1 1 
ATOM   70   C CD2 . TRP A 1 11  ? 19.561  7.191   12.138  1.00 86.68  ? 242  TRP A CD2 1 
ATOM   71   N NE1 . TRP A 1 11  ? 21.354  8.476   12.517  1.00 84.37  ? 242  TRP A NE1 1 
ATOM   72   C CE2 . TRP A 1 11  ? 20.779  7.661   11.589  1.00 78.78  ? 242  TRP A CE2 1 
ATOM   73   C CE3 . TRP A 1 11  ? 18.767  6.314   11.384  1.00 85.53  ? 242  TRP A CE3 1 
ATOM   74   C CZ2 . TRP A 1 11  ? 21.216  7.300   10.320  1.00 81.41  ? 242  TRP A CZ2 1 
ATOM   75   C CZ3 . TRP A 1 11  ? 19.212  5.934   10.117  1.00 82.21  ? 242  TRP A CZ3 1 
ATOM   76   C CH2 . TRP A 1 11  ? 20.427  6.420   9.600   1.00 89.04  ? 242  TRP A CH2 1 
ATOM   77   N N   . ILE A 1 12  ? 15.844  7.765   12.641  1.00 85.92  ? 243  ILE A N   1 
ATOM   78   C CA  . ILE A 1 12  ? 15.094  7.713   11.397  1.00 78.95  ? 243  ILE A CA  1 
ATOM   79   C C   . ILE A 1 12  ? 14.257  8.957   11.130  1.00 80.98  ? 243  ILE A C   1 
ATOM   80   O O   . ILE A 1 12  ? 14.271  9.485   10.026  1.00 84.64  ? 243  ILE A O   1 
ATOM   81   C CB  . ILE A 1 12  ? 14.132  6.476   11.368  1.00 91.88  ? 243  ILE A CB  1 
ATOM   82   C CG1 . ILE A 1 12  ? 14.920  5.174   11.545  1.00 88.87  ? 243  ILE A CG1 1 
ATOM   83   C CG2 . ILE A 1 12  ? 13.300  6.465   10.081  1.00 75.43  ? 243  ILE A CG2 1 
ATOM   84   C CD1 . ILE A 1 12  ? 14.085  3.972   11.953  1.00 91.28  ? 243  ILE A CD1 1 
ATOM   85   N N   . ASN A 1 13  ? 13.474  9.400   12.105  1.00 83.32  ? 244  ASN A N   1 
ATOM   86   C CA  . ASN A 1 13  ? 12.727  10.653  11.941  1.00 88.90  ? 244  ASN A CA  1 
ATOM   87   C C   . ASN A 1 13  ? 13.634  11.820  11.561  1.00 90.96  ? 244  ASN A C   1 
ATOM   88   O O   . ASN A 1 13  ? 13.278  12.654  10.711  1.00 90.03  ? 244  ASN A O   1 
ATOM   89   C CB  . ASN A 1 13  ? 11.980  11.035  13.224  1.00 92.62  ? 244  ASN A CB  1 
ATOM   90   C CG  . ASN A 1 13  ? 10.862  10.065  13.573  1.00 99.66  ? 244  ASN A CG  1 
ATOM   91   O OD1 . ASN A 1 13  ? 10.451  9.230   12.752  1.00 100.50 ? 244  ASN A OD1 1 
ATOM   92   N ND2 . ASN A 1 13  ? 10.347  10.184  14.799  1.00 100.26 ? 244  ASN A ND2 1 
ATOM   93   N N   . ASN A 1 14  ? 14.798  11.900  12.203  1.00 82.56  ? 245  ASN A N   1 
ATOM   94   C CA  . ASN A 1 14  ? 15.699  13.029  11.939  1.00 86.45  ? 245  ASN A CA  1 
ATOM   95   C C   . ASN A 1 14  ? 16.232  12.969  10.527  1.00 86.28  ? 245  ASN A C   1 
ATOM   96   O O   . ASN A 1 14  ? 16.319  13.990  9.855   1.00 84.61  ? 245  ASN A O   1 
ATOM   97   C CB  . ASN A 1 14  ? 16.875  13.072  12.929  1.00 81.44  ? 245  ASN A CB  1 
ATOM   98   C CG  . ASN A 1 14  ? 16.436  13.389  14.352  1.00 79.50  ? 245  ASN A CG  1 
ATOM   99   O OD1 . ASN A 1 14  ? 15.388  14.008  14.577  1.00 75.34  ? 245  ASN A OD1 1 
ATOM   100  N ND2 . ASN A 1 14  ? 17.240  12.961  15.320  1.00 76.59  ? 245  ASN A ND2 1 
ATOM   101  N N   . VAL A 1 15  ? 16.591  11.772  10.069  1.00 86.41  ? 246  VAL A N   1 
ATOM   102  C CA  . VAL A 1 15  ? 17.076  11.650  8.704   1.00 85.96  ? 246  VAL A CA  1 
ATOM   103  C C   . VAL A 1 15  ? 15.937  11.933  7.727   1.00 86.08  ? 246  VAL A C   1 
ATOM   104  O O   . VAL A 1 15  ? 16.114  12.645  6.736   1.00 90.30  ? 246  VAL A O   1 
ATOM   105  C CB  . VAL A 1 15  ? 17.675  10.270  8.428   1.00 79.84  ? 246  VAL A CB  1 
ATOM   106  C CG1 . VAL A 1 15  ? 17.999  10.110  6.933   1.00 67.87  ? 246  VAL A CG1 1 
ATOM   107  C CG2 . VAL A 1 15  ? 18.924  10.074  9.292   1.00 80.25  ? 246  VAL A CG2 1 
ATOM   108  N N   . ALA A 1 16  ? 14.755  11.415  8.035   1.00 91.02  ? 247  ALA A N   1 
ATOM   109  C CA  . ALA A 1 16  ? 13.633  11.508  7.101   1.00 93.74  ? 247  ALA A CA  1 
ATOM   110  C C   . ALA A 1 16  ? 13.213  12.968  6.966   1.00 96.87  ? 247  ALA A C   1 
ATOM   111  O O   . ALA A 1 16  ? 12.911  13.442  5.868   1.00 101.32 ? 247  ALA A O   1 
ATOM   112  C CB  . ALA A 1 16  ? 12.459  10.631  7.564   1.00 80.87  ? 247  ALA A CB  1 
ATOM   113  N N   . GLU A 1 17  ? 13.237  13.679  8.090   1.00 95.86  ? 248  GLU A N   1 
ATOM   114  C CA  . GLU A 1 17  ? 12.807  15.078  8.148   1.00 98.17  ? 248  GLU A CA  1 
ATOM   115  C C   . GLU A 1 17  ? 13.485  15.952  7.088   1.00 97.37  ? 248  GLU A C   1 
ATOM   116  O O   . GLU A 1 17  ? 12.823  16.737  6.423   1.00 99.23  ? 248  GLU A O   1 
ATOM   117  C CB  . GLU A 1 17  ? 13.051  15.629  9.549   1.00 99.49  ? 248  GLU A CB  1 
ATOM   118  C CG  . GLU A 1 17  ? 13.290  17.107  9.641   1.00 105.68 ? 248  GLU A CG  1 
ATOM   119  C CD  . GLU A 1 17  ? 13.413  17.554  11.081  1.00 114.29 ? 248  GLU A CD  1 
ATOM   120  O OE1 . GLU A 1 17  ? 13.489  16.664  11.966  1.00 108.31 ? 248  GLU A OE1 1 
ATOM   121  O OE2 . GLU A 1 17  ? 13.437  18.784  11.325  1.00 131.11 ? 248  GLU A OE2 1 
ATOM   122  N N   . ILE A 1 18  ? 14.787  15.776  6.897   1.00 98.80  ? 249  ILE A N   1 
ATOM   123  C CA  . ILE A 1 18  ? 15.494  16.411  5.781   1.00 97.34  ? 249  ILE A CA  1 
ATOM   124  C C   . ILE A 1 18  ? 14.975  15.956  4.400   1.00 104.18 ? 249  ILE A C   1 
ATOM   125  O O   . ILE A 1 18  ? 14.552  16.784  3.597   1.00 108.49 ? 249  ILE A O   1 
ATOM   126  C CB  . ILE A 1 18  ? 17.020  16.126  5.840   1.00 96.80  ? 249  ILE A CB  1 
ATOM   127  C CG1 . ILE A 1 18  ? 17.549  16.196  7.279   1.00 93.63  ? 249  ILE A CG1 1 
ATOM   128  C CG2 . ILE A 1 18  ? 17.782  17.085  4.932   1.00 96.16  ? 249  ILE A CG2 1 
ATOM   129  C CD1 . ILE A 1 18  ? 17.562  17.613  7.874   1.00 85.98  ? 249  ILE A CD1 1 
ATOM   130  N N   . ARG A 1 19  ? 14.999  14.645  4.135   1.00 105.10 ? 250  ARG A N   1 
ATOM   131  C CA  . ARG A 1 19  ? 14.662  14.116  2.798   1.00 107.36 ? 250  ARG A CA  1 
ATOM   132  C C   . ARG A 1 19  ? 13.196  14.310  2.399   1.00 104.94 ? 250  ARG A C   1 
ATOM   133  O O   . ARG A 1 19  ? 12.904  14.701  1.266   1.00 106.10 ? 250  ARG A O   1 
ATOM   134  C CB  . ARG A 1 19  ? 15.003  12.621  2.690   1.00 105.09 ? 250  ARG A CB  1 
ATOM   135  C CG  . ARG A 1 19  ? 15.968  12.080  3.745   1.00 105.13 ? 250  ARG A CG  1 
ATOM   136  C CD  . ARG A 1 19  ? 17.307  11.622  3.155   1.00 98.23  ? 250  ARG A CD  1 
ATOM   137  N NE  . ARG A 1 19  ? 17.220  10.378  2.391   1.00 117.82 ? 250  ARG A NE  1 
ATOM   138  C CZ  . ARG A 1 19  ? 17.657  10.214  1.142   1.00 122.14 ? 250  ARG A CZ  1 
ATOM   139  N NH1 . ARG A 1 19  ? 18.180  11.232  0.475   1.00 117.33 ? 250  ARG A NH1 1 
ATOM   140  N NH2 . ARG A 1 19  ? 17.536  9.032   0.550   1.00 118.67 ? 250  ARG A NH2 1 
ATOM   141  N N   . LYS A 1 20  ? 12.284  14.029  3.326   1.00 101.62 ? 251  LYS A N   1 
ATOM   142  C CA  . LYS A 1 20  ? 10.853  14.134  3.047   1.00 105.34 ? 251  LYS A CA  1 
ATOM   143  C C   . LYS A 1 20  ? 10.469  15.548  2.666   1.00 113.63 ? 251  LYS A C   1 
ATOM   144  O O   . LYS A 1 20  ? 10.002  15.785  1.553   1.00 116.55 ? 251  LYS A O   1 
ATOM   145  C CB  . LYS A 1 20  ? 10.023  13.684  4.251   1.00 101.81 ? 251  LYS A CB  1 
ATOM   146  C CG  . LYS A 1 20  ? 10.258  12.246  4.660   1.00 98.16  ? 251  LYS A CG  1 
ATOM   147  C CD  . LYS A 1 20  ? 9.247   11.768  5.694   1.00 99.10  ? 251  LYS A CD  1 
ATOM   148  C CE  . LYS A 1 20  ? 9.238   10.234  5.799   1.00 96.30  ? 251  LYS A CE  1 
ATOM   149  N NZ  . LYS A 1 20  ? 8.264   9.753   6.823   1.00 93.31  ? 251  LYS A NZ  1 
ATOM   150  N N   . THR A 1 21  ? 10.671  16.481  3.597   1.00 119.14 ? 252  THR A N   1 
ATOM   151  C CA  . THR A 1 21  ? 10.369  17.900  3.377   1.00 121.55 ? 252  THR A CA  1 
ATOM   152  C C   . THR A 1 21  ? 11.140  18.512  2.208   1.00 121.83 ? 252  THR A C   1 
ATOM   153  O O   . THR A 1 21  ? 10.658  19.452  1.580   1.00 125.03 ? 252  THR A O   1 
ATOM   154  C CB  . THR A 1 21  ? 10.687  18.760  4.610   1.00 120.23 ? 252  THR A CB  1 
ATOM   155  O OG1 . THR A 1 21  ? 12.109  18.854  4.756   1.00 120.69 ? 252  THR A OG1 1 
ATOM   156  C CG2 . THR A 1 21  ? 10.060  18.177  5.877   1.00 122.06 ? 252  THR A CG2 1 
ATOM   157  N N   . LYS A 1 22  ? 12.346  18.011  1.949   1.00 121.59 ? 253  LYS A N   1 
ATOM   158  C CA  . LYS A 1 22  ? 13.108  18.410  0.771   1.00 132.59 ? 253  LYS A CA  1 
ATOM   159  C C   . LYS A 1 22  ? 12.319  18.139  -0.510  1.00 130.01 ? 253  LYS A C   1 
ATOM   160  O O   . LYS A 1 22  ? 11.898  19.074  -1.192  1.00 133.41 ? 253  LYS A O   1 
ATOM   161  C CB  . LYS A 1 22  ? 14.451  17.686  0.726   1.00 150.44 ? 253  LYS A CB  1 
ATOM   162  N N   . GLN A 1 23  ? 12.104  16.866  -0.839  1.00 127.96 ? 254  GLN A N   1 
ATOM   163  C CA  . GLN A 1 23  ? 11.272  16.525  -2.000  1.00 127.81 ? 254  GLN A CA  1 
ATOM   164  C C   . GLN A 1 23  ? 9.914   15.869  -1.617  1.00 124.45 ? 254  GLN A C   1 
ATOM   165  O O   . GLN A 1 23  ? 9.824   14.638  -1.557  1.00 113.96 ? 254  GLN A O   1 
ATOM   166  C CB  . GLN A 1 23  ? 12.020  15.577  -2.955  1.00 129.15 ? 254  GLN A CB  1 
ATOM   167  C CG  . GLN A 1 23  ? 13.543  15.440  -2.851  1.00 134.47 ? 254  GLN A CG  1 
ATOM   168  C CD  . GLN A 1 23  ? 14.293  16.739  -2.759  1.00 141.60 ? 254  GLN A CD  1 
ATOM   169  O OE1 . GLN A 1 23  ? 13.856  17.773  -3.267  1.00 147.26 ? 254  GLN A OE1 1 
ATOM   170  N NE2 . GLN A 1 23  ? 15.470  16.682  -2.152  1.00 145.25 ? 254  GLN A NE2 1 
ATOM   171  N N   . PRO A 1 24  ? 8.844   16.681  -1.417  1.00 123.72 ? 255  PRO A N   1 
ATOM   172  C CA  . PRO A 1 24  ? 7.495   16.268  -0.973  1.00 120.08 ? 255  PRO A CA  1 
ATOM   173  C C   . PRO A 1 24  ? 6.723   15.499  -2.035  1.00 112.57 ? 255  PRO A C   1 
ATOM   174  O O   . PRO A 1 24  ? 5.629   14.994  -1.790  1.00 107.18 ? 255  PRO A O   1 
ATOM   175  C CB  . PRO A 1 24  ? 6.801   17.601  -0.690  1.00 118.17 ? 255  PRO A CB  1 
ATOM   176  C CG  . PRO A 1 24  ? 7.429   18.519  -1.683  1.00 122.51 ? 255  PRO A CG  1 
ATOM   177  C CD  . PRO A 1 24  ? 8.876   18.112  -1.765  1.00 123.45 ? 255  PRO A CD  1 
ATOM   178  N N   . HIS A 1 25  ? 7.311   15.430  -3.219  1.00 110.97 ? 256  HIS A N   1 
ATOM   179  C CA  . HIS A 1 25  ? 6.687   14.787  -4.352  1.00 111.99 ? 256  HIS A CA  1 
ATOM   180  C C   . HIS A 1 25  ? 7.159   13.340  -4.509  1.00 106.45 ? 256  HIS A C   1 
ATOM   181  O O   . HIS A 1 25  ? 6.796   12.666  -5.464  1.00 104.18 ? 256  HIS A O   1 
ATOM   182  C CB  . HIS A 1 25  ? 6.993   15.581  -5.624  1.00 115.73 ? 256  HIS A CB  1 
ATOM   183  C CG  . HIS A 1 25  ? 8.452   15.878  -5.824  1.00 117.10 ? 256  HIS A CG  1 
ATOM   184  N ND1 . HIS A 1 25  ? 9.115   16.877  -5.142  1.00 123.19 ? 256  HIS A ND1 1 
ATOM   185  C CD2 . HIS A 1 25  ? 9.371   15.313  -6.644  1.00 119.49 ? 256  HIS A CD2 1 
ATOM   186  C CE1 . HIS A 1 25  ? 10.377  16.915  -5.535  1.00 125.25 ? 256  HIS A CE1 1 
ATOM   187  N NE2 . HIS A 1 25  ? 10.559  15.974  -6.444  1.00 120.90 ? 256  HIS A NE2 1 
ATOM   188  N N   . SER A 1 26  ? 7.967   12.874  -3.567  1.00 97.99  ? 257  SER A N   1 
ATOM   189  C CA  . SER A 1 26  ? 8.683   11.626  -3.740  1.00 95.89  ? 257  SER A CA  1 
ATOM   190  C C   . SER A 1 26  ? 8.747   10.825  -2.446  1.00 99.26  ? 257  SER A C   1 
ATOM   191  O O   . SER A 1 26  ? 8.798   11.394  -1.357  1.00 96.42  ? 257  SER A O   1 
ATOM   192  C CB  . SER A 1 26  ? 10.092  11.894  -4.260  1.00 99.93  ? 257  SER A CB  1 
ATOM   193  O OG  . SER A 1 26  ? 10.974  10.838  -3.926  1.00 102.29 ? 257  SER A OG  1 
ATOM   194  N N   . VAL A 1 27  ? 8.718   9.499   -2.576  1.00 100.63 ? 258  VAL A N   1 
ATOM   195  C CA  . VAL A 1 27  ? 8.793   8.614   -1.426  1.00 90.26  ? 258  VAL A CA  1 
ATOM   196  C C   . VAL A 1 27  ? 10.095  7.845   -1.507  1.00 91.12  ? 258  VAL A C   1 
ATOM   197  O O   . VAL A 1 27  ? 10.455  7.352   -2.571  1.00 93.20  ? 258  VAL A O   1 
ATOM   198  C CB  . VAL A 1 27  ? 7.595   7.643   -1.378  1.00 89.88  ? 258  VAL A CB  1 
ATOM   199  C CG1 . VAL A 1 27  ? 7.836   6.506   -0.377  1.00 83.67  ? 258  VAL A CG1 1 
ATOM   200  C CG2 . VAL A 1 27  ? 6.331   8.392   -1.040  1.00 87.59  ? 258  VAL A CG2 1 
ATOM   201  N N   . SER A 1 28  ? 10.819  7.770   -0.398  1.00 89.97  ? 259  SER A N   1 
ATOM   202  C CA  . SER A 1 28  ? 12.015  6.942   -0.350  1.00 90.23  ? 259  SER A CA  1 
ATOM   203  C C   . SER A 1 28  ? 11.906  5.960   0.803   1.00 92.19  ? 259  SER A C   1 
ATOM   204  O O   . SER A 1 28  ? 11.820  6.354   1.972   1.00 91.98  ? 259  SER A O   1 
ATOM   205  C CB  . SER A 1 28  ? 13.275  7.792   -0.215  1.00 93.87  ? 259  SER A CB  1 
ATOM   206  O OG  . SER A 1 28  ? 13.272  8.483   1.015   1.00 106.78 ? 259  SER A OG  1 
ATOM   207  N N   . TYR A 1 29  ? 11.885  4.679   0.449   1.00 80.76  ? 260  TYR A N   1 
ATOM   208  C CA  . TYR A 1 29  ? 11.692  3.599   1.388   1.00 83.91  ? 260  TYR A CA  1 
ATOM   209  C C   . TYR A 1 29  ? 12.874  3.472   2.337   1.00 84.78  ? 260  TYR A C   1 
ATOM   210  O O   . TYR A 1 29  ? 14.028  3.581   1.925   1.00 82.17  ? 260  TYR A O   1 
ATOM   211  C CB  . TYR A 1 29  ? 11.469  2.281   0.611   1.00 76.65  ? 260  TYR A CB  1 
ATOM   212  C CG  . TYR A 1 29  ? 10.262  2.378   -0.286  1.00 77.65  ? 260  TYR A CG  1 
ATOM   213  C CD1 . TYR A 1 29  ? 8.986   2.520   0.269   1.00 73.81  ? 260  TYR A CD1 1 
ATOM   214  C CD2 . TYR A 1 29  ? 10.381  2.336   -1.676  1.00 71.01  ? 260  TYR A CD2 1 
ATOM   215  C CE1 . TYR A 1 29  ? 7.867   2.630   -0.525  1.00 76.19  ? 260  TYR A CE1 1 
ATOM   216  C CE2 . TYR A 1 29  ? 9.260   2.444   -2.491  1.00 66.18  ? 260  TYR A CE2 1 
ATOM   217  C CZ  . TYR A 1 29  ? 8.000   2.594   -1.900  1.00 77.30  ? 260  TYR A CZ  1 
ATOM   218  O OH  . TYR A 1 29  ? 6.850   2.720   -2.658  1.00 73.23  ? 260  TYR A OH  1 
ATOM   219  N N   . THR A 1 30  ? 12.580  3.217   3.607   1.00 86.09  ? 261  THR A N   1 
ATOM   220  C CA  . THR A 1 30  ? 13.626  3.034   4.609   1.00 78.56  ? 261  THR A CA  1 
ATOM   221  C C   . THR A 1 30  ? 14.472  1.810   4.286   1.00 86.89  ? 261  THR A C   1 
ATOM   222  O O   . THR A 1 30  ? 15.688  1.843   4.423   1.00 87.60  ? 261  THR A O   1 
ATOM   223  C CB  . THR A 1 30  ? 13.028  2.888   6.021   1.00 84.99  ? 261  THR A CB  1 
ATOM   224  O OG1 . THR A 1 30  ? 12.131  3.980   6.282   1.00 82.79  ? 261  THR A OG1 1 
ATOM   225  C CG2 . THR A 1 30  ? 14.129  2.849   7.082   1.00 85.17  ? 261  THR A CG2 1 
ATOM   226  N N   . LYS A 1 31  ? 13.824  0.722   3.867   1.00 88.16  ? 262  LYS A N   1 
ATOM   227  C CA  . LYS A 1 31  ? 14.544  -0.454  3.380   1.00 86.52  ? 262  LYS A CA  1 
ATOM   228  C C   . LYS A 1 31  ? 14.051  -0.771  1.972   1.00 88.35  ? 262  LYS A C   1 
ATOM   229  O O   . LYS A 1 31  ? 12.961  -0.340  1.580   1.00 86.30  ? 262  LYS A O   1 
ATOM   230  C CB  . LYS A 1 31  ? 14.366  -1.651  4.320   1.00 81.52  ? 262  LYS A CB  1 
ATOM   231  C CG  . LYS A 1 31  ? 15.010  -1.418  5.682   1.00 90.65  ? 262  LYS A CG  1 
ATOM   232  C CD  . LYS A 1 31  ? 15.095  -2.694  6.501   1.00 97.17  ? 262  LYS A CD  1 
ATOM   233  C CE  . LYS A 1 31  ? 15.000  -2.376  7.998   1.00 100.47 ? 262  LYS A CE  1 
ATOM   234  N NZ  . LYS A 1 31  ? 14.504  -3.540  8.810   1.00 89.56  ? 262  LYS A NZ  1 
ATOM   235  N N   . PRO A 1 32  ? 14.856  -1.504  1.191   1.00 89.23  ? 263  PRO A N   1 
ATOM   236  C CA  . PRO A 1 32  ? 14.470  -1.685  -0.212  1.00 88.36  ? 263  PRO A CA  1 
ATOM   237  C C   . PRO A 1 32  ? 13.143  -2.439  -0.361  1.00 88.53  ? 263  PRO A C   1 
ATOM   238  O O   . PRO A 1 32  ? 12.811  -3.280  0.469   1.00 83.85  ? 263  PRO A O   1 
ATOM   239  C CB  . PRO A 1 32  ? 15.632  -2.494  -0.792  1.00 91.38  ? 263  PRO A CB  1 
ATOM   240  C CG  . PRO A 1 32  ? 16.774  -2.276  0.161   1.00 89.15  ? 263  PRO A CG  1 
ATOM   241  C CD  . PRO A 1 32  ? 16.128  -2.179  1.500   1.00 91.11  ? 263  PRO A CD  1 
ATOM   242  N N   . MET A 1 33  ? 12.389  -2.071  -1.392  1.00 85.30  ? 264  MET A N   1 
ATOM   243  C CA  . MET A 1 33  ? 11.110  -2.645  -1.714  1.00 84.05  ? 264  MET A CA  1 
ATOM   244  C C   . MET A 1 33  ? 11.254  -3.244  -3.102  1.00 94.50  ? 264  MET A C   1 
ATOM   245  O O   . MET A 1 33  ? 12.138  -2.819  -3.852  1.00 89.90  ? 264  MET A O   1 
ATOM   246  C CB  . MET A 1 33  ? 9.987   -1.595  -1.680  1.00 81.42  ? 264  MET A CB  1 
ATOM   247  C CG  . MET A 1 33  ? 9.762   -0.921  -0.335  1.00 87.35  ? 264  MET A CG  1 
ATOM   248  S SD  . MET A 1 33  ? 9.008   -1.983  0.926   1.00 86.15  ? 264  MET A SD  1 
ATOM   249  C CE  . MET A 1 33  ? 7.800   -2.787  -0.064  1.00 95.75  ? 264  MET A CE  1 
ATOM   250  N N   . PRO A 1 34  ? 10.412  -4.243  -3.443  1.00 85.79  ? 265  PRO A N   1 
ATOM   251  C CA  . PRO A 1 34  ? 10.513  -4.900  -4.749  1.00 87.74  ? 265  PRO A CA  1 
ATOM   252  C C   . PRO A 1 34  ? 10.167  -3.949  -5.885  1.00 93.53  ? 265  PRO A C   1 
ATOM   253  O O   . PRO A 1 34  ? 9.355   -3.041  -5.693  1.00 89.04  ? 265  PRO A O   1 
ATOM   254  C CB  . PRO A 1 34  ? 9.468   -6.035  -4.672  1.00 92.36  ? 265  PRO A CB  1 
ATOM   255  C CG  . PRO A 1 34  ? 9.132   -6.184  -3.236  1.00 88.64  ? 265  PRO A CG  1 
ATOM   256  C CD  . PRO A 1 34  ? 9.331   -4.808  -2.626  1.00 87.71  ? 265  PRO A CD  1 
ATOM   257  N N   . GLU A 1 35  ? 10.763  -4.169  -7.053  1.00 99.89  ? 266  GLU A N   1 
ATOM   258  C CA  . GLU A 1 35  ? 10.441  -3.391  -8.242  1.00 104.29 ? 266  GLU A CA  1 
ATOM   259  C C   . GLU A 1 35  ? 8.970   -3.563  -8.578  1.00 99.71  ? 266  GLU A C   1 
ATOM   260  O O   . GLU A 1 35  ? 8.422   -4.640  -8.411  1.00 103.29 ? 266  GLU A O   1 
ATOM   261  C CB  . GLU A 1 35  ? 11.317  -3.819  -9.424  1.00 108.54 ? 266  GLU A CB  1 
ATOM   262  C CG  . GLU A 1 35  ? 12.793  -3.504  -9.255  1.00 108.63 ? 266  GLU A CG  1 
ATOM   263  C CD  . GLU A 1 35  ? 13.042  -2.017  -9.101  1.00 120.88 ? 266  GLU A CD  1 
ATOM   264  O OE1 . GLU A 1 35  ? 12.326  -1.230  -9.761  1.00 124.88 ? 266  GLU A OE1 1 
ATOM   265  O OE2 . GLU A 1 35  ? 13.945  -1.631  -8.321  1.00 126.20 ? 266  GLU A OE2 1 
ATOM   266  N N   . ILE A 1 36  ? 8.328   -2.501  -9.043  1.00 103.46 ? 267  ILE A N   1 
ATOM   267  C CA  . ILE A 1 36  ? 6.904   -2.560  -9.327  1.00 98.29  ? 267  ILE A CA  1 
ATOM   268  C C   . ILE A 1 36  ? 6.595   -3.565  -10.421 1.00 105.03 ? 267  ILE A C   1 
ATOM   269  O O   . ILE A 1 36  ? 5.639   -4.344  -10.298 1.00 107.05 ? 267  ILE A O   1 
ATOM   270  C CB  . ILE A 1 36  ? 6.349   -1.186  -9.739  1.00 98.46  ? 267  ILE A CB  1 
ATOM   271  C CG1 . ILE A 1 36  ? 6.289   -0.261  -8.518  1.00 92.38  ? 267  ILE A CG1 1 
ATOM   272  C CG2 . ILE A 1 36  ? 4.964   -1.321  -10.375 1.00 89.39  ? 267  ILE A CG2 1 
ATOM   273  C CD1 . ILE A 1 36  ? 5.425   -0.792  -7.403  1.00 88.59  ? 267  ILE A CD1 1 
ATOM   274  N N   . ASP A 1 37  ? 7.396   -3.577  -11.483 1.00 108.63 ? 268  ASP A N   1 
ATOM   275  C CA  . ASP A 1 37  ? 7.063   -4.431  -12.622 1.00 112.61 ? 268  ASP A CA  1 
ATOM   276  C C   . ASP A 1 37  ? 7.200   -5.920  -12.270 1.00 110.17 ? 268  ASP A C   1 
ATOM   277  O O   . ASP A 1 37  ? 6.550   -6.764  -12.884 1.00 110.96 ? 268  ASP A O   1 
ATOM   278  C CB  . ASP A 1 37  ? 7.903   -4.063  -13.866 1.00 120.53 ? 268  ASP A CB  1 
ATOM   279  C CG  . ASP A 1 37  ? 9.405   -4.260  -13.671 1.00 128.70 ? 268  ASP A CG  1 
ATOM   280  O OD1 . ASP A 1 37  ? 9.825   -4.849  -12.650 1.00 137.82 ? 268  ASP A OD1 1 
ATOM   281  O OD2 . ASP A 1 37  ? 10.173  -3.821  -14.562 1.00 131.40 ? 268  ASP A OD2 1 
ATOM   282  N N   . GLU A 1 38  ? 8.013   -6.236  -11.264 1.00 106.04 ? 269  GLU A N   1 
ATOM   283  C CA  . GLU A 1 38  ? 8.132   -7.611  -10.805 1.00 105.22 ? 269  GLU A CA  1 
ATOM   284  C C   . GLU A 1 38  ? 6.863   -8.008  -10.056 1.00 104.42 ? 269  GLU A C   1 
ATOM   285  O O   . GLU A 1 38  ? 6.384   -9.140  -10.172 1.00 108.29 ? 269  GLU A O   1 
ATOM   286  C CB  . GLU A 1 38  ? 9.368   -7.798  -9.921  1.00 108.38 ? 269  GLU A CB  1 
ATOM   287  C CG  . GLU A 1 38  ? 9.183   -8.814  -8.789  1.00 114.43 ? 269  GLU A CG  1 
ATOM   288  C CD  . GLU A 1 38  ? 10.433  -8.990  -7.926  1.00 127.57 ? 269  GLU A CD  1 
ATOM   289  O OE1 . GLU A 1 38  ? 11.381  -8.174  -8.054  1.00 127.46 ? 269  GLU A OE1 1 
ATOM   290  O OE2 . GLU A 1 38  ? 10.460  -9.949  -7.116  1.00 132.59 ? 269  GLU A OE2 1 
ATOM   291  N N   . LEU A 1 39  ? 6.296   -7.062  -9.314  1.00 100.81 ? 270  LEU A N   1 
ATOM   292  C CA  . LEU A 1 39  ? 5.040   -7.289  -8.609  1.00 97.60  ? 270  LEU A CA  1 
ATOM   293  C C   . LEU A 1 39  ? 3.866   -7.406  -9.584  1.00 97.47  ? 270  LEU A C   1 
ATOM   294  O O   . LEU A 1 39  ? 2.740   -7.712  -9.190  1.00 87.58  ? 270  LEU A O   1 
ATOM   295  C CB  . LEU A 1 39  ? 4.780   -6.162  -7.602  1.00 91.06  ? 270  LEU A CB  1 
ATOM   296  C CG  . LEU A 1 39  ? 5.810   -6.047  -6.483  1.00 91.55  ? 270  LEU A CG  1 
ATOM   297  C CD1 . LEU A 1 39  ? 5.615   -4.770  -5.663  1.00 89.36  ? 270  LEU A CD1 1 
ATOM   298  C CD2 . LEU A 1 39  ? 5.738   -7.268  -5.609  1.00 78.93  ? 270  LEU A CD2 1 
ATOM   299  N N   . MET A 1 40  ? 4.129   -7.156  -10.860 1.00 101.23 ? 271  MET A N   1 
ATOM   300  C CA  . MET A 1 40  ? 3.078   -7.206  -11.864 1.00 102.18 ? 271  MET A CA  1 
ATOM   301  C C   . MET A 1 40  ? 3.044   -8.544  -12.616 1.00 103.16 ? 271  MET A C   1 
ATOM   302  O O   . MET A 1 40  ? 2.128   -8.781  -13.403 1.00 102.85 ? 271  MET A O   1 
ATOM   303  C CB  . MET A 1 40  ? 3.243   -6.048  -12.845 1.00 104.52 ? 271  MET A CB  1 
ATOM   304  C CG  . MET A 1 40  ? 3.224   -4.692  -12.192 1.00 101.36 ? 271  MET A CG  1 
ATOM   305  S SD  . MET A 1 40  ? 3.615   -3.392  -13.351 1.00 110.60 ? 271  MET A SD  1 
ATOM   306  C CE  . MET A 1 40  ? 2.023   -2.698  -13.742 1.00 97.67  ? 271  MET A CE  1 
ATOM   307  N N   . GLN A 1 41  ? 4.037   -9.405  -12.372 1.00 103.82 ? 272  GLN A N   1 
ATOM   308  C CA  . GLN A 1 41  ? 4.053   -10.779 -12.895 1.00 105.50 ? 272  GLN A CA  1 
ATOM   309  C C   . GLN A 1 41  ? 2.725   -11.451 -12.560 1.00 105.13 ? 272  GLN A C   1 
ATOM   310  O O   . GLN A 1 41  ? 2.131   -11.151 -11.521 1.00 103.88 ? 272  GLN A O   1 
ATOM   311  C CB  . GLN A 1 41  ? 5.249   -11.555 -12.306 1.00 107.93 ? 272  GLN A CB  1 
ATOM   312  C CG  . GLN A 1 41  ? 5.203   -13.110 -12.260 1.00 137.82 ? 272  GLN A CG  1 
ATOM   313  C CD  . GLN A 1 41  ? 4.991   -13.808 -13.616 1.00 138.72 ? 272  GLN A CD  1 
ATOM   314  O OE1 . GLN A 1 41  ? 3.924   -14.370 -13.891 1.00 135.36 ? 272  GLN A OE1 1 
ATOM   315  N NE2 . GLN A 1 41  ? 6.029   -13.794 -14.454 1.00 135.86 ? 272  GLN A NE2 1 
ATOM   316  N N   . GLU A 1 42  ? 2.244   -12.315 -13.458 1.00 106.48 ? 273  GLU A N   1 
ATOM   317  C CA  . GLU A 1 42  ? 1.037   -13.103 -13.225 1.00 99.79  ? 273  GLU A CA  1 
ATOM   318  C C   . GLU A 1 42  ? 1.253   -14.085 -12.077 1.00 95.90  ? 273  GLU A C   1 
ATOM   319  O O   . GLU A 1 42  ? 2.388   -14.394 -11.710 1.00 92.75  ? 273  GLU A O   1 
ATOM   320  C CB  . GLU A 1 42  ? 0.619   -13.866 -14.492 1.00 106.15 ? 273  GLU A CB  1 
ATOM   321  N N   . TRP A 1 43  ? 0.167   -14.561 -11.487 1.00 92.28  ? 274  TRP A N   1 
ATOM   322  C CA  . TRP A 1 43  ? 0.295   -15.567 -10.444 1.00 93.66  ? 274  TRP A CA  1 
ATOM   323  C C   . TRP A 1 43  ? 0.916   -16.837 -10.998 1.00 101.74 ? 274  TRP A C   1 
ATOM   324  O O   . TRP A 1 43  ? 0.480   -17.337 -12.044 1.00 104.77 ? 274  TRP A O   1 
ATOM   325  C CB  . TRP A 1 43  ? -1.068  -15.900 -9.842  1.00 94.70  ? 274  TRP A CB  1 
ATOM   326  C CG  . TRP A 1 43  ? -1.702  -14.765 -9.136  1.00 94.18  ? 274  TRP A CG  1 
ATOM   327  C CD1 . TRP A 1 43  ? -2.831  -14.093 -9.506  1.00 94.17  ? 274  TRP A CD1 1 
ATOM   328  C CD2 . TRP A 1 43  ? -1.240  -14.147 -7.925  1.00 92.74  ? 274  TRP A CD2 1 
ATOM   329  N NE1 . TRP A 1 43  ? -3.104  -13.089 -8.594  1.00 96.06  ? 274  TRP A NE1 1 
ATOM   330  C CE2 . TRP A 1 43  ? -2.143  -13.106 -7.620  1.00 93.32  ? 274  TRP A CE2 1 
ATOM   331  C CE3 . TRP A 1 43  ? -0.152  -14.371 -7.077  1.00 90.41  ? 274  TRP A CE3 1 
ATOM   332  C CZ2 . TRP A 1 43  ? -1.995  -12.312 -6.490  1.00 85.77  ? 274  TRP A CZ2 1 
ATOM   333  C CZ3 . TRP A 1 43  ? -0.013  -13.589 -5.967  1.00 82.74  ? 274  TRP A CZ3 1 
ATOM   334  C CH2 . TRP A 1 43  ? -0.927  -12.567 -5.680  1.00 85.71  ? 274  TRP A CH2 1 
ATOM   335  N N   . PRO A 1 44  ? 1.942   -17.362 -10.315 1.00 99.24  ? 275  PRO A N   1 
ATOM   336  C CA  . PRO A 1 44  ? 2.283   -18.762 -10.590 1.00 97.26  ? 275  PRO A CA  1 
ATOM   337  C C   . PRO A 1 44  ? 1.038   -19.611 -10.342 1.00 97.69  ? 275  PRO A C   1 
ATOM   338  O O   . PRO A 1 44  ? 0.287   -19.313 -9.404  1.00 95.15  ? 275  PRO A O   1 
ATOM   339  C CB  . PRO A 1 44  ? 3.410   -19.074 -9.599  1.00 99.08  ? 275  PRO A CB  1 
ATOM   340  C CG  . PRO A 1 44  ? 3.426   -17.901 -8.623  1.00 98.93  ? 275  PRO A CG  1 
ATOM   341  C CD  . PRO A 1 44  ? 2.845   -16.731 -9.342  1.00 91.58  ? 275  PRO A CD  1 
ATOM   342  N N   . GLN A 1 45  ? 0.811   -20.635 -11.168 1.00 101.61 ? 276  GLN A N   1 
ATOM   343  C CA  . GLN A 1 45  ? -0.479  -21.328 -11.186 1.00 94.41  ? 276  GLN A CA  1 
ATOM   344  C C   . GLN A 1 45  ? -0.878  -21.962 -9.855  1.00 92.61  ? 276  GLN A C   1 
ATOM   345  O O   . GLN A 1 45  ? -2.065  -22.005 -9.508  1.00 90.62  ? 276  GLN A O   1 
ATOM   346  C CB  . GLN A 1 45  ? -0.486  -22.396 -12.276 1.00 104.40 ? 276  GLN A CB  1 
ATOM   347  C CG  . GLN A 1 45  ? -1.822  -23.111 -12.395 1.00 109.16 ? 276  GLN A CG  1 
ATOM   348  C CD  . GLN A 1 45  ? -1.887  -24.027 -13.586 1.00 121.68 ? 276  GLN A CD  1 
ATOM   349  O OE1 . GLN A 1 45  ? -0.859  -24.388 -14.160 1.00 123.90 ? 276  GLN A OE1 1 
ATOM   350  N NE2 . GLN A 1 45  ? -3.100  -24.415 -13.970 1.00 132.94 ? 276  GLN A NE2 1 
ATOM   351  N N   . GLU A 1 46  ? 0.095   -22.470 -9.112  1.00 90.95  ? 277  GLU A N   1 
ATOM   352  C CA  . GLU A 1 46  ? -0.211  -23.059 -7.812  1.00 96.33  ? 277  GLU A CA  1 
ATOM   353  C C   . GLU A 1 46  ? -0.812  -22.017 -6.872  1.00 96.18  ? 277  GLU A C   1 
ATOM   354  O O   . GLU A 1 46  ? -1.845  -22.251 -6.242  1.00 99.59  ? 277  GLU A O   1 
ATOM   355  C CB  . GLU A 1 46  ? 1.041   -23.667 -7.181  1.00 102.69 ? 277  GLU A CB  1 
ATOM   356  C CG  . GLU A 1 46  ? 1.684   -24.801 -7.984  1.00 108.72 ? 277  GLU A CG  1 
ATOM   357  C CD  . GLU A 1 46  ? 2.646   -24.295 -9.061  1.00 111.61 ? 277  GLU A CD  1 
ATOM   358  O OE1 . GLU A 1 46  ? 2.526   -23.119 -9.500  1.00 100.92 ? 277  GLU A OE1 1 
ATOM   359  O OE2 . GLU A 1 46  ? 3.537   -25.082 -9.458  1.00 115.58 ? 277  GLU A OE2 1 
ATOM   360  N N   . ILE A 1 47  ? -0.169  -20.856 -6.801  1.00 93.20  ? 278  ILE A N   1 
ATOM   361  C CA  . ILE A 1 47  ? -0.643  -19.764 -5.958  1.00 87.16  ? 278  ILE A CA  1 
ATOM   362  C C   . ILE A 1 47  ? -2.013  -19.267 -6.431  1.00 87.64  ? 278  ILE A C   1 
ATOM   363  O O   . ILE A 1 47  ? -2.930  -19.117 -5.617  1.00 85.85  ? 278  ILE A O   1 
ATOM   364  C CB  . ILE A 1 47  ? 0.397   -18.628 -5.923  1.00 91.96  ? 278  ILE A CB  1 
ATOM   365  C CG1 . ILE A 1 47  ? 1.666   -19.133 -5.239  1.00 88.70  ? 278  ILE A CG1 1 
ATOM   366  C CG2 . ILE A 1 47  ? -0.134  -17.393 -5.200  1.00 85.55  ? 278  ILE A CG2 1 
ATOM   367  C CD1 . ILE A 1 47  ? 2.715   -18.086 -5.135  1.00 85.99  ? 278  ILE A CD1 1 
ATOM   368  N N   . GLU A 1 48  ? -2.176  -19.068 -7.739  1.00 87.07  ? 279  GLU A N   1 
ATOM   369  C CA  . GLU A 1 48  ? -3.476  -18.660 -8.280  1.00 87.58  ? 279  GLU A CA  1 
ATOM   370  C C   . GLU A 1 48  ? -4.567  -19.614 -7.854  1.00 94.00  ? 279  GLU A C   1 
ATOM   371  O O   . GLU A 1 48  ? -5.713  -19.227 -7.600  1.00 94.20  ? 279  GLU A O   1 
ATOM   372  C CB  . GLU A 1 48  ? -3.440  -18.590 -9.808  1.00 86.95  ? 279  GLU A CB  1 
ATOM   373  C CG  . GLU A 1 48  ? -4.798  -18.290 -10.428 1.00 84.54  ? 279  GLU A CG  1 
ATOM   374  C CD  . GLU A 1 48  ? -4.696  -17.672 -11.817 1.00 99.34  ? 279  GLU A CD  1 
ATOM   375  O OE1 . GLU A 1 48  ? -3.551  -17.470 -12.300 1.00 103.95 ? 279  GLU A OE1 1 
ATOM   376  O OE2 . GLU A 1 48  ? -5.762  -17.372 -12.415 1.00 99.28  ? 279  GLU A OE2 1 
ATOM   377  N N   . GLU A 1 49  ? -4.196  -20.884 -7.778  1.00 95.68  ? 280  GLU A N   1 
ATOM   378  C CA  . GLU A 1 49  ? -5.151  -21.921 -7.487  1.00 96.11  ? 280  GLU A CA  1 
ATOM   379  C C   . GLU A 1 49  ? -5.459  -21.943 -5.995  1.00 95.44  ? 280  GLU A C   1 
ATOM   380  O O   . GLU A 1 49  ? -6.586  -22.232 -5.598  1.00 97.06  ? 280  GLU A O   1 
ATOM   381  C CB  . GLU A 1 49  ? -4.610  -23.252 -7.969  1.00 102.61 ? 280  GLU A CB  1 
ATOM   382  C CG  . GLU A 1 49  ? -5.421  -24.443 -7.584  1.00 105.21 ? 280  GLU A CG  1 
ATOM   383  C CD  . GLU A 1 49  ? -4.533  -25.652 -7.472  1.00 113.70 ? 280  GLU A CD  1 
ATOM   384  O OE1 . GLU A 1 49  ? -3.936  -26.032 -8.504  1.00 123.83 ? 280  GLU A OE1 1 
ATOM   385  O OE2 . GLU A 1 49  ? -4.381  -26.181 -6.350  1.00 113.41 ? 280  GLU A OE2 1 
ATOM   386  N N   . ILE A 1 50  ? -4.470  -21.613 -5.169  1.00 93.24  ? 281  ILE A N   1 
ATOM   387  C CA  . ILE A 1 50  ? -4.724  -21.460 -3.736  1.00 91.46  ? 281  ILE A CA  1 
ATOM   388  C C   . ILE A 1 50  ? -5.626  -20.263 -3.474  1.00 92.95  ? 281  ILE A C   1 
ATOM   389  O O   . ILE A 1 50  ? -6.437  -20.260 -2.540  1.00 93.48  ? 281  ILE A O   1 
ATOM   390  C CB  . ILE A 1 50  ? -3.432  -21.277 -2.934  1.00 89.10  ? 281  ILE A CB  1 
ATOM   391  C CG1 . ILE A 1 50  ? -2.466  -22.425 -3.221  1.00 86.65  ? 281  ILE A CG1 1 
ATOM   392  C CG2 . ILE A 1 50  ? -3.737  -21.173 -1.441  1.00 77.82  ? 281  ILE A CG2 1 
ATOM   393  C CD1 . ILE A 1 50  ? -1.243  -22.407 -2.336  1.00 82.18  ? 281  ILE A CD1 1 
ATOM   394  N N   . LEU A 1 51  ? -5.482  -19.249 -4.320  1.00 92.47  ? 282  LEU A N   1 
ATOM   395  C CA  . LEU A 1 51  ? -6.181  -17.984 -4.116  1.00 94.89  ? 282  LEU A CA  1 
ATOM   396  C C   . LEU A 1 51  ? -7.651  -18.052 -4.506  1.00 97.10  ? 282  LEU A C   1 
ATOM   397  O O   . LEU A 1 51  ? -8.447  -17.240 -4.036  1.00 94.06  ? 282  LEU A O   1 
ATOM   398  C CB  . LEU A 1 51  ? -5.486  -16.871 -4.895  1.00 89.16  ? 282  LEU A CB  1 
ATOM   399  C CG  . LEU A 1 51  ? -4.230  -16.318 -4.225  1.00 87.35  ? 282  LEU A CG  1 
ATOM   400  C CD1 . LEU A 1 51  ? -3.327  -15.695 -5.274  1.00 87.09  ? 282  LEU A CD1 1 
ATOM   401  C CD2 . LEU A 1 51  ? -4.598  -15.300 -3.144  1.00 85.55  ? 282  LEU A CD2 1 
ATOM   402  N N   . GLN A 1 52  ? -8.021  -19.020 -5.347  1.00 99.06  ? 283  GLN A N   1 
ATOM   403  C CA  . GLN A 1 52  ? -9.421  -19.167 -5.742  1.00 95.27  ? 283  GLN A CA  1 
ATOM   404  C C   . GLN A 1 52  ? -10.248 -19.504 -4.507  1.00 92.71  ? 283  GLN A C   1 
ATOM   405  O O   . GLN A 1 52  ? -11.453 -19.265 -4.463  1.00 97.93  ? 283  GLN A O   1 
ATOM   406  C CB  . GLN A 1 52  ? -9.588  -20.240 -6.827  1.00 97.20  ? 283  GLN A CB  1 
ATOM   407  N N   . HIS A 1 53  ? -9.579  -20.021 -3.486  1.00 91.25  ? 284  HIS A N   1 
ATOM   408  C CA  . HIS A 1 53  ? -10.263 -20.572 -2.329  1.00 94.97  ? 284  HIS A CA  1 
ATOM   409  C C   . HIS A 1 53  ? -10.024 -19.769 -1.067  1.00 99.03  ? 284  HIS A C   1 
ATOM   410  O O   . HIS A 1 53  ? -10.669 -19.997 -0.050  1.00 103.30 ? 284  HIS A O   1 
ATOM   411  C CB  . HIS A 1 53  ? -9.829  -22.023 -2.130  1.00 95.70  ? 284  HIS A CB  1 
ATOM   412  C CG  . HIS A 1 53  ? -9.847  -22.815 -3.402  1.00 101.72 ? 284  HIS A CG  1 
ATOM   413  N ND1 . HIS A 1 53  ? -8.701  -23.306 -3.994  1.00 102.42 ? 284  HIS A ND1 1 
ATOM   414  C CD2 . HIS A 1 53  ? -10.870 -23.143 -4.226  1.00 93.69  ? 284  HIS A CD2 1 
ATOM   415  C CE1 . HIS A 1 53  ? -9.023  -23.931 -5.115  1.00 99.88  ? 284  HIS A CE1 1 
ATOM   416  N NE2 . HIS A 1 53  ? -10.331 -23.844 -5.277  1.00 101.08 ? 284  HIS A NE2 1 
ATOM   417  N N   . LEU A 1 54  ? -9.090  -18.832 -1.122  1.00 102.15 ? 285  LEU A N   1 
ATOM   418  C CA  . LEU A 1 54  ? -8.934  -17.888 -0.029  1.00 100.83 ? 285  LEU A CA  1 
ATOM   419  C C   . LEU A 1 54  ? -10.048 -16.850 -0.099  1.00 104.31 ? 285  LEU A C   1 
ATOM   420  O O   . LEU A 1 54  ? -10.088 -16.034 -1.020  1.00 108.01 ? 285  LEU A O   1 
ATOM   421  C CB  . LEU A 1 54  ? -7.567  -17.214 -0.090  1.00 101.92 ? 285  LEU A CB  1 
ATOM   422  C CG  . LEU A 1 54  ? -7.336  -16.074 0.909   1.00 107.42 ? 285  LEU A CG  1 
ATOM   423  C CD1 . LEU A 1 54  ? -7.413  -16.580 2.350   1.00 109.80 ? 285  LEU A CD1 1 
ATOM   424  C CD2 . LEU A 1 54  ? -6.005  -15.413 0.636   1.00 88.90  ? 285  LEU A CD2 1 
ATOM   425  N N   . LYS A 1 55  ? -10.970 -16.889 0.853   1.00 104.02 ? 286  LYS A N   1 
ATOM   426  C CA  . LYS A 1 55  ? -12.031 -15.892 0.878   1.00 114.50 ? 286  LYS A CA  1 
ATOM   427  C C   . LYS A 1 55  ? -11.586 -14.713 1.762   1.00 119.98 ? 286  LYS A C   1 
ATOM   428  O O   . LYS A 1 55  ? -11.090 -14.920 2.874   1.00 122.18 ? 286  LYS A O   1 
ATOM   429  C CB  . LYS A 1 55  ? -13.341 -16.515 1.372   1.00 115.01 ? 286  LYS A CB  1 
ATOM   430  N N   . ILE A 1 56  ? -11.733 -13.487 1.264   1.00 122.11 ? 287  ILE A N   1 
ATOM   431  C CA  . ILE A 1 56  ? -11.200 -12.311 1.967   1.00 126.24 ? 287  ILE A CA  1 
ATOM   432  C C   . ILE A 1 56  ? -11.901 -12.047 3.304   1.00 132.02 ? 287  ILE A C   1 
ATOM   433  O O   . ILE A 1 56  ? -13.067 -11.650 3.334   1.00 134.57 ? 287  ILE A O   1 
ATOM   434  C CB  . ILE A 1 56  ? -11.299 -11.040 1.110   1.00 118.49 ? 287  ILE A CB  1 
ATOM   435  C CG1 . ILE A 1 56  ? -10.579 -11.239 -0.221  1.00 115.16 ? 287  ILE A CG1 1 
ATOM   436  C CG2 . ILE A 1 56  ? -10.708 -9.873  1.847   1.00 120.92 ? 287  ILE A CG2 1 
ATOM   437  C CD1 . ILE A 1 56  ? -9.156  -11.701 -0.071  1.00 105.21 ? 287  ILE A CD1 1 
ATOM   438  N N   . PRO A 1 57  ? -11.174 -12.253 4.413   1.00 136.08 ? 288  PRO A N   1 
ATOM   439  C CA  . PRO A 1 57  ? -11.629 -12.185 5.803   1.00 133.57 ? 288  PRO A CA  1 
ATOM   440  C C   . PRO A 1 57  ? -11.496 -10.776 6.364   1.00 133.49 ? 288  PRO A C   1 
ATOM   441  O O   . PRO A 1 57  ? -10.911 -10.563 7.430   1.00 129.15 ? 288  PRO A O   1 
ATOM   442  C CB  . PRO A 1 57  ? -10.688 -13.152 6.522   1.00 133.76 ? 288  PRO A CB  1 
ATOM   443  C CG  . PRO A 1 57  ? -9.597  -13.472 5.511   1.00 130.60 ? 288  PRO A CG  1 
ATOM   444  C CD  . PRO A 1 57  ? -9.739  -12.538 4.369   1.00 134.07 ? 288  PRO A CD  1 
ATOM   445  N N   . SER A 1 58  ? -12.051 -9.824  5.623   1.00 128.45 ? 289  SER A N   1 
ATOM   446  C CA  . SER A 1 58  ? -12.166 -8.441  6.055   1.00 127.78 ? 289  SER A CA  1 
ATOM   447  C C   . SER A 1 58  ? -12.884 -8.341  7.400   1.00 134.80 ? 289  SER A C   1 
ATOM   448  O O   . SER A 1 58  ? -12.730 -7.361  8.128   1.00 129.99 ? 289  SER A O   1 
ATOM   449  C CB  . SER A 1 58  ? -12.905 -7.617  4.986   1.00 127.43 ? 289  SER A CB  1 
ATOM   450  O OG  . SER A 1 58  ? -13.551 -6.472  5.526   1.00 120.84 ? 289  SER A OG  1 
ATOM   451  N N   . GLU A 1 59  ? -13.645 -9.377  7.732   1.00 141.04 ? 290  GLU A N   1 
ATOM   452  C CA  . GLU A 1 59  ? -14.526 -9.352  8.889   1.00 144.61 ? 290  GLU A CA  1 
ATOM   453  C C   . GLU A 1 59  ? -13.945 -9.997  10.141  1.00 149.13 ? 290  GLU A C   1 
ATOM   454  O O   . GLU A 1 59  ? -14.580 -9.946  11.194  1.00 155.63 ? 290  GLU A O   1 
ATOM   455  C CB  . GLU A 1 59  ? -15.844 -10.047 8.554   1.00 144.91 ? 290  GLU A CB  1 
ATOM   456  C CG  . GLU A 1 59  ? -16.415 -9.673  7.206   1.00 146.51 ? 290  GLU A CG  1 
ATOM   457  C CD  . GLU A 1 59  ? -16.917 -10.882 6.441   1.00 159.73 ? 290  GLU A CD  1 
ATOM   458  O OE1 . GLU A 1 59  ? -17.607 -11.736 7.050   1.00 164.60 ? 290  GLU A OE1 1 
ATOM   459  O OE2 . GLU A 1 59  ? -16.598 -10.988 5.235   1.00 159.46 ? 290  GLU A OE2 1 
ATOM   460  N N   . GLU A 1 60  ? -12.770 -10.616 10.041  1.00 147.44 ? 291  GLU A N   1 
ATOM   461  C CA  . GLU A 1 60  ? -12.229 -11.339 11.193  1.00 157.70 ? 291  GLU A CA  1 
ATOM   462  C C   . GLU A 1 60  ? -12.068 -10.430 12.403  1.00 165.57 ? 291  GLU A C   1 
ATOM   463  O O   . GLU A 1 60  ? -11.396 -9.412  12.327  1.00 157.82 ? 291  GLU A O   1 
ATOM   464  C CB  . GLU A 1 60  ? -10.899 -12.002 10.854  1.00 155.59 ? 291  GLU A CB  1 
ATOM   465  C CG  . GLU A 1 60  ? -11.041 -13.402 10.310  1.00 151.68 ? 291  GLU A CG  1 
ATOM   466  C CD  . GLU A 1 60  ? -12.333 -14.059 10.758  1.00 153.18 ? 291  GLU A CD  1 
ATOM   467  O OE1 . GLU A 1 60  ? -12.536 -14.245 11.983  1.00 151.93 ? 291  GLU A OE1 1 
ATOM   468  O OE2 . GLU A 1 60  ? -13.155 -14.377 9.874   1.00 149.98 ? 291  GLU A OE2 1 
ATOM   469  N N   . LEU A 1 61  ? -12.683 -10.837 13.514  1.00 161.50 ? 292  LEU A N   1 
ATOM   470  C CA  . LEU A 1 61  ? -12.985 -9.960  14.650  1.00 160.92 ? 292  LEU A CA  1 
ATOM   471  C C   . LEU A 1 61  ? -11.836 -9.048  15.130  1.00 160.80 ? 292  LEU A C   1 
ATOM   472  O O   . LEU A 1 61  ? -12.102 -7.917  15.525  1.00 163.90 ? 292  LEU A O   1 
ATOM   473  C CB  . LEU A 1 61  ? -13.496 -10.802 15.819  1.00 160.21 ? 292  LEU A CB  1 
ATOM   474  N N   . ASP A 1 62  ? -10.587 -9.528  15.125  1.00 159.09 ? 293  ASP A N   1 
ATOM   475  C CA  . ASP A 1 62  ? -9.430  -8.640  15.307  1.00 162.35 ? 293  ASP A CA  1 
ATOM   476  C C   . ASP A 1 62  ? -8.319  -8.931  14.266  1.00 150.22 ? 293  ASP A C   1 
ATOM   477  O O   . ASP A 1 62  ? -7.133  -8.690  14.511  1.00 143.38 ? 293  ASP A O   1 
ATOM   478  C CB  . ASP A 1 62  ? -8.909  -8.657  16.775  1.00 168.07 ? 293  ASP A CB  1 
ATOM   479  C CG  . ASP A 1 62  ? -7.840  -9.732  17.081  1.00 169.72 ? 293  ASP A CG  1 
ATOM   480  O OD1 . ASP A 1 62  ? -7.622  -10.664 16.278  1.00 162.09 ? 293  ASP A OD1 1 
ATOM   481  O OD2 . ASP A 1 62  ? -7.194  -9.584  18.147  1.00 176.21 ? 293  ASP A OD2 1 
ATOM   482  N N   . PHE A 1 63  ? -8.711  -9.429  13.089  1.00 145.15 ? 294  PHE A N   1 
ATOM   483  C CA  . PHE A 1 63  ? -8.096  -8.880  11.871  1.00 130.59 ? 294  PHE A CA  1 
ATOM   484  C C   . PHE A 1 63  ? -8.439  -7.408  11.921  1.00 122.13 ? 294  PHE A C   1 
ATOM   485  O O   . PHE A 1 63  ? -9.391  -6.947  11.276  1.00 119.28 ? 294  PHE A O   1 
ATOM   486  C CB  . PHE A 1 63  ? -8.619  -9.490  10.577  1.00 130.24 ? 294  PHE A CB  1 
ATOM   487  C CG  . PHE A 1 63  ? -7.861  -10.702 10.119  1.00 134.33 ? 294  PHE A CG  1 
ATOM   488  C CD1 . PHE A 1 63  ? -6.735  -11.131 10.797  1.00 130.53 ? 294  PHE A CD1 1 
ATOM   489  C CD2 . PHE A 1 63  ? -8.252  -11.389 8.978   1.00 134.32 ? 294  PHE A CD2 1 
ATOM   490  C CE1 . PHE A 1 63  ? -6.027  -12.246 10.364  1.00 129.56 ? 294  PHE A CE1 1 
ATOM   491  C CE2 . PHE A 1 63  ? -7.563  -12.490 8.543   1.00 130.14 ? 294  PHE A CE2 1 
ATOM   492  C CZ  . PHE A 1 63  ? -6.446  -12.927 9.230   1.00 124.14 ? 294  PHE A CZ  1 
ATOM   493  N N   . ASN A 1 64  ? -7.724  -6.692  12.775  1.00 114.43 ? 295  ASN A N   1 
ATOM   494  C CA  . ASN A 1 64  ? -7.872  -5.266  12.860  1.00 108.50 ? 295  ASN A CA  1 
ATOM   495  C C   . ASN A 1 64  ? -7.321  -4.692  11.579  1.00 97.65  ? 295  ASN A C   1 
ATOM   496  O O   . ASN A 1 64  ? -6.902  -5.435  10.689  1.00 92.75  ? 295  ASN A O   1 
ATOM   497  C CB  . ASN A 1 64  ? -7.156  -4.730  14.088  1.00 103.62 ? 295  ASN A CB  1 
ATOM   498  C CG  . ASN A 1 64  ? -5.792  -5.328  14.252  1.00 102.38 ? 295  ASN A CG  1 
ATOM   499  O OD1 . ASN A 1 64  ? -4.871  -4.987  13.518  1.00 101.00 ? 295  ASN A OD1 1 
ATOM   500  N ND2 . ASN A 1 64  ? -5.655  -6.248  15.202  1.00 119.27 ? 295  ASN A ND2 1 
ATOM   501  N N   . LEU A 1 65  ? -7.337  -3.377  11.463  1.00 95.36  ? 296  LEU A N   1 
ATOM   502  C CA  . LEU A 1 65  ? -6.926  -2.766  10.224  1.00 87.71  ? 296  LEU A CA  1 
ATOM   503  C C   . LEU A 1 65  ? -5.486  -3.144  9.939   1.00 84.44  ? 296  LEU A C   1 
ATOM   504  O O   . LEU A 1 65  ? -5.120  -3.441  8.811   1.00 85.17  ? 296  LEU A O   1 
ATOM   505  C CB  . LEU A 1 65  ? -7.091  -1.265  10.301  1.00 87.77  ? 296  LEU A CB  1 
ATOM   506  C CG  . LEU A 1 65  ? -6.882  -0.604  8.958   1.00 88.99  ? 296  LEU A CG  1 
ATOM   507  C CD1 . LEU A 1 65  ? -7.836  -1.239  7.986   1.00 85.11  ? 296  LEU A CD1 1 
ATOM   508  C CD2 . LEU A 1 65  ? -7.160  0.869   9.086   1.00 86.90  ? 296  LEU A CD2 1 
ATOM   509  N N   . SER A 1 66  ? -4.674  -3.202  10.975  1.00 84.91  ? 297  SER A N   1 
ATOM   510  C CA  . SER A 1 66  ? -3.256  -3.352  10.737  1.00 88.27  ? 297  SER A CA  1 
ATOM   511  C C   . SER A 1 66  ? -2.928  -4.771  10.315  1.00 80.06  ? 297  SER A C   1 
ATOM   512  O O   . SER A 1 66  ? -2.109  -4.989  9.423   1.00 78.92  ? 297  SER A O   1 
ATOM   513  C CB  . SER A 1 66  ? -2.454  -2.959  11.973  1.00 81.84  ? 297  SER A CB  1 
ATOM   514  O OG  . SER A 1 66  ? -1.067  -3.069  11.707  1.00 74.49  ? 297  SER A OG  1 
ATOM   515  N N   . ASP A 1 67  ? -3.551  -5.731  10.981  1.00 89.16  ? 298  ASP A N   1 
ATOM   516  C CA  . ASP A 1 67  ? -3.425  -7.142  10.612  1.00 86.76  ? 298  ASP A CA  1 
ATOM   517  C C   . ASP A 1 67  ? -3.864  -7.363  9.173   1.00 77.30  ? 298  ASP A C   1 
ATOM   518  O O   . ASP A 1 67  ? -3.132  -7.960  8.385   1.00 76.94  ? 298  ASP A O   1 
ATOM   519  C CB  . ASP A 1 67  ? -4.234  -8.013  11.564  1.00 94.79  ? 298  ASP A CB  1 
ATOM   520  C CG  . ASP A 1 67  ? -3.532  -8.218  12.895  1.00 95.13  ? 298  ASP A CG  1 
ATOM   521  O OD1 . ASP A 1 67  ? -2.283  -8.220  12.897  1.00 93.85  ? 298  ASP A OD1 1 
ATOM   522  O OD2 . ASP A 1 67  ? -4.219  -8.374  13.931  1.00 105.20 ? 298  ASP A OD2 1 
ATOM   523  N N   . PHE A 1 68  ? -5.032  -6.849  8.818   1.00 72.94  ? 299  PHE A N   1 
ATOM   524  C CA  . PHE A 1 68  ? -5.505  -6.988  7.449   1.00 77.46  ? 299  PHE A CA  1 
ATOM   525  C C   . PHE A 1 68  ? -4.458  -6.489  6.442   1.00 80.08  ? 299  PHE A C   1 
ATOM   526  O O   . PHE A 1 68  ? -4.051  -7.226  5.534   1.00 80.99  ? 299  PHE A O   1 
ATOM   527  C CB  . PHE A 1 68  ? -6.826  -6.249  7.277   1.00 81.47  ? 299  PHE A CB  1 
ATOM   528  C CG  . PHE A 1 68  ? -7.573  -6.617  6.032   1.00 85.92  ? 299  PHE A CG  1 
ATOM   529  C CD1 . PHE A 1 68  ? -7.874  -7.942  5.747   1.00 95.48  ? 299  PHE A CD1 1 
ATOM   530  C CD2 . PHE A 1 68  ? -8.009  -5.640  5.158   1.00 86.28  ? 299  PHE A CD2 1 
ATOM   531  C CE1 . PHE A 1 68  ? -8.580  -8.276  4.603   1.00 99.18  ? 299  PHE A CE1 1 
ATOM   532  C CE2 . PHE A 1 68  ? -8.712  -5.971  4.011   1.00 95.31  ? 299  PHE A CE2 1 
ATOM   533  C CZ  . PHE A 1 68  ? -9.001  -7.283  3.732   1.00 95.91  ? 299  PHE A CZ  1 
ATOM   534  N N   . CYS A 1 69  ? -4.018  -5.250  6.614   1.00 75.28  ? 300  CYS A N   1 
ATOM   535  C CA  . CYS A 1 69  ? -2.944  -4.667  5.820   1.00 71.01  ? 300  CYS A CA  1 
ATOM   536  C C   . CYS A 1 69  ? -1.723  -5.565  5.621   1.00 71.36  ? 300  CYS A C   1 
ATOM   537  O O   . CYS A 1 69  ? -1.130  -5.580  4.541   1.00 76.92  ? 300  CYS A O   1 
ATOM   538  C CB  . CYS A 1 69  ? -2.462  -3.340  6.472   1.00 80.82  ? 300  CYS A CB  1 
ATOM   539  S SG  . CYS A 1 69  ? -3.584  -1.915  6.203   1.00 80.73  ? 300  CYS A SG  1 
ATOM   540  N N   . LYS A 1 70  ? -1.300  -6.269  6.662   1.00 73.37  ? 301  LYS A N   1 
ATOM   541  C CA  . LYS A 1 70  ? -0.115  -7.104  6.556   1.00 74.10  ? 301  LYS A CA  1 
ATOM   542  C C   . LYS A 1 70  ? -0.418  -8.385  5.764   1.00 79.86  ? 301  LYS A C   1 
ATOM   543  O O   . LYS A 1 70  ? 0.465   -8.923  5.073   1.00 75.57  ? 301  LYS A O   1 
ATOM   544  C CB  . LYS A 1 70  ? 0.425   -7.428  7.951   1.00 73.69  ? 301  LYS A CB  1 
ATOM   545  C CG  . LYS A 1 70  ? 0.901   -6.171  8.682   1.00 83.66  ? 301  LYS A CG  1 
ATOM   546  C CD  . LYS A 1 70  ? 1.380   -6.470  10.082  1.00 87.12  ? 301  LYS A CD  1 
ATOM   547  C CE  . LYS A 1 70  ? 2.038   -5.256  10.690  1.00 87.43  ? 301  LYS A CE  1 
ATOM   548  N NZ  . LYS A 1 70  ? 2.550   -5.553  12.058  1.00 97.70  ? 301  LYS A NZ  1 
ATOM   549  N N   . LEU A 1 71  ? -1.661  -8.860  5.855   1.00 77.71  ? 302  LEU A N   1 
ATOM   550  C CA  . LEU A 1 71  ? -2.090  -10.022 5.078   1.00 77.60  ? 302  LEU A CA  1 
ATOM   551  C C   . LEU A 1 71  ? -2.052  -9.687  3.594   1.00 77.38  ? 302  LEU A C   1 
ATOM   552  O O   . LEU A 1 71  ? -1.422  -10.398 2.801   1.00 73.60  ? 302  LEU A O   1 
ATOM   553  C CB  . LEU A 1 71  ? -3.496  -10.466 5.476   1.00 79.70  ? 302  LEU A CB  1 
ATOM   554  C CG  . LEU A 1 71  ? -4.056  -11.690 4.716   1.00 81.42  ? 302  LEU A CG  1 
ATOM   555  C CD1 . LEU A 1 71  ? -3.109  -12.876 4.805   1.00 78.30  ? 302  LEU A CD1 1 
ATOM   556  C CD2 . LEU A 1 71  ? -5.406  -12.063 5.260   1.00 82.70  ? 302  LEU A CD2 1 
ATOM   557  N N   . ALA A 1 72  ? -2.708  -8.583  3.236   1.00 81.54  ? 303  ALA A N   1 
ATOM   558  C CA  . ALA A 1 72  ? -2.735  -8.077  1.861   1.00 79.19  ? 303  ALA A CA  1 
ATOM   559  C C   . ALA A 1 72  ? -1.328  -7.925  1.282   1.00 81.50  ? 303  ALA A C   1 
ATOM   560  O O   . ALA A 1 72  ? -1.069  -8.291  0.139   1.00 81.68  ? 303  ALA A O   1 
ATOM   561  C CB  . ALA A 1 72  ? -3.469  -6.731  1.809   1.00 75.08  ? 303  ALA A CB  1 
ATOM   562  N N   . CYS A 1 73  ? -0.409  -7.390  2.074   1.00 75.85  ? 304  CYS A N   1 
ATOM   563  C CA  . CYS A 1 73  ? 0.955   -7.252  1.596   1.00 77.79  ? 304  CYS A CA  1 
ATOM   564  C C   . CYS A 1 73  ? 1.605   -8.623  1.418   1.00 74.69  ? 304  CYS A C   1 
ATOM   565  O O   . CYS A 1 73  ? 2.377   -8.828  0.477   1.00 71.42  ? 304  CYS A O   1 
ATOM   566  C CB  . CYS A 1 73  ? 1.784   -6.378  2.554   1.00 77.92  ? 304  CYS A CB  1 
ATOM   567  S SG  . CYS A 1 73  ? 1.249   -4.655  2.540   1.00 74.13  ? 304  CYS A SG  1 
ATOM   568  N N   . ALA A 1 74  ? 1.329   -9.534  2.344   1.00 75.88  ? 305  ALA A N   1 
ATOM   569  C CA  . ALA A 1 74  ? 1.892   -10.889 2.312   1.00 80.43  ? 305  ALA A CA  1 
ATOM   570  C C   . ALA A 1 74  ? 1.429   -11.618 1.067   1.00 73.80  ? 305  ALA A C   1 
ATOM   571  O O   . ALA A 1 74  ? 2.204   -12.321 0.399   1.00 72.14  ? 305  ALA A O   1 
ATOM   572  C CB  . ALA A 1 74  ? 1.493   -11.671 3.564   1.00 71.59  ? 305  ALA A CB  1 
ATOM   573  N N   . ILE A 1 75  ? 0.155   -11.432 0.760   1.00 71.50  ? 306  ILE A N   1 
ATOM   574  C CA  . ILE A 1 75  ? -0.438  -11.996 -0.439  1.00 72.62  ? 306  ILE A CA  1 
ATOM   575  C C   . ILE A 1 75  ? 0.274   -11.489 -1.680  1.00 80.02  ? 306  ILE A C   1 
ATOM   576  O O   . ILE A 1 75  ? 0.382   -12.214 -2.674  1.00 76.07  ? 306  ILE A O   1 
ATOM   577  C CB  . ILE A 1 75  ? -1.935  -11.647 -0.540  1.00 74.10  ? 306  ILE A CB  1 
ATOM   578  C CG1 . ILE A 1 75  ? -2.744  -12.431 0.489   1.00 73.86  ? 306  ILE A CG1 1 
ATOM   579  C CG2 . ILE A 1 75  ? -2.502  -11.928 -1.941  1.00 72.34  ? 306  ILE A CG2 1 
ATOM   580  C CD1 . ILE A 1 75  ? -4.185  -11.959 0.564   1.00 72.69  ? 306  ILE A CD1 1 
ATOM   581  N N   . LEU A 1 76  ? 0.755   -10.241 -1.649  1.00 76.09  ? 307  LEU A N   1 
ATOM   582  C CA  . LEU A 1 76  ? 1.276   -9.644  -2.881  1.00 70.11  ? 307  LEU A CA  1 
ATOM   583  C C   . LEU A 1 76  ? 2.805   -9.609  -2.926  1.00 70.06  ? 307  LEU A C   1 
ATOM   584  O O   . LEU A 1 76  ? 3.383   -9.062  -3.861  1.00 72.98  ? 307  LEU A O   1 
ATOM   585  C CB  . LEU A 1 76  ? 0.728   -8.246  -3.076  1.00 78.64  ? 307  LEU A CB  1 
ATOM   586  C CG  . LEU A 1 76  ? -0.780  -8.033  -3.192  1.00 80.27  ? 307  LEU A CG  1 
ATOM   587  C CD1 . LEU A 1 76  ? -1.051  -6.524  -3.089  1.00 76.71  ? 307  LEU A CD1 1 
ATOM   588  C CD2 . LEU A 1 76  ? -1.324  -8.562  -4.502  1.00 72.95  ? 307  LEU A CD2 1 
ATOM   589  N N   . ASP A 1 77  ? 3.441   -10.230 -1.939  1.00 68.21  ? 308  ASP A N   1 
ATOM   590  C CA  . ASP A 1 77  ? 4.899   -10.308 -1.823  1.00 77.06  ? 308  ASP A CA  1 
ATOM   591  C C   . ASP A 1 77  ? 5.551   -8.970  -1.533  1.00 78.87  ? 308  ASP A C   1 
ATOM   592  O O   . ASP A 1 77  ? 6.729   -8.759  -1.843  1.00 76.10  ? 308  ASP A O   1 
ATOM   593  C CB  . ASP A 1 77  ? 5.522   -10.917 -3.069  1.00 74.00  ? 308  ASP A CB  1 
ATOM   594  C CG  . ASP A 1 77  ? 5.537   -12.422 -3.015  1.00 91.22  ? 308  ASP A CG  1 
ATOM   595  O OD1 . ASP A 1 77  ? 6.307   -12.965 -2.184  1.00 96.75  ? 308  ASP A OD1 1 
ATOM   596  O OD2 . ASP A 1 77  ? 4.773   -13.052 -3.789  1.00 87.99  ? 308  ASP A OD2 1 
ATOM   597  N N   . ILE A 1 78  ? 4.778   -8.081  -0.922  1.00 78.55  ? 309  ILE A N   1 
ATOM   598  C CA  . ILE A 1 78  ? 5.273   -6.784  -0.474  1.00 73.87  ? 309  ILE A CA  1 
ATOM   599  C C   . ILE A 1 78  ? 5.759   -6.935  0.965   1.00 74.57  ? 309  ILE A C   1 
ATOM   600  O O   . ILE A 1 78  ? 4.958   -7.194  1.862   1.00 75.10  ? 309  ILE A O   1 
ATOM   601  C CB  . ILE A 1 78  ? 4.174   -5.710  -0.560  1.00 73.39  ? 309  ILE A CB  1 
ATOM   602  C CG1 . ILE A 1 78  ? 3.655   -5.602  -1.994  1.00 74.29  ? 309  ILE A CG1 1 
ATOM   603  C CG2 . ILE A 1 78  ? 4.701   -4.374  -0.126  1.00 78.51  ? 309  ILE A CG2 1 
ATOM   604  C CD1 . ILE A 1 78  ? 2.381   -4.752  -2.165  1.00 68.09  ? 309  ILE A CD1 1 
ATOM   605  N N   . PRO A 1 79  ? 7.072   -6.797  1.201   1.00 83.91  ? 310  PRO A N   1 
ATOM   606  C CA  . PRO A 1 79  ? 7.532   -7.022  2.575   1.00 80.01  ? 310  PRO A CA  1 
ATOM   607  C C   . PRO A 1 79  ? 7.034   -5.949  3.517   1.00 80.76  ? 310  PRO A C   1 
ATOM   608  O O   . PRO A 1 79  ? 6.860   -4.794  3.113   1.00 78.20  ? 310  PRO A O   1 
ATOM   609  C CB  . PRO A 1 79  ? 9.060   -6.948  2.456   1.00 80.89  ? 310  PRO A CB  1 
ATOM   610  C CG  . PRO A 1 79  ? 9.287   -6.046  1.305   1.00 77.90  ? 310  PRO A CG  1 
ATOM   611  C CD  . PRO A 1 79  ? 8.153   -6.281  0.337   1.00 82.59  ? 310  PRO A CD  1 
ATOM   612  N N   . VAL A 1 80  ? 6.803   -6.333  4.763   1.00 81.17  ? 311  VAL A N   1 
ATOM   613  C CA  . VAL A 1 80  ? 6.664   -5.368  5.833   1.00 76.66  ? 311  VAL A CA  1 
ATOM   614  C C   . VAL A 1 80  ? 7.946   -5.387  6.667   1.00 76.80  ? 311  VAL A C   1 
ATOM   615  O O   . VAL A 1 80  ? 8.211   -6.324  7.414   1.00 80.26  ? 311  VAL A O   1 
ATOM   616  C CB  . VAL A 1 80  ? 5.461   -5.681  6.707   1.00 79.06  ? 311  VAL A CB  1 
ATOM   617  C CG1 . VAL A 1 80  ? 5.147   -4.475  7.590   1.00 77.50  ? 311  VAL A CG1 1 
ATOM   618  C CG2 . VAL A 1 80  ? 4.273   -6.043  5.833   1.00 64.80  ? 311  VAL A CG2 1 
ATOM   619  N N   . HIS A 1 81  ? 8.754   -4.346  6.541   1.00 86.08  ? 312  HIS A N   1 
ATOM   620  C CA  . HIS A 1 81  ? 10.011  -4.302  7.267   1.00 80.17  ? 312  HIS A CA  1 
ATOM   621  C C   . HIS A 1 81  ? 9.807   -3.994  8.740   1.00 76.01  ? 312  HIS A C   1 
ATOM   622  O O   . HIS A 1 81  ? 8.779   -3.446  9.142   1.00 76.31  ? 312  HIS A O   1 
ATOM   623  C CB  . HIS A 1 81  ? 10.935  -3.267  6.637   1.00 84.53  ? 312  HIS A CB  1 
ATOM   624  C CG  . HIS A 1 81  ? 11.252  -3.543  5.200   1.00 84.63  ? 312  HIS A CG  1 
ATOM   625  N ND1 . HIS A 1 81  ? 11.927  -4.674  4.789   1.00 85.23  ? 312  HIS A ND1 1 
ATOM   626  C CD2 . HIS A 1 81  ? 10.974  -2.838  4.076   1.00 81.77  ? 312  HIS A CD2 1 
ATOM   627  C CE1 . HIS A 1 81  ? 12.066  -4.647  3.473   1.00 84.80  ? 312  HIS A CE1 1 
ATOM   628  N NE2 . HIS A 1 81  ? 11.494  -3.544  3.016   1.00 82.26  ? 312  HIS A NE2 1 
ATOM   629  N N   . ASP A 1 82  ? 10.792  -4.369  9.543   1.00 77.51  ? 313  ASP A N   1 
ATOM   630  C CA  . ASP A 1 82  ? 10.878  -3.927  10.926  1.00 86.41  ? 313  ASP A CA  1 
ATOM   631  C C   . ASP A 1 82  ? 10.922  -2.402  11.050  1.00 87.96  ? 313  ASP A C   1 
ATOM   632  O O   . ASP A 1 82  ? 10.167  -1.834  11.844  1.00 87.08  ? 313  ASP A O   1 
ATOM   633  C CB  . ASP A 1 82  ? 12.114  -4.533  11.596  1.00 88.83  ? 313  ASP A CB  1 
ATOM   634  C CG  . ASP A 1 82  ? 12.036  -6.033  11.675  1.00 102.48 ? 313  ASP A CG  1 
ATOM   635  O OD1 . ASP A 1 82  ? 10.894  -6.540  11.786  1.00 99.68  ? 313  ASP A OD1 1 
ATOM   636  O OD2 . ASP A 1 82  ? 13.095  -6.706  11.606  1.00 110.90 ? 313  ASP A OD2 1 
ATOM   637  N N   . GLN A 1 83  ? 11.798  -1.742  10.288  1.00 83.81  ? 314  GLN A N   1 
ATOM   638  C CA  . GLN A 1 83  ? 11.905  -0.276  10.379  1.00 89.28  ? 314  GLN A CA  1 
ATOM   639  C C   . GLN A 1 83  ? 11.186  0.402   9.222   1.00 87.58  ? 314  GLN A C   1 
ATOM   640  O O   . GLN A 1 83  ? 11.128  -0.164  8.125   1.00 84.73  ? 314  GLN A O   1 
ATOM   641  C CB  . GLN A 1 83  ? 13.370  0.187   10.415  1.00 86.42  ? 314  GLN A CB  1 
ATOM   642  C CG  . GLN A 1 83  ? 14.235  -0.541  11.415  1.00 88.44  ? 314  GLN A CG  1 
ATOM   643  C CD  . GLN A 1 83  ? 13.668  -0.446  12.810  1.00 93.56  ? 314  GLN A CD  1 
ATOM   644  O OE1 . GLN A 1 83  ? 13.053  0.565   13.181  1.00 88.71  ? 314  GLN A OE1 1 
ATOM   645  N NE2 . GLN A 1 83  ? 13.834  -1.514  13.587  1.00 91.35  ? 314  GLN A NE2 1 
ATOM   646  N N   . PRO A 1 84  ? 10.621  1.605   9.467   1.00 81.15  ? 315  PRO A N   1 
ATOM   647  C CA  . PRO A 1 84  ? 10.566  2.240   10.794  1.00 91.71  ? 315  PRO A CA  1 
ATOM   648  C C   . PRO A 1 84  ? 9.469   1.618   11.628  1.00 87.51  ? 315  PRO A C   1 
ATOM   649  O O   . PRO A 1 84  ? 8.375   1.422   11.121  1.00 88.10  ? 315  PRO A O   1 
ATOM   650  C CB  . PRO A 1 84  ? 10.242  3.719   10.497  1.00 82.47  ? 315  PRO A CB  1 
ATOM   651  C CG  . PRO A 1 84  ? 10.414  3.895   9.021   1.00 82.73  ? 315  PRO A CG  1 
ATOM   652  C CD  . PRO A 1 84  ? 10.136  2.516   8.419   1.00 83.79  ? 315  PRO A CD  1 
ATOM   653  N N   . ASN A 1 85  ? 9.763   1.331   12.886  1.00 88.52  ? 316  ASN A N   1 
ATOM   654  C CA  . ASN A 1 85  ? 8.830   0.650   13.745  1.00 83.78  ? 316  ASN A CA  1 
ATOM   655  C C   . ASN A 1 85  ? 7.449   1.322   13.826  1.00 89.01  ? 316  ASN A C   1 
ATOM   656  O O   . ASN A 1 85  ? 6.449   0.656   14.097  1.00 91.28  ? 316  ASN A O   1 
ATOM   657  C CB  . ASN A 1 85  ? 9.465   0.496   15.126  1.00 96.50  ? 316  ASN A CB  1 
ATOM   658  C CG  . ASN A 1 85  ? 8.446   0.452   16.239  1.00 110.83 ? 316  ASN A CG  1 
ATOM   659  O OD1 . ASN A 1 85  ? 8.005   1.509   16.731  1.00 112.14 ? 316  ASN A OD1 1 
ATOM   660  N ND2 . ASN A 1 85  ? 8.062   -0.757  16.653  1.00 108.44 ? 316  ASN A ND2 1 
ATOM   661  N N   . GLU A 1 86  ? 7.351   2.615   13.550  1.00 90.05  ? 317  GLU A N   1 
ATOM   662  C CA  . GLU A 1 86  ? 6.023   3.223   13.632  1.00 87.12  ? 317  GLU A CA  1 
ATOM   663  C C   . GLU A 1 86  ? 5.473   3.723   12.300  1.00 78.80  ? 317  GLU A C   1 
ATOM   664  O O   . GLU A 1 86  ? 4.347   4.223   12.249  1.00 78.88  ? 317  GLU A O   1 
ATOM   665  C CB  . GLU A 1 86  ? 6.017   4.352   14.668  1.00 89.83  ? 317  GLU A CB  1 
ATOM   666  C CG  . GLU A 1 86  ? 6.926   5.506   14.365  1.00 95.00  ? 317  GLU A CG  1 
ATOM   667  C CD  . GLU A 1 86  ? 6.944   6.563   15.495  1.00 108.78 ? 317  GLU A CD  1 
ATOM   668  O OE1 . GLU A 1 86  ? 7.260   6.198   16.658  1.00 104.41 ? 317  GLU A OE1 1 
ATOM   669  O OE2 . GLU A 1 86  ? 6.672   7.763   15.215  1.00 109.79 ? 317  GLU A OE2 1 
ATOM   670  N N   . SER A 1 87  ? 6.229   3.566   11.216  1.00 78.86  ? 318  SER A N   1 
ATOM   671  C CA  . SER A 1 87  ? 5.654   3.834   9.888   1.00 82.88  ? 318  SER A CA  1 
ATOM   672  C C   . SER A 1 87  ? 5.899   2.721   8.827   1.00 74.98  ? 318  SER A C   1 
ATOM   673  O O   . SER A 1 87  ? 5.750   2.965   7.618   1.00 70.64  ? 318  SER A O   1 
ATOM   674  C CB  . SER A 1 87  ? 6.176   5.172   9.350   1.00 67.56  ? 318  SER A CB  1 
ATOM   675  O OG  . SER A 1 87  ? 7.530   5.066   8.901   1.00 70.26  ? 318  SER A OG  1 
ATOM   676  N N   . ASN A 1 88  ? 6.264   1.514   9.253   1.00 76.88  ? 319  ASN A N   1 
ATOM   677  C CA  . ASN A 1 88  ? 6.504   0.442   8.268   1.00 83.24  ? 319  ASN A CA  1 
ATOM   678  C C   . ASN A 1 88  ? 5.270   0.045   7.450   1.00 73.66  ? 319  ASN A C   1 
ATOM   679  O O   . ASN A 1 88  ? 5.394   -0.277  6.267   1.00 78.81  ? 319  ASN A O   1 
ATOM   680  C CB  . ASN A 1 88  ? 7.060   -0.818  8.931   1.00 77.97  ? 319  ASN A CB  1 
ATOM   681  C CG  . ASN A 1 88  ? 6.144   -1.359  9.984   1.00 80.77  ? 319  ASN A CG  1 
ATOM   682  O OD1 . ASN A 1 88  ? 5.167   -0.707  10.355  1.00 82.56  ? 319  ASN A OD1 1 
ATOM   683  N ND2 . ASN A 1 88  ? 6.419   -2.574  10.452  1.00 84.48  ? 319  ASN A ND2 1 
ATOM   684  N N   . VAL A 1 89  ? 4.087   0.060   8.054   1.00 72.64  ? 320  VAL A N   1 
ATOM   685  C CA  . VAL A 1 89  ? 2.892   -0.410  7.335   1.00 75.22  ? 320  VAL A CA  1 
ATOM   686  C C   . VAL A 1 89  ? 2.496   0.589   6.260   1.00 74.55  ? 320  VAL A C   1 
ATOM   687  O O   . VAL A 1 89  ? 1.939   0.218   5.218   1.00 72.78  ? 320  VAL A O   1 
ATOM   688  C CB  . VAL A 1 89  ? 1.697   -0.660  8.300   1.00 78.52  ? 320  VAL A CB  1 
ATOM   689  C CG1 . VAL A 1 89  ? 0.394   -0.939  7.538   1.00 66.04  ? 320  VAL A CG1 1 
ATOM   690  C CG2 . VAL A 1 89  ? 2.011   -1.810  9.245   1.00 76.62  ? 320  VAL A CG2 1 
ATOM   691  N N   . ILE A 1 90  ? 2.802   1.858   6.523   1.00 75.85  ? 321  ILE A N   1 
ATOM   692  C CA  . ILE A 1 90  ? 2.535   2.980   5.631   1.00 67.96  ? 321  ILE A CA  1 
ATOM   693  C C   . ILE A 1 90  ? 3.438   2.924   4.396   1.00 65.89  ? 321  ILE A C   1 
ATOM   694  O O   . ILE A 1 90  ? 3.007   3.233   3.282   1.00 69.23  ? 321  ILE A O   1 
ATOM   695  C CB  . ILE A 1 90  ? 2.745   4.336   6.377   1.00 79.01  ? 321  ILE A CB  1 
ATOM   696  C CG1 . ILE A 1 90  ? 1.606   4.584   7.376   1.00 75.00  ? 321  ILE A CG1 1 
ATOM   697  C CG2 . ILE A 1 90  ? 2.827   5.486   5.388   1.00 71.94  ? 321  ILE A CG2 1 
ATOM   698  C CD1 . ILE A 1 90  ? 0.251   4.768   6.735   1.00 74.68  ? 321  ILE A CD1 1 
ATOM   699  N N   . GLU A 1 91  ? 4.685   2.506   4.570   1.00 65.84  ? 322  GLU A N   1 
ATOM   700  C CA  . GLU A 1 91  ? 5.559   2.309   3.419   1.00 72.18  ? 322  GLU A CA  1 
ATOM   701  C C   . GLU A 1 91  ? 5.065   1.126   2.580   1.00 75.00  ? 322  GLU A C   1 
ATOM   702  O O   . GLU A 1 91  ? 4.919   1.245   1.348   1.00 71.69  ? 322  GLU A O   1 
ATOM   703  C CB  . GLU A 1 91  ? 7.031   2.129   3.873   1.00 76.71  ? 322  GLU A CB  1 
ATOM   704  C CG  . GLU A 1 91  ? 7.573   3.392   4.637   1.00 76.87  ? 322  GLU A CG  1 
ATOM   705  C CD  . GLU A 1 91  ? 9.114   3.527   4.701   1.00 81.19  ? 322  GLU A CD  1 
ATOM   706  O OE1 . GLU A 1 91  ? 9.833   2.647   4.190   1.00 86.14  ? 322  GLU A OE1 1 
ATOM   707  O OE2 . GLU A 1 91  ? 9.622   4.523   5.290   1.00 94.62  ? 322  GLU A OE2 1 
ATOM   708  N N   . SER A 1 92  ? 4.759   -0.004  3.218   1.00 77.89  ? 323  SER A N   1 
ATOM   709  C CA  . SER A 1 92  ? 4.224   -1.161  2.475   1.00 72.22  ? 323  SER A CA  1 
ATOM   710  C C   . SER A 1 92  ? 2.941   -0.856  1.711   1.00 75.36  ? 323  SER A C   1 
ATOM   711  O O   . SER A 1 92  ? 2.798   -1.229  0.542   1.00 72.62  ? 323  SER A O   1 
ATOM   712  C CB  . SER A 1 92  ? 3.976   -2.315  3.414   1.00 67.02  ? 323  SER A CB  1 
ATOM   713  O OG  . SER A 1 92  ? 5.186   -2.940  3.769   1.00 75.23  ? 323  SER A OG  1 
ATOM   714  N N   . LEU A 1 93  ? 2.008   -0.163  2.359   1.00 77.27  ? 324  LEU A N   1 
ATOM   715  C CA  . LEU A 1 93  ? 0.779   0.238   1.687   1.00 73.68  ? 324  LEU A CA  1 
ATOM   716  C C   . LEU A 1 93  ? 1.056   1.132   0.494   1.00 78.28  ? 324  LEU A C   1 
ATOM   717  O O   . LEU A 1 93  ? 0.258   1.218   -0.433  1.00 82.84  ? 324  LEU A O   1 
ATOM   718  C CB  . LEU A 1 93  ? -0.143  0.975   2.651   1.00 71.64  ? 324  LEU A CB  1 
ATOM   719  C CG  . LEU A 1 93  ? -0.871  0.073   3.637   1.00 80.45  ? 324  LEU A CG  1 
ATOM   720  C CD1 . LEU A 1 93  ? -1.704  0.876   4.617   1.00 73.44  ? 324  LEU A CD1 1 
ATOM   721  C CD2 . LEU A 1 93  ? -1.711  -1.026  2.916   1.00 72.55  ? 324  LEU A CD2 1 
ATOM   722  N N   . HIS A 1 94  ? 2.176   1.832   0.520   1.00 78.49  ? 325  HIS A N   1 
ATOM   723  C CA  . HIS A 1 94  ? 2.434   2.754   -0.567  1.00 82.13  ? 325  HIS A CA  1 
ATOM   724  C C   . HIS A 1 94  ? 2.801   1.955   -1.799  1.00 72.50  ? 325  HIS A C   1 
ATOM   725  O O   . HIS A 1 94  ? 2.409   2.271   -2.921  1.00 74.37  ? 325  HIS A O   1 
ATOM   726  C CB  . HIS A 1 94  ? 3.536   3.741   -0.207  1.00 78.33  ? 325  HIS A CB  1 
ATOM   727  C CG  . HIS A 1 94  ? 3.930   4.624   -1.344  1.00 76.97  ? 325  HIS A CG  1 
ATOM   728  N ND1 . HIS A 1 94  ? 4.969   4.312   -2.192  1.00 76.49  ? 325  HIS A ND1 1 
ATOM   729  C CD2 . HIS A 1 94  ? 3.405   5.791   -1.790  1.00 80.41  ? 325  HIS A CD2 1 
ATOM   730  C CE1 . HIS A 1 94  ? 5.082   5.268   -3.103  1.00 85.08  ? 325  HIS A CE1 1 
ATOM   731  N NE2 . HIS A 1 94  ? 4.146   6.176   -2.880  1.00 80.36  ? 325  HIS A NE2 1 
ATOM   732  N N   . VAL A 1 95  ? 3.560   0.905   -1.570  1.00 73.15  ? 326  VAL A N   1 
ATOM   733  C CA  . VAL A 1 95  ? 3.945   0.016   -2.636  1.00 83.05  ? 326  VAL A CA  1 
ATOM   734  C C   . VAL A 1 95  ? 2.716   -0.656  -3.244  1.00 78.12  ? 326  VAL A C   1 
ATOM   735  O O   . VAL A 1 95  ? 2.596   -0.779  -4.461  1.00 74.64  ? 326  VAL A O   1 
ATOM   736  C CB  . VAL A 1 95  ? 4.900   -1.025  -2.130  1.00 80.24  ? 326  VAL A CB  1 
ATOM   737  C CG1 . VAL A 1 95  ? 5.159   -2.040  -3.231  1.00 73.56  ? 326  VAL A CG1 1 
ATOM   738  C CG2 . VAL A 1 95  ? 6.174   -0.326  -1.674  1.00 72.12  ? 326  VAL A CG2 1 
ATOM   739  N N   . LEU A 1 96  ? 1.781   -1.021  -2.375  1.00 78.47  ? 327  LEU A N   1 
ATOM   740  C CA  . LEU A 1 96  ? 0.523   -1.625  -2.783  1.00 76.08  ? 327  LEU A CA  1 
ATOM   741  C C   . LEU A 1 96  ? -0.291  -0.676  -3.656  1.00 79.65  ? 327  LEU A C   1 
ATOM   742  O O   . LEU A 1 96  ? -0.920  -1.091  -4.638  1.00 84.00  ? 327  LEU A O   1 
ATOM   743  C CB  . LEU A 1 96  ? -0.279  -2.039  -1.542  1.00 72.19  ? 327  LEU A CB  1 
ATOM   744  C CG  . LEU A 1 96  ? -1.512  -2.930  -1.741  1.00 79.09  ? 327  LEU A CG  1 
ATOM   745  C CD1 . LEU A 1 96  ? -1.756  -3.839  -0.542  1.00 69.34  ? 327  LEU A CD1 1 
ATOM   746  C CD2 . LEU A 1 96  ? -2.730  -2.089  -1.976  1.00 79.88  ? 327  LEU A CD2 1 
ATOM   747  N N   . PHE A 1 97  ? -0.320  0.589   -3.281  1.00 80.42  ? 328  PHE A N   1 
ATOM   748  C CA  . PHE A 1 97  ? -1.155  1.563   -3.973  1.00 79.89  ? 328  PHE A CA  1 
ATOM   749  C C   . PHE A 1 97  ? -0.492  1.991   -5.284  1.00 79.98  ? 328  PHE A C   1 
ATOM   750  O O   . PHE A 1 97  ? -1.165  2.217   -6.294  1.00 82.16  ? 328  PHE A O   1 
ATOM   751  C CB  . PHE A 1 97  ? -1.441  2.749   -3.047  1.00 81.64  ? 328  PHE A CB  1 
ATOM   752  C CG  . PHE A 1 97  ? -2.435  2.427   -1.956  1.00 80.41  ? 328  PHE A CG  1 
ATOM   753  C CD1 . PHE A 1 97  ? -3.509  1.581   -2.212  1.00 89.09  ? 328  PHE A CD1 1 
ATOM   754  C CD2 . PHE A 1 97  ? -2.284  2.916   -0.680  1.00 79.44  ? 328  PHE A CD2 1 
ATOM   755  C CE1 . PHE A 1 97  ? -4.429  1.261   -1.218  1.00 85.24  ? 328  PHE A CE1 1 
ATOM   756  C CE2 . PHE A 1 97  ? -3.201  2.604   0.317   1.00 81.57  ? 328  PHE A CE2 1 
ATOM   757  C CZ  . PHE A 1 97  ? -4.277  1.782   0.047   1.00 81.27  ? 328  PHE A CZ  1 
ATOM   758  N N   . THR A 1 98  ? 0.833   2.056   -5.283  1.00 80.59  ? 329  THR A N   1 
ATOM   759  C CA  . THR A 1 98  ? 1.583   2.229   -6.519  1.00 83.65  ? 329  THR A CA  1 
ATOM   760  C C   . THR A 1 98  ? 1.252   1.098   -7.499  1.00 84.05  ? 329  THR A C   1 
ATOM   761  O O   . THR A 1 98  ? 0.815   1.343   -8.634  1.00 86.61  ? 329  THR A O   1 
ATOM   762  C CB  . THR A 1 98  ? 3.091   2.246   -6.257  1.00 80.84  ? 329  THR A CB  1 
ATOM   763  O OG1 . THR A 1 98  ? 3.385   3.256   -5.290  1.00 86.60  ? 329  THR A OG1 1 
ATOM   764  C CG2 . THR A 1 98  ? 3.860   2.533   -7.544  1.00 80.53  ? 329  THR A CG2 1 
ATOM   765  N N   . LEU A 1 99  ? 1.462   -0.139  -7.056  1.00 86.65  ? 330  LEU A N   1 
ATOM   766  C CA  . LEU A 1 99  ? 1.145   -1.318  -7.871  1.00 80.37  ? 330  LEU A CA  1 
ATOM   767  C C   . LEU A 1 99  ? -0.245  -1.167  -8.473  1.00 84.85  ? 330  LEU A C   1 
ATOM   768  O O   . LEU A 1 99  ? -0.418  -1.240  -9.697  1.00 87.12  ? 330  LEU A O   1 
ATOM   769  C CB  . LEU A 1 99  ? 1.221   -2.593  -7.038  1.00 82.96  ? 330  LEU A CB  1 
ATOM   770  C CG  . LEU A 1 99  ? 1.090   -3.905  -7.833  1.00 84.14  ? 330  LEU A CG  1 
ATOM   771  C CD1 . LEU A 1 99  ? 2.264   -4.071  -8.795  1.00 89.30  ? 330  LEU A CD1 1 
ATOM   772  C CD2 . LEU A 1 99  ? 0.991   -5.111  -6.909  1.00 80.95  ? 330  LEU A CD2 1 
ATOM   773  N N   . TYR A 1 100 ? -1.231  -0.912  -7.614  1.00 78.48  ? 331  TYR A N   1 
ATOM   774  C CA  . TYR A 1 100 ? -2.573  -0.630  -8.096  1.00 84.17  ? 331  TYR A CA  1 
ATOM   775  C C   . TYR A 1 100 ? -2.607  0.457   -9.148  1.00 91.38  ? 331  TYR A C   1 
ATOM   776  O O   . TYR A 1 100 ? -3.290  0.335   -10.158 1.00 98.08  ? 331  TYR A O   1 
ATOM   777  C CB  . TYR A 1 100 ? -3.497  -0.222  -6.958  1.00 81.16  ? 331  TYR A CB  1 
ATOM   778  C CG  . TYR A 1 100 ? -4.930  -0.083  -7.440  1.00 89.55  ? 331  TYR A CG  1 
ATOM   779  C CD1 . TYR A 1 100 ? -5.674  -1.214  -7.784  1.00 90.11  ? 331  TYR A CD1 1 
ATOM   780  C CD2 . TYR A 1 100 ? -5.534  1.168   -7.577  1.00 88.95  ? 331  TYR A CD2 1 
ATOM   781  C CE1 . TYR A 1 100 ? -6.987  -1.108  -8.230  1.00 91.45  ? 331  TYR A CE1 1 
ATOM   782  C CE2 . TYR A 1 100 ? -6.851  1.288   -8.022  1.00 92.50  ? 331  TYR A CE2 1 
ATOM   783  C CZ  . TYR A 1 100 ? -7.570  0.142   -8.348  1.00 98.33  ? 331  TYR A CZ  1 
ATOM   784  O OH  . TYR A 1 100 ? -8.873  0.230   -8.789  1.00 103.98 ? 331  TYR A OH  1 
ATOM   785  N N   . SER A 1 101 ? -1.861  1.523   -8.910  1.00 90.52  ? 332  SER A N   1 
ATOM   786  C CA  . SER A 1 101 ? -1.920  2.672   -9.784  1.00 95.90  ? 332  SER A CA  1 
ATOM   787  C C   . SER A 1 101 ? -1.411  2.359   -11.187 1.00 94.78  ? 332  SER A C   1 
ATOM   788  O O   . SER A 1 101 ? -2.053  2.724   -12.167 1.00 97.95  ? 332  SER A O   1 
ATOM   789  C CB  . SER A 1 101 ? -1.127  3.840   -9.181  1.00 95.64  ? 332  SER A CB  1 
ATOM   790  O OG  . SER A 1 101 ? -1.179  4.963   -10.038 1.00 108.03 ? 332  SER A OG  1 
ATOM   791  N N   . GLU A 1 102 ? -0.263  1.698   -11.288 1.00 89.36  ? 333  GLU A N   1 
ATOM   792  C CA  . GLU A 1 102 ? 0.295   1.412   -12.604 1.00 102.96 ? 333  GLU A CA  1 
ATOM   793  C C   . GLU A 1 102 ? -0.433  0.269   -13.326 1.00 105.18 ? 333  GLU A C   1 
ATOM   794  O O   . GLU A 1 102 ? -0.269  0.108   -14.529 1.00 108.10 ? 333  GLU A O   1 
ATOM   795  C CB  . GLU A 1 102 ? 1.790   1.106   -12.504 1.00 105.57 ? 333  GLU A CB  1 
ATOM   796  C CG  . GLU A 1 102 ? 2.638   2.359   -12.320 1.00 113.94 ? 333  GLU A CG  1 
ATOM   797  C CD  . GLU A 1 102 ? 3.699   2.519   -13.403 1.00 126.01 ? 333  GLU A CD  1 
ATOM   798  O OE1 . GLU A 1 102 ? 3.358   3.020   -14.506 1.00 130.13 ? 333  GLU A OE1 1 
ATOM   799  O OE2 . GLU A 1 102 ? 4.870   2.148   -13.154 1.00 126.63 ? 333  GLU A OE2 1 
ATOM   800  N N   . PHE A 1 103 ? -1.238  -0.504  -12.602 1.00 96.66  ? 334  PHE A N   1 
ATOM   801  C CA  . PHE A 1 103 ? -2.144  -1.466  -13.234 1.00 102.58 ? 334  PHE A CA  1 
ATOM   802  C C   . PHE A 1 103 ? -3.294  -0.748  -13.916 1.00 105.98 ? 334  PHE A C   1 
ATOM   803  O O   . PHE A 1 103 ? -3.597  -1.001  -15.080 1.00 111.79 ? 334  PHE A O   1 
ATOM   804  C CB  . PHE A 1 103 ? -2.688  -2.459  -12.203 1.00 98.44  ? 334  PHE A CB  1 
ATOM   805  C CG  . PHE A 1 103 ? -1.871  -3.707  -12.077 1.00 96.62  ? 334  PHE A CG  1 
ATOM   806  C CD1 . PHE A 1 103 ? -0.906  -4.016  -13.014 1.00 103.13 ? 334  PHE A CD1 1 
ATOM   807  C CD2 . PHE A 1 103 ? -2.030  -4.549  -10.994 1.00 95.21  ? 334  PHE A CD2 1 
ATOM   808  C CE1 . PHE A 1 103 ? -0.144  -5.177  -12.909 1.00 107.35 ? 334  PHE A CE1 1 
ATOM   809  C CE2 . PHE A 1 103 ? -1.267  -5.711  -10.879 1.00 103.43 ? 334  PHE A CE2 1 
ATOM   810  C CZ  . PHE A 1 103 ? -0.321  -6.022  -11.842 1.00 105.75 ? 334  PHE A CZ  1 
ATOM   811  N N   . LYS A 1 104 ? -3.934  0.146   -13.170 1.00 106.13 ? 335  LYS A N   1 
ATOM   812  C CA  . LYS A 1 104 ? -5.014  0.970   -13.695 1.00 109.28 ? 335  LYS A CA  1 
ATOM   813  C C   . LYS A 1 104 ? -4.530  1.770   -14.900 1.00 112.71 ? 335  LYS A C   1 
ATOM   814  O O   . LYS A 1 104 ? -5.280  2.007   -15.853 1.00 115.11 ? 335  LYS A O   1 
ATOM   815  C CB  . LYS A 1 104 ? -5.544  1.907   -12.608 1.00 104.22 ? 335  LYS A CB  1 
ATOM   816  C CG  . LYS A 1 104 ? -6.783  1.400   -11.903 1.00 105.50 ? 335  LYS A CG  1 
ATOM   817  C CD  . LYS A 1 104 ? -7.921  1.202   -12.892 1.00 111.23 ? 335  LYS A CD  1 
ATOM   818  C CE  . LYS A 1 104 ? -9.175  0.655   -12.210 1.00 113.69 ? 335  LYS A CE  1 
ATOM   819  N NZ  . LYS A 1 104 ? -10.326 0.499   -13.148 1.00 111.21 ? 335  LYS A NZ  1 
ATOM   820  N N   . SER A 1 105 ? -3.263  2.168   -14.849 1.00 109.77 ? 336  SER A N   1 
ATOM   821  C CA  . SER A 1 105 ? -2.653  2.945   -15.918 1.00 115.69 ? 336  SER A CA  1 
ATOM   822  C C   . SER A 1 105 ? -2.621  2.142   -17.221 1.00 122.57 ? 336  SER A C   1 
ATOM   823  O O   . SER A 1 105 ? -2.990  2.649   -18.284 1.00 126.42 ? 336  SER A O   1 
ATOM   824  C CB  . SER A 1 105 ? -1.242  3.377   -15.519 1.00 114.47 ? 336  SER A CB  1 
ATOM   825  O OG  . SER A 1 105 ? -0.537  3.914   -16.618 1.00 118.96 ? 336  SER A OG  1 
ATOM   826  N N   . ASN A 1 106 ? -2.201  0.882   -17.132 1.00 122.26 ? 337  ASN A N   1 
ATOM   827  C CA  . ASN A 1 106 ? -2.112  0.031   -18.309 1.00 117.44 ? 337  ASN A CA  1 
ATOM   828  C C   . ASN A 1 106 ? -3.481  -0.336  -18.854 1.00 120.89 ? 337  ASN A C   1 
ATOM   829  O O   . ASN A 1 106 ? -3.691  -0.339  -20.065 1.00 128.11 ? 337  ASN A O   1 
ATOM   830  C CB  . ASN A 1 106 ? -1.316  -1.225  -17.988 1.00 115.95 ? 337  ASN A CB  1 
ATOM   831  C CG  . ASN A 1 106 ? 0.173   -0.991  -18.042 1.00 116.29 ? 337  ASN A CG  1 
ATOM   832  O OD1 . ASN A 1 106 ? 0.642   0.126   -17.835 1.00 123.92 ? 337  ASN A OD1 1 
ATOM   833  N ND2 . ASN A 1 106 ? 0.928   -2.039  -18.339 1.00 119.44 ? 337  ASN A ND2 1 
ATOM   834  N N   . GLN A 1 107 ? -4.408  -0.633  -17.947 1.00 121.82 ? 338  GLN A N   1 
ATOM   835  C CA  . GLN A 1 107 ? -5.779  -0.999  -18.298 1.00 123.05 ? 338  GLN A CA  1 
ATOM   836  C C   . GLN A 1 107 ? -6.455  0.088   -19.135 1.00 129.23 ? 338  GLN A C   1 
ATOM   837  O O   . GLN A 1 107 ? -7.259  -0.189  -20.032 1.00 129.21 ? 338  GLN A O   1 
ATOM   838  C CB  . GLN A 1 107 ? -6.579  -1.271  -17.026 1.00 116.06 ? 338  GLN A CB  1 
ATOM   839  C CG  . GLN A 1 107 ? -8.069  -1.120  -17.179 1.00 118.12 ? 338  GLN A CG  1 
ATOM   840  C CD  . GLN A 1 107 ? -8.819  -1.615  -15.966 1.00 120.28 ? 338  GLN A CD  1 
ATOM   841  O OE1 . GLN A 1 107 ? -8.957  -0.898  -14.979 1.00 120.08 ? 338  GLN A OE1 1 
ATOM   842  N NE2 . GLN A 1 107 ? -9.311  -2.845  -16.032 1.00 119.02 ? 338  GLN A NE2 1 
ATOM   843  N N   . HIS A 1 108 ? -6.097  1.333   -18.848 1.00 132.50 ? 339  HIS A N   1 
ATOM   844  C CA  . HIS A 1 108 ? -6.608  2.466   -19.602 1.00 136.50 ? 339  HIS A CA  1 
ATOM   845  C C   . HIS A 1 108 ? -5.762  2.695   -20.869 1.00 137.27 ? 339  HIS A C   1 
ATOM   846  O O   . HIS A 1 108 ? -5.647  3.813   -21.364 1.00 141.63 ? 339  HIS A O   1 
ATOM   847  C CB  . HIS A 1 108 ? -6.639  3.704   -18.707 1.00 137.76 ? 339  HIS A CB  1 
ATOM   848  C CG  . HIS A 1 108 ? -7.289  4.894   -19.339 1.00 145.52 ? 339  HIS A CG  1 
ATOM   849  N ND1 . HIS A 1 108 ? -6.564  5.927   -19.892 1.00 150.39 ? 339  HIS A ND1 1 
ATOM   850  C CD2 . HIS A 1 108 ? -8.594  5.208   -19.520 1.00 147.29 ? 339  HIS A CD2 1 
ATOM   851  C CE1 . HIS A 1 108 ? -7.395  6.833   -20.377 1.00 154.40 ? 339  HIS A CE1 1 
ATOM   852  N NE2 . HIS A 1 108 ? -8.632  6.419   -20.166 1.00 153.54 ? 339  HIS A NE2 1 
ATOM   853  N N   . PHE A 1 109 ? -5.184  1.611   -21.381 1.00 139.64 ? 340  PHE A N   1 
ATOM   854  C CA  . PHE A 1 109 ? -4.419  1.607   -22.629 1.00 140.64 ? 340  PHE A CA  1 
ATOM   855  C C   . PHE A 1 109 ? -3.382  2.724   -22.683 1.00 135.52 ? 340  PHE A C   1 
ATOM   856  O O   . PHE A 1 109 ? -2.592  2.888   -21.753 1.00 129.82 ? 340  PHE A O   1 
ATOM   857  C CB  . PHE A 1 109 ? -5.373  1.694   -23.827 1.00 141.92 ? 340  PHE A CB  1 
ATOM   858  C CG  . PHE A 1 109 ? -6.555  0.776   -23.713 1.00 137.74 ? 340  PHE A CG  1 
ATOM   859  C CD1 . PHE A 1 109 ? -6.379  -0.593  -23.724 1.00 135.10 ? 340  PHE A CD1 1 
ATOM   860  C CD2 . PHE A 1 109 ? -7.837  1.284   -23.584 1.00 136.70 ? 340  PHE A CD2 1 
ATOM   861  C CE1 . PHE A 1 109 ? -7.459  -1.439  -23.610 1.00 137.76 ? 340  PHE A CE1 1 
ATOM   862  C CE2 . PHE A 1 109 ? -8.919  0.442   -23.470 1.00 138.25 ? 340  PHE A CE2 1 
ATOM   863  C CZ  . PHE A 1 109 ? -8.730  -0.922  -23.485 1.00 140.33 ? 340  PHE A CZ  1 
ATOM   864  N N   . ALA B 2 3   ? -4.913  15.197  -21.021 1.00 164.56 ? 538  ALA B N   1 
ATOM   865  C CA  . ALA B 2 3   ? -4.245  13.928  -21.271 1.00 165.37 ? 538  ALA B CA  1 
ATOM   866  C C   . ALA B 2 3   ? -4.393  12.995  -20.043 1.00 171.42 ? 538  ALA B C   1 
ATOM   867  O O   . ALA B 2 3   ? -5.416  13.055  -19.362 1.00 168.98 ? 538  ALA B O   1 
ATOM   868  C CB  . ALA B 2 3   ? -2.794  14.173  -21.637 1.00 159.82 ? 538  ALA B CB  1 
ATOM   869  N N   . SER B 2 4   ? -3.425  12.114  -19.783 1.00 175.25 ? 539  SER B N   1 
ATOM   870  C CA  . SER B 2 4   ? -3.574  11.101  -18.730 1.00 177.21 ? 539  SER B CA  1 
ATOM   871  C C   . SER B 2 4   ? -2.331  10.766  -17.869 1.00 179.97 ? 539  SER B C   1 
ATOM   872  O O   . SER B 2 4   ? -2.114  9.603   -17.525 1.00 181.40 ? 539  SER B O   1 
ATOM   873  C CB  . SER B 2 4   ? -4.108  9.805   -19.375 1.00 175.65 ? 539  SER B CB  1 
ATOM   874  O OG  . SER B 2 4   ? -5.304  10.083  -20.110 1.00 174.01 ? 539  SER B OG  1 
ATOM   875  N N   . ASP B 2 5   ? -1.482  11.736  -17.548 1.00 180.78 ? 540  ASP B N   1 
ATOM   876  C CA  . ASP B 2 5   ? -0.689  11.585  -16.320 1.00 182.20 ? 540  ASP B CA  1 
ATOM   877  C C   . ASP B 2 5   ? -1.241  12.553  -15.254 1.00 177.38 ? 540  ASP B C   1 
ATOM   878  O O   . ASP B 2 5   ? -0.562  13.250  -14.488 1.00 173.56 ? 540  ASP B O   1 
ATOM   879  C CB  . ASP B 2 5   ? 0.815   11.661  -16.566 1.00 206.90 ? 540  ASP B CB  1 
ATOM   880  C CG  . ASP B 2 5   ? 1.305   10.458  -17.339 1.00 192.79 ? 540  ASP B CG  1 
ATOM   881  O OD1 . ASP B 2 5   ? 0.900   9.325   -16.969 1.00 192.00 ? 540  ASP B OD1 1 
ATOM   882  O OD2 . ASP B 2 5   ? 2.155   10.596  -18.227 1.00 195.84 ? 540  ASP B OD2 1 
ATOM   883  N N   . GLU B 2 6   ? -2.564  12.461  -15.213 1.00 177.57 ? 541  GLU B N   1 
ATOM   884  C CA  . GLU B 2 6   ? -3.355  12.527  -14.002 1.00 176.56 ? 541  GLU B CA  1 
ATOM   885  C C   . GLU B 2 6   ? -2.798  11.440  -13.102 1.00 174.69 ? 541  GLU B C   1 
ATOM   886  O O   . GLU B 2 6   ? -2.947  11.494  -11.892 1.00 172.40 ? 541  GLU B O   1 
ATOM   887  C CB  . GLU B 2 6   ? -4.840  12.286  -14.304 1.00 176.18 ? 541  GLU B CB  1 
ATOM   888  N N   . PHE B 2 7   ? -2.222  10.424  -13.750 1.00 169.44 ? 542  PHE B N   1 
ATOM   889  C CA  . PHE B 2 7   ? -1.290  9.447   -13.182 1.00 162.75 ? 542  PHE B CA  1 
ATOM   890  C C   . PHE B 2 7   ? -0.091  10.098  -12.478 1.00 156.11 ? 542  PHE B C   1 
ATOM   891  O O   . PHE B 2 7   ? 0.234   9.727   -11.352 1.00 147.98 ? 542  PHE B O   1 
ATOM   892  C CB  . PHE B 2 7   ? -0.793  8.509   -14.294 1.00 163.34 ? 542  PHE B CB  1 
ATOM   893  C CG  . PHE B 2 7   ? 0.290   7.554   -13.870 1.00 155.78 ? 542  PHE B CG  1 
ATOM   894  C CD1 . PHE B 2 7   ? -0.041  6.336   -13.308 1.00 142.98 ? 542  PHE B CD1 1 
ATOM   895  C CD2 . PHE B 2 7   ? 1.638   7.866   -14.046 1.00 158.57 ? 542  PHE B CD2 1 
ATOM   896  C CE1 . PHE B 2 7   ? 0.943   5.438   -12.926 1.00 135.63 ? 542  PHE B CE1 1 
ATOM   897  C CE2 . PHE B 2 7   ? 2.631   6.971   -13.657 1.00 150.72 ? 542  PHE B CE2 1 
ATOM   898  C CZ  . PHE B 2 7   ? 2.280   5.757   -13.100 1.00 138.95 ? 542  PHE B CZ  1 
ATOM   899  N N   . ALA B 2 8   ? 0.577   11.053  -13.129 1.00 160.06 ? 543  ALA B N   1 
ATOM   900  C CA  . ALA B 2 8   ? 1.736   11.712  -12.514 1.00 154.94 ? 543  ALA B CA  1 
ATOM   901  C C   . ALA B 2 8   ? 1.292   12.610  -11.364 1.00 141.28 ? 543  ALA B C   1 
ATOM   902  O O   . ALA B 2 8   ? 2.065   12.890  -10.445 1.00 132.06 ? 543  ALA B O   1 
ATOM   903  C CB  . ALA B 2 8   ? 2.518   12.509  -13.538 1.00 159.88 ? 543  ALA B CB  1 
ATOM   904  N N   . SER B 2 9   ? 0.042   13.059  -11.432 1.00 144.67 ? 544  SER B N   1 
ATOM   905  C CA  . SER B 2 9   ? -0.582  13.774  -10.330 1.00 138.77 ? 544  SER B CA  1 
ATOM   906  C C   . SER B 2 9   ? -0.820  12.823  -9.169  1.00 128.56 ? 544  SER B C   1 
ATOM   907  O O   . SER B 2 9   ? -0.289  13.024  -8.082  1.00 122.65 ? 544  SER B O   1 
ATOM   908  C CB  . SER B 2 9   ? -1.902  14.416  -10.769 1.00 141.39 ? 544  SER B CB  1 
ATOM   909  O OG  . SER B 2 9   ? -2.514  15.112  -9.696  1.00 130.88 ? 544  SER B OG  1 
ATOM   910  N N   . GLU B 2 10  ? -1.599  11.771  -9.401  1.00 132.76 ? 545  GLU B N   1 
ATOM   911  C CA  . GLU B 2 10  ? -1.926  10.841  -8.328  1.00 128.56 ? 545  GLU B CA  1 
ATOM   912  C C   . GLU B 2 10  ? -0.651  10.271  -7.692  1.00 118.60 ? 545  GLU B C   1 
ATOM   913  O O   . GLU B 2 10  ? -0.629  10.018  -6.491  1.00 108.93 ? 545  GLU B O   1 
ATOM   914  C CB  . GLU B 2 10  ? -2.850  9.718   -8.834  1.00 133.78 ? 545  GLU B CB  1 
ATOM   915  C CG  . GLU B 2 10  ? -2.274  8.816   -9.907  1.00 140.92 ? 545  GLU B CG  1 
ATOM   916  C CD  . GLU B 2 10  ? -3.259  7.763   -10.390 1.00 144.34 ? 545  GLU B CD  1 
ATOM   917  O OE1 . GLU B 2 10  ? -4.355  8.143   -10.857 1.00 148.41 ? 545  GLU B OE1 1 
ATOM   918  O OE2 . GLU B 2 10  ? -2.934  6.558   -10.316 1.00 152.30 ? 545  GLU B OE2 1 
ATOM   919  N N   . LYS B 2 11  ? 0.414   10.120  -8.478  1.00 118.08 ? 546  LYS B N   1 
ATOM   920  C CA  . LYS B 2 11  ? 1.701   9.695   -7.935  1.00 110.63 ? 546  LYS B CA  1 
ATOM   921  C C   . LYS B 2 11  ? 2.220   10.692  -6.891  1.00 109.21 ? 546  LYS B C   1 
ATOM   922  O O   . LYS B 2 11  ? 2.420   10.331  -5.727  1.00 100.53 ? 546  LYS B O   1 
ATOM   923  C CB  . LYS B 2 11  ? 2.736   9.518   -9.050  1.00 108.33 ? 546  LYS B CB  1 
ATOM   924  N N   . VAL B 2 12  ? 2.421   11.946  -7.299  1.00 113.24 ? 547  VAL B N   1 
ATOM   925  C CA  . VAL B 2 12  ? 2.973   12.949  -6.388  1.00 106.88 ? 547  VAL B CA  1 
ATOM   926  C C   . VAL B 2 12  ? 2.056   13.165  -5.182  1.00 103.73 ? 547  VAL B C   1 
ATOM   927  O O   . VAL B 2 12  ? 2.549   13.276  -4.058  1.00 97.52  ? 547  VAL B O   1 
ATOM   928  C CB  . VAL B 2 12  ? 3.250   14.306  -7.092  1.00 109.93 ? 547  VAL B CB  1 
ATOM   929  C CG1 . VAL B 2 12  ? 4.191   14.108  -8.264  1.00 112.54 ? 547  VAL B CG1 1 
ATOM   930  C CG2 . VAL B 2 12  ? 1.973   14.981  -7.552  1.00 113.99 ? 547  VAL B CG2 1 
ATOM   931  N N   . ARG B 2 13  ? 0.738   13.174  -5.390  1.00 103.40 ? 548  ARG B N   1 
ATOM   932  C CA  . ARG B 2 13  ? -0.180  13.382  -4.273  1.00 100.81 ? 548  ARG B CA  1 
ATOM   933  C C   . ARG B 2 13  ? -0.056  12.242  -3.278  1.00 102.70 ? 548  ARG B C   1 
ATOM   934  O O   . ARG B 2 13  ? 0.087   12.480  -2.075  1.00 102.79 ? 548  ARG B O   1 
ATOM   935  C CB  . ARG B 2 13  ? -1.628  13.522  -4.749  1.00 101.40 ? 548  ARG B CB  1 
ATOM   936  C CG  . ARG B 2 13  ? -1.775  14.449  -5.932  1.00 111.35 ? 548  ARG B CG  1 
ATOM   937  C CD  . ARG B 2 13  ? -3.194  14.951  -6.159  1.00 113.03 ? 548  ARG B CD  1 
ATOM   938  N NE  . ARG B 2 13  ? -4.223  14.219  -5.424  1.00 106.93 ? 548  ARG B NE  1 
ATOM   939  C CZ  . ARG B 2 13  ? -5.500  14.186  -5.798  1.00 111.49 ? 548  ARG B CZ  1 
ATOM   940  N NH1 . ARG B 2 13  ? -5.877  14.807  -6.908  1.00 124.10 ? 548  ARG B NH1 1 
ATOM   941  N NH2 . ARG B 2 13  ? -6.399  13.518  -5.093  1.00 110.12 ? 548  ARG B NH2 1 
ATOM   942  N N   . LEU B 2 14  ? -0.079  11.013  -3.796  1.00 102.41 ? 549  LEU B N   1 
ATOM   943  C CA  . LEU B 2 14  ? 0.071   9.808   -2.998  1.00 94.70  ? 549  LEU B CA  1 
ATOM   944  C C   . LEU B 2 14  ? 1.410   9.806   -2.285  1.00 92.53  ? 549  LEU B C   1 
ATOM   945  O O   . LEU B 2 14  ? 1.512   9.320   -1.159  1.00 94.75  ? 549  LEU B O   1 
ATOM   946  C CB  . LEU B 2 14  ? -0.041  8.562   -3.882  1.00 98.20  ? 549  LEU B CB  1 
ATOM   947  C CG  . LEU B 2 14  ? -0.440  7.229   -3.256  1.00 95.44  ? 549  LEU B CG  1 
ATOM   948  C CD1 . LEU B 2 14  ? -1.892  7.265   -2.799  1.00 91.73  ? 549  LEU B CD1 1 
ATOM   949  C CD2 . LEU B 2 14  ? -0.214  6.065   -4.232  1.00 91.64  ? 549  LEU B CD2 1 
ATOM   950  N N   . ALA B 2 15  ? 2.441   10.316  -2.950  1.00 85.00  ? 550  ALA B N   1 
ATOM   951  C CA  . ALA B 2 15  ? 3.754   10.424  -2.310  1.00 93.20  ? 550  ALA B CA  1 
ATOM   952  C C   . ALA B 2 15  ? 3.690   11.375  -1.117  1.00 93.64  ? 550  ALA B C   1 
ATOM   953  O O   . ALA B 2 15  ? 4.217   11.076  -0.039  1.00 90.01  ? 550  ALA B O   1 
ATOM   954  C CB  . ALA B 2 15  ? 4.818   10.895  -3.301  1.00 90.85  ? 550  ALA B CB  1 
ATOM   955  N N   . GLN B 2 16  ? 3.031   12.513  -1.317  1.00 96.42  ? 551  GLN B N   1 
ATOM   956  C CA  . GLN B 2 16  ? 2.956   13.560  -0.295  1.00 100.83 ? 551  GLN B CA  1 
ATOM   957  C C   . GLN B 2 16  ? 2.130   13.096  0.901   1.00 97.11  ? 551  GLN B C   1 
ATOM   958  O O   . GLN B 2 16  ? 2.461   13.386  2.054   1.00 96.09  ? 551  GLN B O   1 
ATOM   959  C CB  . GLN B 2 16  ? 2.360   14.841  -0.882  1.00 99.95  ? 551  GLN B CB  1 
ATOM   960  C CG  . GLN B 2 16  ? 2.285   15.985  0.086   1.00 109.35 ? 551  GLN B CG  1 
ATOM   961  C CD  . GLN B 2 16  ? 1.561   17.175  -0.501  1.00 116.88 ? 551  GLN B CD  1 
ATOM   962  O OE1 . GLN B 2 16  ? 1.138   17.147  -1.664  1.00 117.95 ? 551  GLN B OE1 1 
ATOM   963  N NE2 . GLN B 2 16  ? 1.429   18.239  0.291   1.00 117.66 ? 551  GLN B NE2 1 
ATOM   964  N N   . LEU B 2 17  ? 1.056   12.373  0.614   1.00 94.36  ? 552  LEU B N   1 
ATOM   965  C CA  . LEU B 2 17  ? 0.243   11.773  1.660   1.00 91.89  ? 552  LEU B CA  1 
ATOM   966  C C   . LEU B 2 17  ? 1.090   10.815  2.484   1.00 92.14  ? 552  LEU B C   1 
ATOM   967  O O   . LEU B 2 17  ? 0.926   10.701  3.699   1.00 93.85  ? 552  LEU B O   1 
ATOM   968  C CB  . LEU B 2 17  ? -0.947  11.041  1.049   1.00 92.28  ? 552  LEU B CB  1 
ATOM   969  C CG  . LEU B 2 17  ? -1.773  10.125  1.949   1.00 94.27  ? 552  LEU B CG  1 
ATOM   970  C CD1 . LEU B 2 17  ? -2.350  10.930  3.096   1.00 94.75  ? 552  LEU B CD1 1 
ATOM   971  C CD2 . LEU B 2 17  ? -2.860  9.418   1.149   1.00 89.17  ? 552  LEU B CD2 1 
ATOM   972  N N   . THR B 2 18  ? 2.019   10.141  1.818   1.00 89.63  ? 553  THR B N   1 
ATOM   973  C CA  . THR B 2 18  ? 2.729   9.032   2.437   1.00 90.27  ? 553  THR B CA  1 
ATOM   974  C C   . THR B 2 18  ? 3.777   9.552   3.395   1.00 82.43  ? 553  THR B C   1 
ATOM   975  O O   . THR B 2 18  ? 3.975   9.022   4.495   1.00 82.70  ? 553  THR B O   1 
ATOM   976  C CB  . THR B 2 18  ? 3.375   8.119   1.364   1.00 86.85  ? 553  THR B CB  1 
ATOM   977  O OG1 . THR B 2 18  ? 2.348   7.611   0.504   1.00 82.98  ? 553  THR B OG1 1 
ATOM   978  C CG2 . THR B 2 18  ? 4.124   6.964   2.008   1.00 79.51  ? 553  THR B CG2 1 
ATOM   979  N N   . ASN B 2 19  ? 4.439   10.612  2.968   1.00 93.33  ? 554  ASN B N   1 
ATOM   980  C CA  . ASN B 2 19  ? 5.457   11.261  3.786   1.00 92.09  ? 554  ASN B CA  1 
ATOM   981  C C   . ASN B 2 19  ? 4.912   11.851  5.097   1.00 86.83  ? 554  ASN B C   1 
ATOM   982  O O   . ASN B 2 19  ? 5.659   12.010  6.057   1.00 94.19  ? 554  ASN B O   1 
ATOM   983  C CB  . ASN B 2 19  ? 6.154   12.331  2.958   1.00 83.63  ? 554  ASN B CB  1 
ATOM   984  C CG  . ASN B 2 19  ? 7.153   11.743  1.946   1.00 89.23  ? 554  ASN B CG  1 
ATOM   985  O OD1 . ASN B 2 19  ? 7.896   10.790  2.240   1.00 82.14  ? 554  ASN B OD1 1 
ATOM   986  N ND2 . ASN B 2 19  ? 7.189   12.332  0.753   1.00 93.57  ? 554  ASN B ND2 1 
ATOM   987  N N   . LYS B 2 20  ? 3.612   12.125  5.145   1.00 85.57  ? 555  LYS B N   1 
ATOM   988  C CA  . LYS B 2 20  ? 2.954   12.685  6.328   1.00 84.22  ? 555  LYS B CA  1 
ATOM   989  C C   . LYS B 2 20  ? 2.293   11.698  7.298   1.00 86.10  ? 555  LYS B C   1 
ATOM   990  O O   . LYS B 2 20  ? 1.721   12.114  8.307   1.00 86.25  ? 555  LYS B O   1 
ATOM   991  C CB  . LYS B 2 20  ? 1.863   13.659  5.890   1.00 90.46  ? 555  LYS B CB  1 
ATOM   992  C CG  . LYS B 2 20  ? 2.313   14.919  5.170   1.00 91.24  ? 555  LYS B CG  1 
ATOM   993  C CD  . LYS B 2 20  ? 1.079   15.724  4.731   1.00 99.86  ? 555  LYS B CD  1 
ATOM   994  C CE  . LYS B 2 20  ? -0.188  15.233  5.466   1.00 106.63 ? 555  LYS B CE  1 
ATOM   995  N NZ  . LYS B 2 20  ? -1.422  15.127  4.617   1.00 105.61 ? 555  LYS B NZ  1 
ATOM   996  N N   . CYS B 2 21  ? 2.299   10.406  6.982   1.00 94.76  ? 556  CYS B N   1 
ATOM   997  C CA  . CYS B 2 21  ? 1.508   9.438   7.751   1.00 80.11  ? 556  CYS B CA  1 
ATOM   998  C C   . CYS B 2 21  ? 2.378   8.411   8.453   1.00 79.15  ? 556  CYS B C   1 
ATOM   999  O O   . CYS B 2 21  ? 3.396   7.982   7.910   1.00 81.80  ? 556  CYS B O   1 
ATOM   1000 C CB  . CYS B 2 21  ? 0.515   8.726   6.841   1.00 77.20  ? 556  CYS B CB  1 
ATOM   1001 S SG  . CYS B 2 21  ? -0.793  9.787   6.120   1.00 85.71  ? 556  CYS B SG  1 
ATOM   1002 N N   . ASN B 2 22  ? 1.991   8.028   9.666   1.00 74.47  ? 557  ASN B N   1 
ATOM   1003 C CA  . ASN B 2 22  ? 2.625   6.885   10.326  1.00 87.31  ? 557  ASN B CA  1 
ATOM   1004 C C   . ASN B 2 22  ? 1.577   5.764   10.587  1.00 81.34  ? 557  ASN B C   1 
ATOM   1005 O O   . ASN B 2 22  ? 0.437   5.852   10.100  1.00 81.09  ? 557  ASN B O   1 
ATOM   1006 C CB  . ASN B 2 22  ? 3.337   7.338   11.620  1.00 79.54  ? 557  ASN B CB  1 
ATOM   1007 C CG  . ASN B 2 22  ? 2.423   8.069   12.567  1.00 85.03  ? 557  ASN B CG  1 
ATOM   1008 O OD1 . ASN B 2 22  ? 1.308   7.629   12.837  1.00 83.31  ? 557  ASN B OD1 1 
ATOM   1009 N ND2 . ASN B 2 22  ? 2.898   9.199   13.094  1.00 95.61  ? 557  ASN B ND2 1 
ATOM   1010 N N   . ASN B 2 23  ? 1.927   4.721   11.337  1.00 78.65  ? 558  ASN B N   1 
ATOM   1011 C CA  . ASN B 2 23  ? 0.957   3.623   11.530  1.00 81.80  ? 558  ASN B CA  1 
ATOM   1012 C C   . ASN B 2 23  ? -0.335  4.051   12.235  1.00 85.80  ? 558  ASN B C   1 
ATOM   1013 O O   . ASN B 2 23  ? -1.373  3.384   12.125  1.00 83.40  ? 558  ASN B O   1 
ATOM   1014 C CB  . ASN B 2 23  ? 1.583   2.471   12.318  1.00 77.00  ? 558  ASN B CB  1 
ATOM   1015 C CG  . ASN B 2 23  ? 2.704   1.805   11.565  1.00 74.24  ? 558  ASN B CG  1 
ATOM   1016 O OD1 . ASN B 2 23  ? 2.768   1.892   10.333  1.00 71.10  ? 558  ASN B OD1 1 
ATOM   1017 N ND2 . ASN B 2 23  ? 3.591   1.115   12.291  1.00 72.22  ? 558  ASN B ND2 1 
ATOM   1018 N N   . ASN B 2 24  ? -0.269  5.156   12.968  1.00 83.82  ? 559  ASN B N   1 
ATOM   1019 C CA  . ASN B 2 24  ? -1.433  5.662   13.700  1.00 86.77  ? 559  ASN B CA  1 
ATOM   1020 C C   . ASN B 2 24  ? -2.485  6.250   12.766  1.00 88.38  ? 559  ASN B C   1 
ATOM   1021 O O   . ASN B 2 24  ? -3.640  6.409   13.151  1.00 90.11  ? 559  ASN B O   1 
ATOM   1022 C CB  . ASN B 2 24  ? -1.001  6.721   14.734  1.00 91.28  ? 559  ASN B CB  1 
ATOM   1023 C CG  . ASN B 2 24  ? -0.327  6.112   15.950  1.00 95.31  ? 559  ASN B CG  1 
ATOM   1024 O OD1 . ASN B 2 24  ? 0.005   4.921   15.972  1.00 101.09 ? 559  ASN B OD1 1 
ATOM   1025 N ND2 . ASN B 2 24  ? -0.123  6.923   16.971  1.00 99.52  ? 559  ASN B ND2 1 
ATOM   1026 N N   . ASP B 2 25  ? -2.073  6.575   11.540  1.00 88.47  ? 560  ASP B N   1 
ATOM   1027 C CA  . ASP B 2 25  ? -2.961  7.181   10.549  1.00 84.59  ? 560  ASP B CA  1 
ATOM   1028 C C   . ASP B 2 25  ? -3.440  6.173   9.508   1.00 90.15  ? 560  ASP B C   1 
ATOM   1029 O O   . ASP B 2 25  ? -3.844  6.563   8.404   1.00 88.71  ? 560  ASP B O   1 
ATOM   1030 C CB  . ASP B 2 25  ? -2.251  8.319   9.828   1.00 91.72  ? 560  ASP B CB  1 
ATOM   1031 C CG  . ASP B 2 25  ? -1.401  9.167   10.761  1.00 90.87  ? 560  ASP B CG  1 
ATOM   1032 O OD1 . ASP B 2 25  ? -1.996  9.908   11.571  1.00 95.05  ? 560  ASP B OD1 1 
ATOM   1033 O OD2 . ASP B 2 25  ? -0.145  9.083   10.684  1.00 87.78  ? 560  ASP B OD2 1 
ATOM   1034 N N   . LEU B 2 26  ? -3.384  4.887   9.846   1.00 85.55  ? 561  LEU B N   1 
ATOM   1035 C CA  . LEU B 2 26  ? -3.697  3.833   8.872   1.00 85.38  ? 561  LEU B CA  1 
ATOM   1036 C C   . LEU B 2 26  ? -5.043  4.075   8.232   1.00 87.92  ? 561  LEU B C   1 
ATOM   1037 O O   . LEU B 2 26  ? -5.186  4.080   7.000   1.00 81.49  ? 561  LEU B O   1 
ATOM   1038 C CB  . LEU B 2 26  ? -3.693  2.465   9.531   1.00 77.05  ? 561  LEU B CB  1 
ATOM   1039 C CG  . LEU B 2 26  ? -2.807  1.471   8.803   1.00 87.79  ? 561  LEU B CG  1 
ATOM   1040 C CD1 . LEU B 2 26  ? -1.390  1.986   8.809   1.00 77.16  ? 561  LEU B CD1 1 
ATOM   1041 C CD2 . LEU B 2 26  ? -2.896  0.079   9.444   1.00 87.91  ? 561  LEU B CD2 1 
ATOM   1042 N N   . ASP B 2 27  ? -6.020  4.313   9.098   1.00 89.19  ? 562  ASP B N   1 
ATOM   1043 C CA  . ASP B 2 27  ? -7.397  4.508   8.696   1.00 82.63  ? 562  ASP B CA  1 
ATOM   1044 C C   . ASP B 2 27  ? -7.496  5.633   7.685   1.00 88.16  ? 562  ASP B C   1 
ATOM   1045 O O   . ASP B 2 27  ? -8.033  5.469   6.602   1.00 92.76  ? 562  ASP B O   1 
ATOM   1046 C CB  . ASP B 2 27  ? -8.236  4.821   9.923   1.00 88.15  ? 562  ASP B CB  1 
ATOM   1047 C CG  . ASP B 2 27  ? -9.711  4.659   9.685   1.00 104.43 ? 562  ASP B CG  1 
ATOM   1048 O OD1 . ASP B 2 27  ? -10.160 4.729   8.523   1.00 105.17 ? 562  ASP B OD1 1 
ATOM   1049 O OD2 . ASP B 2 27  ? -10.440 4.471   10.686  1.00 114.24 ? 562  ASP B OD2 1 
ATOM   1050 N N   . TYR B 2 28  ? -6.934  6.776   8.038   1.00 90.30  ? 563  TYR B N   1 
ATOM   1051 C CA  . TYR B 2 28  ? -7.015  7.965   7.209   1.00 89.16  ? 563  TYR B CA  1 
ATOM   1052 C C   . TYR B 2 28  ? -6.201  7.807   5.928   1.00 86.27  ? 563  TYR B C   1 
ATOM   1053 O O   . TYR B 2 28  ? -6.605  8.266   4.854   1.00 87.15  ? 563  TYR B O   1 
ATOM   1054 C CB  . TYR B 2 28  ? -6.531  9.184   8.020   1.00 87.46  ? 563  TYR B CB  1 
ATOM   1055 C CG  . TYR B 2 28  ? -6.196  10.418  7.216   1.00 81.42  ? 563  TYR B CG  1 
ATOM   1056 C CD1 . TYR B 2 28  ? -7.183  11.330  6.835   1.00 93.23  ? 563  TYR B CD1 1 
ATOM   1057 C CD2 . TYR B 2 28  ? -4.892  10.681  6.850   1.00 85.92  ? 563  TYR B CD2 1 
ATOM   1058 C CE1 . TYR B 2 28  ? -6.869  12.484  6.108   1.00 93.87  ? 563  TYR B CE1 1 
ATOM   1059 C CE2 . TYR B 2 28  ? -4.562  11.836  6.124   1.00 97.95  ? 563  TYR B CE2 1 
ATOM   1060 C CZ  . TYR B 2 28  ? -5.554  12.733  5.754   1.00 98.38  ? 563  TYR B CZ  1 
ATOM   1061 O OH  . TYR B 2 28  ? -5.211  13.867  5.028   1.00 93.93  ? 563  TYR B OH  1 
ATOM   1062 N N   . TYR B 2 29  ? -5.038  7.177   6.053   1.00 81.91  ? 564  TYR B N   1 
ATOM   1063 C CA  . TYR B 2 29  ? -4.167  6.969   4.908   1.00 85.81  ? 564  TYR B CA  1 
ATOM   1064 C C   . TYR B 2 29  ? -4.844  6.105   3.834   1.00 88.30  ? 564  TYR B C   1 
ATOM   1065 O O   . TYR B 2 29  ? -4.737  6.420   2.641   1.00 85.32  ? 564  TYR B O   1 
ATOM   1066 C CB  . TYR B 2 29  ? -2.850  6.335   5.357   1.00 86.35  ? 564  TYR B CB  1 
ATOM   1067 C CG  . TYR B 2 29  ? -1.916  6.019   4.221   1.00 86.01  ? 564  TYR B CG  1 
ATOM   1068 C CD1 . TYR B 2 29  ? -1.127  7.007   3.657   1.00 82.08  ? 564  TYR B CD1 1 
ATOM   1069 C CD2 . TYR B 2 29  ? -1.822  4.722   3.709   1.00 86.92  ? 564  TYR B CD2 1 
ATOM   1070 C CE1 . TYR B 2 29  ? -0.262  6.733   2.608   1.00 85.45  ? 564  TYR B CE1 1 
ATOM   1071 C CE2 . TYR B 2 29  ? -0.959  4.428   2.657   1.00 82.44  ? 564  TYR B CE2 1 
ATOM   1072 C CZ  . TYR B 2 29  ? -0.179  5.446   2.106   1.00 86.46  ? 564  TYR B CZ  1 
ATOM   1073 O OH  . TYR B 2 29  ? 0.694   5.182   1.059   1.00 86.75  ? 564  TYR B OH  1 
ATOM   1074 N N   . ILE B 2 30  ? -5.545  5.043   4.254   1.00 86.18  ? 565  ILE B N   1 
ATOM   1075 C CA  . ILE B 2 30  ? -6.271  4.187   3.307   1.00 85.92  ? 565  ILE B CA  1 
ATOM   1076 C C   . ILE B 2 30  ? -7.330  4.973   2.530   1.00 93.28  ? 565  ILE B C   1 
ATOM   1077 O O   . ILE B 2 30  ? -7.358  4.927   1.294   1.00 90.79  ? 565  ILE B O   1 
ATOM   1078 C CB  . ILE B 2 30  ? -7.012  2.999   3.979   1.00 89.99  ? 565  ILE B CB  1 
ATOM   1079 C CG1 . ILE B 2 30  ? -6.087  2.154   4.853   1.00 89.81  ? 565  ILE B CG1 1 
ATOM   1080 C CG2 . ILE B 2 30  ? -7.686  2.111   2.914   1.00 88.46  ? 565  ILE B CG2 1 
ATOM   1081 C CD1 . ILE B 2 30  ? -5.048  1.434   4.108   1.00 91.75  ? 565  ILE B CD1 1 
ATOM   1082 N N   . LYS B 2 31  ? -8.215  5.676   3.243   1.00 92.46  ? 566  LYS B N   1 
ATOM   1083 C CA  . LYS B 2 31  ? -9.324  6.337   2.553   1.00 97.35  ? 566  LYS B CA  1 
ATOM   1084 C C   . LYS B 2 31  ? -8.923  7.606   1.791   1.00 97.10  ? 566  LYS B C   1 
ATOM   1085 O O   . LYS B 2 31  ? -9.664  8.032   0.906   1.00 103.00 ? 566  LYS B O   1 
ATOM   1086 C CB  . LYS B 2 31  ? -10.487 6.694   3.495   1.00 99.77  ? 566  LYS B CB  1 
ATOM   1087 C CG  . LYS B 2 31  ? -10.623 5.936   4.788   1.00 99.18  ? 566  LYS B CG  1 
ATOM   1088 C CD  . LYS B 2 31  ? -12.071 6.033   5.268   1.00 100.15 ? 566  LYS B CD  1 
ATOM   1089 C CE  . LYS B 2 31  ? -12.123 6.036   6.780   1.00 102.18 ? 566  LYS B CE  1 
ATOM   1090 N NZ  . LYS B 2 31  ? -13.414 5.574   7.356   1.00 110.56 ? 566  LYS B NZ  1 
ATOM   1091 N N   . GLU B 2 32  ? -7.789  8.233   2.075   1.00 91.12  ? 567  GLU B N   1 
ATOM   1092 C CA  . GLU B 2 32  ? -7.483  9.322   1.169   1.00 98.16  ? 567  GLU B CA  1 
ATOM   1093 C C   . GLU B 2 32  ? -6.576  8.819   0.049   1.00 99.62  ? 567  GLU B C   1 
ATOM   1094 O O   . GLU B 2 32  ? -6.437  9.473   -0.987  1.00 100.10 ? 567  GLU B O   1 
ATOM   1095 C CB  . GLU B 2 32  ? -6.898  10.545  1.884   1.00 100.11 ? 567  GLU B CB  1 
ATOM   1096 C CG  . GLU B 2 32  ? -7.788  11.772  1.591   1.00 98.55  ? 567  GLU B CG  1 
ATOM   1097 C CD  . GLU B 2 32  ? -7.127  13.089  1.867   1.00 113.96 ? 567  GLU B CD  1 
ATOM   1098 O OE1 . GLU B 2 32  ? -6.257  13.493  1.064   1.00 120.02 ? 567  GLU B OE1 1 
ATOM   1099 O OE2 . GLU B 2 32  ? -7.503  13.748  2.866   1.00 120.27 ? 567  GLU B OE2 1 
ATOM   1100 N N   . SER B 2 33  ? -5.999  7.634   0.220   1.00 98.69  ? 568  SER B N   1 
ATOM   1101 C CA  . SER B 2 33  ? -5.424  6.952   -0.938  1.00 96.34  ? 568  SER B CA  1 
ATOM   1102 C C   . SER B 2 33  ? -6.570  6.474   -1.808  1.00 91.67  ? 568  SER B C   1 
ATOM   1103 O O   . SER B 2 33  ? -6.499  6.540   -3.032  1.00 94.18  ? 568  SER B O   1 
ATOM   1104 C CB  . SER B 2 33  ? -4.525  5.795   -0.531  1.00 86.44  ? 568  SER B CB  1 
ATOM   1105 O OG  . SER B 2 33  ? -3.334  6.289   0.062   1.00 89.34  ? 568  SER B OG  1 
ATOM   1106 N N   . GLY B 2 34  ? -7.643  6.035   -1.162  1.00 90.99  ? 569  GLY B N   1 
ATOM   1107 C CA  . GLY B 2 34  ? -8.840  5.593   -1.858  1.00 99.27  ? 569  GLY B CA  1 
ATOM   1108 C C   . GLY B 2 34  ? -9.486  6.673   -2.705  1.00 103.21 ? 569  GLY B C   1 
ATOM   1109 O O   . GLY B 2 34  ? -10.092 6.382   -3.739  1.00 105.66 ? 569  GLY B O   1 
ATOM   1110 N N   . ASP B 2 35  ? -9.370  7.924   -2.268  1.00 103.78 ? 570  ASP B N   1 
ATOM   1111 C CA  . ASP B 2 35  ? -9.888  9.041   -3.053  1.00 102.64 ? 570  ASP B CA  1 
ATOM   1112 C C   . ASP B 2 35  ? -8.945  9.369   -4.197  1.00 100.16 ? 570  ASP B C   1 
ATOM   1113 O O   . ASP B 2 35  ? -9.388  9.593   -5.323  1.00 100.74 ? 570  ASP B O   1 
ATOM   1114 C CB  . ASP B 2 35  ? -10.104 10.284  -2.184  1.00 107.37 ? 570  ASP B CB  1 
ATOM   1115 C CG  . ASP B 2 35  ? -11.474 10.312  -1.517  1.00 115.00 ? 570  ASP B CG  1 
ATOM   1116 O OD1 . ASP B 2 35  ? -11.915 9.272   -0.983  1.00 119.63 ? 570  ASP B OD1 1 
ATOM   1117 O OD2 . ASP B 2 35  ? -12.110 11.389  -1.526  1.00 121.04 ? 570  ASP B OD2 1 
ATOM   1118 N N   . ILE B 2 36  ? -7.647  9.407   -3.906  1.00 97.81  ? 571  ILE B N   1 
ATOM   1119 C CA  . ILE B 2 36  ? -6.647  9.711   -4.923  1.00 96.89  ? 571  ILE B CA  1 
ATOM   1120 C C   . ILE B 2 36  ? -6.757  8.745   -6.099  1.00 103.03 ? 571  ILE B C   1 
ATOM   1121 O O   . ILE B 2 36  ? -6.592  9.140   -7.254  1.00 106.94 ? 571  ILE B O   1 
ATOM   1122 C CB  . ILE B 2 36  ? -5.217  9.662   -4.347  1.00 97.77  ? 571  ILE B CB  1 
ATOM   1123 C CG1 . ILE B 2 36  ? -5.002  10.812  -3.357  1.00 99.24  ? 571  ILE B CG1 1 
ATOM   1124 C CG2 . ILE B 2 36  ? -4.180  9.744   -5.459  1.00 102.95 ? 571  ILE B CG2 1 
ATOM   1125 C CD1 . ILE B 2 36  ? -3.532  11.040  -2.945  1.00 98.89  ? 571  ILE B CD1 1 
ATOM   1126 N N   . LEU B 2 37  ? -7.065  7.484   -5.805  1.00 100.96 ? 572  LEU B N   1 
ATOM   1127 C CA  . LEU B 2 37  ? -7.139  6.461   -6.838  1.00 102.15 ? 572  LEU B CA  1 
ATOM   1128 C C   . LEU B 2 37  ? -8.561  6.247   -7.370  1.00 105.49 ? 572  LEU B C   1 
ATOM   1129 O O   . LEU B 2 37  ? -8.790  5.348   -8.172  1.00 111.89 ? 572  LEU B O   1 
ATOM   1130 C CB  . LEU B 2 37  ? -6.578  5.142   -6.302  1.00 102.76 ? 572  LEU B CB  1 
ATOM   1131 C CG  . LEU B 2 37  ? -5.137  5.215   -5.785  1.00 101.44 ? 572  LEU B CG  1 
ATOM   1132 C CD1 . LEU B 2 37  ? -4.773  3.907   -5.125  1.00 96.98  ? 572  LEU B CD1 1 
ATOM   1133 C CD2 . LEU B 2 37  ? -4.164  5.529   -6.904  1.00 101.72 ? 572  LEU B CD2 1 
ATOM   1134 N N   . GLY B 2 38  ? -9.514  7.061   -6.922  1.00 105.37 ? 573  GLY B N   1 
ATOM   1135 C CA  . GLY B 2 38  ? -10.879 6.975   -7.418  1.00 105.48 ? 573  GLY B CA  1 
ATOM   1136 C C   . GLY B 2 38  ? -11.533 5.645   -7.106  1.00 109.51 ? 573  GLY B C   1 
ATOM   1137 O O   . GLY B 2 38  ? -12.438 5.193   -7.807  1.00 111.11 ? 573  GLY B O   1 
ATOM   1138 N N   . VAL B 2 39  ? -11.053 5.016   -6.043  1.00 107.92 ? 574  VAL B N   1 
ATOM   1139 C CA  . VAL B 2 39  ? -11.590 3.751   -5.571  1.00 108.25 ? 574  VAL B CA  1 
ATOM   1140 C C   . VAL B 2 39  ? -12.814 3.994   -4.709  1.00 110.99 ? 574  VAL B C   1 
ATOM   1141 O O   . VAL B 2 39  ? -13.807 3.278   -4.786  1.00 110.99 ? 574  VAL B O   1 
ATOM   1142 C CB  . VAL B 2 39  ? -10.534 2.981   -4.759  1.00 103.54 ? 574  VAL B CB  1 
ATOM   1143 C CG1 . VAL B 2 39  ? -11.183 2.065   -3.741  1.00 100.40 ? 574  VAL B CG1 1 
ATOM   1144 C CG2 . VAL B 2 39  ? -9.615  2.212   -5.687  1.00 105.54 ? 574  VAL B CG2 1 
ATOM   1145 N N   . THR B 2 40  ? -12.729 5.043   -3.900  1.00 115.98 ? 575  THR B N   1 
ATOM   1146 C CA  . THR B 2 40  ? -13.713 5.330   -2.860  1.00 117.98 ? 575  THR B CA  1 
ATOM   1147 C C   . THR B 2 40  ? -15.168 5.320   -3.345  1.00 120.40 ? 575  THR B C   1 
ATOM   1148 O O   . THR B 2 40  ? -16.088 5.106   -2.551  1.00 121.55 ? 575  THR B O   1 
ATOM   1149 C CB  . THR B 2 40  ? -13.414 6.693   -2.205  1.00 111.32 ? 575  THR B CB  1 
ATOM   1150 O OG1 . THR B 2 40  ? -14.368 6.937   -1.165  1.00 114.79 ? 575  THR B OG1 1 
ATOM   1151 C CG2 . THR B 2 40  ? -13.471 7.808   -3.241  1.00 114.35 ? 575  THR B CG2 1 
ATOM   1152 N N   . ASP B 2 41  ? -15.371 5.528   -4.644  1.00 119.69 ? 576  ASP B N   1 
ATOM   1153 C CA  . ASP B 2 41  ? -16.719 5.628   -5.198  1.00 120.12 ? 576  ASP B CA  1 
ATOM   1154 C C   . ASP B 2 41  ? -17.287 4.259   -5.560  1.00 118.23 ? 576  ASP B C   1 
ATOM   1155 O O   . ASP B 2 41  ? -18.501 4.079   -5.618  1.00 118.32 ? 576  ASP B O   1 
ATOM   1156 C CB  . ASP B 2 41  ? -16.717 6.546   -6.422  1.00 122.37 ? 576  ASP B CB  1 
ATOM   1157 C CG  . ASP B 2 41  ? -16.325 7.974   -6.075  1.00 132.48 ? 576  ASP B CG  1 
ATOM   1158 O OD1 . ASP B 2 41  ? -17.059 8.629   -5.296  1.00 133.94 ? 576  ASP B OD1 1 
ATOM   1159 O OD2 . ASP B 2 41  ? -15.271 8.436   -6.567  1.00 140.89 ? 576  ASP B OD2 1 
ATOM   1160 N N   . LYS B 2 42  ? -16.400 3.295   -5.785  1.00 116.21 ? 577  LYS B N   1 
ATOM   1161 C CA  . LYS B 2 42  ? -16.803 1.950   -6.192  1.00 114.43 ? 577  LYS B CA  1 
ATOM   1162 C C   . LYS B 2 42  ? -17.007 1.030   -4.995  1.00 112.00 ? 577  LYS B C   1 
ATOM   1163 O O   . LYS B 2 42  ? -17.366 -0.134  -5.153  1.00 109.76 ? 577  LYS B O   1 
ATOM   1164 C CB  . LYS B 2 42  ? -15.758 1.351   -7.139  1.00 109.93 ? 577  LYS B CB  1 
ATOM   1165 C CG  . LYS B 2 42  ? -15.196 2.360   -8.134  1.00 111.26 ? 577  LYS B CG  1 
ATOM   1166 C CD  . LYS B 2 42  ? -14.150 1.746   -9.042  1.00 108.99 ? 577  LYS B CD  1 
ATOM   1167 C CE  . LYS B 2 42  ? -13.553 2.793   -9.967  1.00 111.32 ? 577  LYS B CE  1 
ATOM   1168 N NZ  . LYS B 2 42  ? -12.475 2.229   -10.824 1.00 115.80 ? 577  LYS B NZ  1 
ATOM   1169 N N   . VAL B 2 43  ? -16.783 1.557   -3.796  1.00 114.15 ? 578  VAL B N   1 
ATOM   1170 C CA  . VAL B 2 43  ? -16.937 0.761   -2.583  1.00 112.91 ? 578  VAL B CA  1 
ATOM   1171 C C   . VAL B 2 43  ? -18.290 1.021   -1.924  1.00 112.71 ? 578  VAL B C   1 
ATOM   1172 O O   . VAL B 2 43  ? -18.709 2.172   -1.778  1.00 116.42 ? 578  VAL B O   1 
ATOM   1173 C CB  . VAL B 2 43  ? -15.809 1.054   -1.584  1.00 109.62 ? 578  VAL B CB  1 
ATOM   1174 C CG1 . VAL B 2 43  ? -15.860 0.077   -0.423  1.00 104.34 ? 578  VAL B CG1 1 
ATOM   1175 C CG2 . VAL B 2 43  ? -14.474 0.971   -2.288  1.00 106.33 ? 578  VAL B CG2 1 
ATOM   1176 N N   . LYS B 2 44  ? -18.972 -0.052  -1.544  1.00 111.92 ? 579  LYS B N   1 
ATOM   1177 C CA  . LYS B 2 44  ? -20.255 0.052   -0.859  1.00 112.00 ? 579  LYS B CA  1 
ATOM   1178 C C   . LYS B 2 44  ? -20.119 0.823   0.448   1.00 114.10 ? 579  LYS B C   1 
ATOM   1179 O O   . LYS B 2 44  ? -20.896 1.736   0.724   1.00 118.16 ? 579  LYS B O   1 
ATOM   1180 C CB  . LYS B 2 44  ? -20.835 -1.341  -0.582  1.00 110.98 ? 579  LYS B CB  1 
ATOM   1181 N N   . ASN B 2 45  ? -19.125 0.452   1.248   1.00 112.00 ? 580  ASN B N   1 
ATOM   1182 C CA  . ASN B 2 45  ? -18.931 1.063   2.558   1.00 113.70 ? 580  ASN B CA  1 
ATOM   1183 C C   . ASN B 2 45  ? -17.748 2.037   2.573   1.00 111.32 ? 580  ASN B C   1 
ATOM   1184 O O   . ASN B 2 45  ? -16.671 1.697   3.046   1.00 114.16 ? 580  ASN B O   1 
ATOM   1185 C CB  . ASN B 2 45  ? -18.727 -0.032  3.611   1.00 113.40 ? 580  ASN B CB  1 
ATOM   1186 C CG  . ASN B 2 45  ? -19.041 0.448   5.023   1.00 119.06 ? 580  ASN B CG  1 
ATOM   1187 O OD1 . ASN B 2 45  ? -19.112 1.660   5.289   1.00 112.33 ? 580  ASN B OD1 1 
ATOM   1188 N ND2 . ASN B 2 45  ? -19.211 -0.504  5.946   1.00 117.21 ? 580  ASN B ND2 1 
ATOM   1189 N N   . LYS B 2 46  ? -17.947 3.247   2.066   1.00 105.41 ? 581  LYS B N   1 
ATOM   1190 C CA  . LYS B 2 46  ? -16.839 4.185   1.880   1.00 110.90 ? 581  LYS B CA  1 
ATOM   1191 C C   . LYS B 2 46  ? -16.218 4.722   3.177   1.00 110.22 ? 581  LYS B C   1 
ATOM   1192 O O   . LYS B 2 46  ? -15.239 5.471   3.133   1.00 110.92 ? 581  LYS B O   1 
ATOM   1193 C CB  . LYS B 2 46  ? -17.304 5.372   1.039   1.00 112.67 ? 581  LYS B CB  1 
ATOM   1194 C CG  . LYS B 2 46  ? -18.525 6.071   1.612   1.00 111.87 ? 581  LYS B CG  1 
ATOM   1195 C CD  . LYS B 2 46  ? -18.912 7.284   0.785   1.00 112.26 ? 581  LYS B CD  1 
ATOM   1196 C CE  . LYS B 2 46  ? -17.818 8.328   0.805   1.00 109.29 ? 581  LYS B CE  1 
ATOM   1197 N NZ  . LYS B 2 46  ? -18.125 9.448   -0.125  1.00 111.68 ? 581  LYS B NZ  1 
ATOM   1198 N N   . HIS B 2 47  ? -16.789 4.356   4.319   1.00 111.47 ? 582  HIS B N   1 
ATOM   1199 C CA  . HIS B 2 47  ? -16.325 4.886   5.598   1.00 110.83 ? 582  HIS B CA  1 
ATOM   1200 C C   . HIS B 2 47  ? -15.597 3.817   6.424   1.00 113.93 ? 582  HIS B C   1 
ATOM   1201 O O   . HIS B 2 47  ? -14.971 4.132   7.441   1.00 114.74 ? 582  HIS B O   1 
ATOM   1202 C CB  . HIS B 2 47  ? -17.503 5.473   6.389   1.00 111.41 ? 582  HIS B CB  1 
ATOM   1203 C CG  . HIS B 2 47  ? -18.255 6.541   5.649   1.00 110.74 ? 582  HIS B CG  1 
ATOM   1204 N ND1 . HIS B 2 47  ? -17.643 7.663   5.136   1.00 109.58 ? 582  HIS B ND1 1 
ATOM   1205 C CD2 . HIS B 2 47  ? -19.572 6.654   5.336   1.00 106.73 ? 582  HIS B CD2 1 
ATOM   1206 C CE1 . HIS B 2 47  ? -18.545 8.419   4.530   1.00 105.91 ? 582  HIS B CE1 1 
ATOM   1207 N NE2 . HIS B 2 47  ? -19.722 7.830   4.641   1.00 102.83 ? 582  HIS B NE2 1 
ATOM   1208 N N   . ASP B 2 48  ? -15.685 2.560   5.991   1.00 108.04 ? 583  ASP B N   1 
ATOM   1209 C CA  . ASP B 2 48  ? -14.840 1.497   6.535   1.00 107.71 ? 583  ASP B CA  1 
ATOM   1210 C C   . ASP B 2 48  ? -13.520 1.506   5.761   1.00 108.94 ? 583  ASP B C   1 
ATOM   1211 O O   . ASP B 2 48  ? -13.515 1.686   4.538   1.00 107.55 ? 583  ASP B O   1 
ATOM   1212 C CB  . ASP B 2 48  ? -15.535 0.132   6.426   1.00 109.95 ? 583  ASP B CB  1 
ATOM   1213 C CG  . ASP B 2 48  ? -14.830 -0.956  7.222   1.00 110.56 ? 583  ASP B CG  1 
ATOM   1214 O OD1 . ASP B 2 48  ? -13.636 -0.788  7.562   1.00 113.45 ? 583  ASP B OD1 1 
ATOM   1215 O OD2 . ASP B 2 48  ? -15.475 -1.985  7.512   1.00 110.96 ? 583  ASP B OD2 1 
ATOM   1216 N N   . ALA B 2 49  ? -12.398 1.335   6.458   1.00 107.56 ? 584  ALA B N   1 
ATOM   1217 C CA  . ALA B 2 49  ? -11.111 1.389   5.774   1.00 103.29 ? 584  ALA B CA  1 
ATOM   1218 C C   . ALA B 2 49  ? -10.793 0.019   5.203   1.00 101.15 ? 584  ALA B C   1 
ATOM   1219 O O   . ALA B 2 49  ? -10.142 -0.089  4.164   1.00 98.94  ? 584  ALA B O   1 
ATOM   1220 C CB  . ALA B 2 49  ? -9.998  1.866   6.713   1.00 100.12 ? 584  ALA B CB  1 
ATOM   1221 N N   . LYS B 2 50  ? -11.278 -1.021  5.877   1.00 102.35 ? 585  LYS B N   1 
ATOM   1222 C CA  . LYS B 2 50  ? -11.052 -2.390  5.450   1.00 96.94  ? 585  LYS B CA  1 
ATOM   1223 C C   . LYS B 2 50  ? -11.786 -2.719  4.152   1.00 100.17 ? 585  LYS B C   1 
ATOM   1224 O O   . LYS B 2 50  ? -11.402 -3.638  3.425   1.00 99.84  ? 585  LYS B O   1 
ATOM   1225 C CB  . LYS B 2 50  ? -11.477 -3.363  6.547   1.00 101.35 ? 585  LYS B CB  1 
ATOM   1226 C CG  . LYS B 2 50  ? -10.601 -3.313  7.769   1.00 101.00 ? 585  LYS B CG  1 
ATOM   1227 C CD  . LYS B 2 50  ? -10.666 -4.600  8.581   1.00 102.63 ? 585  LYS B CD  1 
ATOM   1228 C CE  . LYS B 2 50  ? -11.796 -4.570  9.594   1.00 110.22 ? 585  LYS B CE  1 
ATOM   1229 N NZ  . LYS B 2 50  ? -11.655 -5.675  10.590  1.00 114.81 ? 585  LYS B NZ  1 
ATOM   1230 N N   . ALA B 2 51  ? -12.858 -1.985  3.874   1.00 101.51 ? 586  ALA B N   1 
ATOM   1231 C CA  . ALA B 2 51  ? -13.620 -2.201  2.649   1.00 99.57  ? 586  ALA B CA  1 
ATOM   1232 C C   . ALA B 2 51  ? -12.823 -1.677  1.481   1.00 95.84  ? 586  ALA B C   1 
ATOM   1233 O O   . ALA B 2 51  ? -12.699 -2.332  0.450   1.00 100.93 ? 586  ALA B O   1 
ATOM   1234 C CB  . ALA B 2 51  ? -14.974 -1.507  2.716   1.00 105.37 ? 586  ALA B CB  1 
ATOM   1235 N N   . ILE B 2 52  ? -12.277 -0.484  1.672   1.00 99.16  ? 587  ILE B N   1 
ATOM   1236 C CA  . ILE B 2 52  ? -11.484 0.214   0.672   1.00 92.07  ? 587  ILE B CA  1 
ATOM   1237 C C   . ILE B 2 52  ? -10.264 -0.608  0.283   1.00 89.93  ? 587  ILE B C   1 
ATOM   1238 O O   . ILE B 2 52  ? -9.955  -0.767  -0.898  1.00 89.21  ? 587  ILE B O   1 
ATOM   1239 C CB  . ILE B 2 52  ? -11.051 1.584   1.205   1.00 98.13  ? 587  ILE B CB  1 
ATOM   1240 C CG1 . ILE B 2 52  ? -12.277 2.354   1.689   1.00 100.74 ? 587  ILE B CG1 1 
ATOM   1241 C CG2 . ILE B 2 52  ? -10.288 2.369   0.154   1.00 93.96  ? 587  ILE B CG2 1 
ATOM   1242 C CD1 . ILE B 2 52  ? -13.141 2.849   0.561   1.00 107.14 ? 587  ILE B CD1 1 
ATOM   1243 N N   . LEU B 2 53  ? -9.584  -1.142  1.290   1.00 89.77  ? 588  LEU B N   1 
ATOM   1244 C CA  . LEU B 2 53  ? -8.398  -1.951  1.079   1.00 86.89  ? 588  LEU B CA  1 
ATOM   1245 C C   . LEU B 2 53  ? -8.790  -3.314  0.491   1.00 90.73  ? 588  LEU B C   1 
ATOM   1246 O O   . LEU B 2 53  ? -8.105  -3.827  -0.404  1.00 86.70  ? 588  LEU B O   1 
ATOM   1247 C CB  . LEU B 2 53  ? -7.625  -2.122  2.391   1.00 84.34  ? 588  LEU B CB  1 
ATOM   1248 C CG  . LEU B 2 53  ? -6.341  -2.953  2.275   1.00 87.84  ? 588  LEU B CG  1 
ATOM   1249 C CD1 . LEU B 2 53  ? -5.345  -2.326  1.316   1.00 75.89  ? 588  LEU B CD1 1 
ATOM   1250 C CD2 . LEU B 2 53  ? -5.699  -3.235  3.629   1.00 82.65  ? 588  LEU B CD2 1 
ATOM   1251 N N   . ARG B 2 54  ? -9.897  -3.888  0.969   1.00 92.93  ? 589  ARG B N   1 
ATOM   1252 C CA  . ARG B 2 54  ? -10.384 -5.154  0.421   1.00 91.08  ? 589  ARG B CA  1 
ATOM   1253 C C   . ARG B 2 54  ? -10.640 -5.003  -1.072  1.00 90.29  ? 589  ARG B C   1 
ATOM   1254 O O   . ARG B 2 54  ? -10.363 -5.920  -1.849  1.00 90.22  ? 589  ARG B O   1 
ATOM   1255 C CB  . ARG B 2 54  ? -11.659 -5.629  1.130   1.00 98.98  ? 589  ARG B CB  1 
ATOM   1256 N N   . TYR B 2 55  ? -11.144 -3.841  -1.477  1.00 88.78  ? 590  TYR B N   1 
ATOM   1257 C CA  . TYR B 2 55  ? -11.425 -3.617  -2.891  1.00 89.45  ? 590  TYR B CA  1 
ATOM   1258 C C   . TYR B 2 55  ? -10.146 -3.611  -3.723  1.00 92.21  ? 590  TYR B C   1 
ATOM   1259 O O   . TYR B 2 55  ? -10.054 -4.281  -4.756  1.00 94.96  ? 590  TYR B O   1 
ATOM   1260 C CB  . TYR B 2 55  ? -12.177 -2.308  -3.108  1.00 89.83  ? 590  TYR B CB  1 
ATOM   1261 C CG  . TYR B 2 55  ? -12.517 -2.077  -4.565  1.00 95.47  ? 590  TYR B CG  1 
ATOM   1262 C CD1 . TYR B 2 55  ? -11.633 -1.421  -5.418  1.00 97.89  ? 590  TYR B CD1 1 
ATOM   1263 C CD2 . TYR B 2 55  ? -13.723 -2.516  -5.091  1.00 98.60  ? 590  TYR B CD2 1 
ATOM   1264 C CE1 . TYR B 2 55  ? -11.940 -1.217  -6.758  1.00 102.12 ? 590  TYR B CE1 1 
ATOM   1265 C CE2 . TYR B 2 55  ? -14.044 -2.315  -6.428  1.00 100.37 ? 590  TYR B CE2 1 
ATOM   1266 C CZ  . TYR B 2 55  ? -13.151 -1.670  -7.256  1.00 104.74 ? 590  TYR B CZ  1 
ATOM   1267 O OH  . TYR B 2 55  ? -13.476 -1.475  -8.580  1.00 110.21 ? 590  TYR B OH  1 
ATOM   1268 N N   . VAL B 2 56  ? -9.167  -2.837  -3.280  1.00 89.90  ? 591  VAL B N   1 
ATOM   1269 C CA  . VAL B 2 56  ? -7.906  -2.736  -3.996  1.00 90.92  ? 591  VAL B CA  1 
ATOM   1270 C C   . VAL B 2 56  ? -7.201  -4.093  -4.068  1.00 84.57  ? 591  VAL B C   1 
ATOM   1271 O O   . VAL B 2 56  ? -6.534  -4.395  -5.050  1.00 85.72  ? 591  VAL B O   1 
ATOM   1272 C CB  . VAL B 2 56  ? -6.971  -1.683  -3.329  1.00 81.31  ? 591  VAL B CB  1 
ATOM   1273 C CG1 . VAL B 2 56  ? -5.605  -1.649  -4.002  1.00 73.29  ? 591  VAL B CG1 1 
ATOM   1274 C CG2 . VAL B 2 56  ? -7.616  -0.307  -3.386  1.00 89.61  ? 591  VAL B CG2 1 
ATOM   1275 N N   . LEU B 2 57  ? -7.334  -4.899  -3.022  1.00 82.40  ? 592  LEU B N   1 
ATOM   1276 C CA  . LEU B 2 57  ? -6.637  -6.179  -2.968  1.00 85.21  ? 592  LEU B CA  1 
ATOM   1277 C C   . LEU B 2 57  ? -7.206  -7.156  -3.985  1.00 87.27  ? 592  LEU B C   1 
ATOM   1278 O O   . LEU B 2 57  ? -6.455  -7.819  -4.695  1.00 83.56  ? 592  LEU B O   1 
ATOM   1279 C CB  . LEU B 2 57  ? -6.726  -6.792  -1.570  1.00 79.36  ? 592  LEU B CB  1 
ATOM   1280 C CG  . LEU B 2 57  ? -6.081  -8.168  -1.420  1.00 80.09  ? 592  LEU B CG  1 
ATOM   1281 C CD1 . LEU B 2 57  ? -4.655  -8.198  -1.973  1.00 71.25  ? 592  LEU B CD1 1 
ATOM   1282 C CD2 . LEU B 2 57  ? -6.092  -8.573  0.043   1.00 78.52  ? 592  LEU B CD2 1 
ATOM   1283 N N   . GLU B 2 58  ? -8.531  -7.237  -4.045  1.00 86.01  ? 593  GLU B N   1 
ATOM   1284 C CA  . GLU B 2 58  ? -9.197  -8.146  -4.965  1.00 90.05  ? 593  GLU B CA  1 
ATOM   1285 C C   . GLU B 2 58  ? -8.942  -7.709  -6.394  1.00 90.76  ? 593  GLU B C   1 
ATOM   1286 O O   . GLU B 2 58  ? -8.701  -8.532  -7.269  1.00 94.66  ? 593  GLU B O   1 
ATOM   1287 C CB  . GLU B 2 58  ? -10.693 -8.212  -4.665  1.00 90.49  ? 593  GLU B CB  1 
ATOM   1288 C CG  . GLU B 2 58  ? -10.990 -8.867  -3.327  1.00 93.47  ? 593  GLU B CG  1 
ATOM   1289 C CD  . GLU B 2 58  ? -12.469 -8.927  -3.022  1.00 103.24 ? 593  GLU B CD  1 
ATOM   1290 O OE1 . GLU B 2 58  ? -13.110 -7.855  -3.009  1.00 105.20 ? 593  GLU B OE1 1 
ATOM   1291 O OE2 . GLU B 2 58  ? -12.993 -10.042 -2.794  1.00 113.72 ? 593  GLU B OE2 1 
ATOM   1292 N N   . GLU B 2 59  ? -8.955  -6.408  -6.623  1.00 94.32  ? 594  GLU B N   1 
ATOM   1293 C CA  . GLU B 2 59  ? -8.642  -5.890  -7.943  1.00 94.53  ? 594  GLU B CA  1 
ATOM   1294 C C   . GLU B 2 59  ? -7.244  -6.327  -8.363  1.00 94.26  ? 594  GLU B C   1 
ATOM   1295 O O   . GLU B 2 59  ? -7.064  -6.889  -9.445  1.00 100.66 ? 594  GLU B O   1 
ATOM   1296 C CB  . GLU B 2 59  ? -8.771  -4.375  -7.963  1.00 89.62  ? 594  GLU B CB  1 
ATOM   1297 C CG  . GLU B 2 59  ? -10.191 -3.911  -8.171  1.00 95.13  ? 594  GLU B CG  1 
ATOM   1298 C CD  . GLU B 2 59  ? -10.736 -4.329  -9.516  1.00 103.80 ? 594  GLU B CD  1 
ATOM   1299 O OE1 . GLU B 2 59  ? -10.400 -3.653  -10.512 1.00 106.27 ? 594  GLU B OE1 1 
ATOM   1300 O OE2 . GLU B 2 59  ? -11.477 -5.341  -9.587  1.00 112.43 ? 594  GLU B OE2 1 
ATOM   1301 N N   . LEU B 2 60  ? -6.269  -6.121  -7.480  1.00 88.53  ? 595  LEU B N   1 
ATOM   1302 C CA  . LEU B 2 60  ? -4.893  -6.533  -7.743  1.00 87.58  ? 595  LEU B CA  1 
ATOM   1303 C C   . LEU B 2 60  ? -4.740  -8.068  -7.877  1.00 90.88  ? 595  LEU B C   1 
ATOM   1304 O O   . LEU B 2 60  ? -3.803  -8.560  -8.514  1.00 86.89  ? 595  LEU B O   1 
ATOM   1305 C CB  . LEU B 2 60  ? -3.973  -6.014  -6.636  1.00 81.86  ? 595  LEU B CB  1 
ATOM   1306 C CG  . LEU B 2 60  ? -3.699  -4.496  -6.525  1.00 90.91  ? 595  LEU B CG  1 
ATOM   1307 C CD1 . LEU B 2 60  ? -3.004  -4.148  -5.216  1.00 77.07  ? 595  LEU B CD1 1 
ATOM   1308 C CD2 . LEU B 2 60  ? -2.872  -3.997  -7.684  1.00 84.75  ? 595  LEU B CD2 1 
ATOM   1309 N N   . ILE B 2 61  ? -5.637  -8.830  -7.264  1.00 89.77  ? 596  ILE B N   1 
ATOM   1310 C CA  . ILE B 2 61  ? -5.528  -10.274 -7.347  1.00 91.46  ? 596  ILE B CA  1 
ATOM   1311 C C   . ILE B 2 61  ? -5.980  -10.720 -8.737  1.00 93.68  ? 596  ILE B C   1 
ATOM   1312 O O   . ILE B 2 61  ? -5.287  -11.490 -9.404  1.00 90.20  ? 596  ILE B O   1 
ATOM   1313 C CB  . ILE B 2 61  ? -6.346  -10.986 -6.261  1.00 89.85  ? 596  ILE B CB  1 
ATOM   1314 C CG1 . ILE B 2 61  ? -5.605  -10.912 -4.922  1.00 80.19  ? 596  ILE B CG1 1 
ATOM   1315 C CG2 . ILE B 2 61  ? -6.610  -12.468 -6.675  1.00 90.54  ? 596  ILE B CG2 1 
ATOM   1316 C CD1 . ILE B 2 61  ? -6.433  -11.399 -3.733  1.00 76.34  ? 596  ILE B CD1 1 
ATOM   1317 N N   . ASN B 2 62  ? -7.126  -10.195 -9.170  1.00 94.96  ? 597  ASN B N   1 
ATOM   1318 C CA  . ASN B 2 62  ? -7.612  -10.380 -10.531 1.00 92.85  ? 597  ASN B CA  1 
ATOM   1319 C C   . ASN B 2 62  ? -6.573  -9.934  -11.562 1.00 96.66  ? 597  ASN B C   1 
ATOM   1320 O O   . ASN B 2 62  ? -6.256  -10.680 -12.494 1.00 99.36  ? 597  ASN B O   1 
ATOM   1321 C CB  . ASN B 2 62  ? -8.927  -9.618  -10.735 1.00 91.42  ? 597  ASN B CB  1 
ATOM   1322 C CG  . ASN B 2 62  ? -10.033 -10.104 -9.805  1.00 98.31  ? 597  ASN B CG  1 
ATOM   1323 O OD1 . ASN B 2 62  ? -9.979  -11.228 -9.304  1.00 102.66 ? 597  ASN B OD1 1 
ATOM   1324 N ND2 . ASN B 2 62  ? -11.053 -9.271  -9.589  1.00 99.66  ? 597  ASN B ND2 1 
ATOM   1325 N N   . PHE B 2 63  ? -6.019  -8.737  -11.375 1.00 93.17  ? 598  PHE B N   1 
ATOM   1326 C CA  . PHE B 2 63  ? -5.079  -8.155  -12.328 1.00 89.13  ? 598  PHE B CA  1 
ATOM   1327 C C   . PHE B 2 63  ? -3.829  -9.007  -12.594 1.00 91.02  ? 598  PHE B C   1 
ATOM   1328 O O   . PHE B 2 63  ? -3.205  -8.886  -13.654 1.00 93.58  ? 598  PHE B O   1 
ATOM   1329 C CB  . PHE B 2 63  ? -4.640  -6.761  -11.847 1.00 98.25  ? 598  PHE B CB  1 
ATOM   1330 C CG  . PHE B 2 63  ? -5.618  -5.665  -12.173 1.00 98.00  ? 598  PHE B CG  1 
ATOM   1331 C CD1 . PHE B 2 63  ? -6.712  -5.908  -12.992 1.00 104.37 ? 598  PHE B CD1 1 
ATOM   1332 C CD2 . PHE B 2 63  ? -5.453  -4.398  -11.645 1.00 99.12  ? 598  PHE B CD2 1 
ATOM   1333 C CE1 . PHE B 2 63  ? -7.610  -4.890  -13.286 1.00 111.73 ? 598  PHE B CE1 1 
ATOM   1334 C CE2 . PHE B 2 63  ? -6.342  -3.379  -11.930 1.00 100.30 ? 598  PHE B CE2 1 
ATOM   1335 C CZ  . PHE B 2 63  ? -7.415  -3.615  -12.749 1.00 105.24 ? 598  PHE B CZ  1 
ATOM   1336 N N   . LYS B 2 64  ? -3.440  -9.844  -11.638 1.00 91.14  ? 599  LYS B N   1 
ATOM   1337 C CA  . LYS B 2 64  ? -2.261  -10.697 -11.818 1.00 94.78  ? 599  LYS B CA  1 
ATOM   1338 C C   . LYS B 2 64  ? -2.648  -12.110 -12.294 1.00 97.49  ? 599  LYS B C   1 
ATOM   1339 O O   . LYS B 2 64  ? -1.807  -13.012 -12.371 1.00 95.71  ? 599  LYS B O   1 
ATOM   1340 C CB  . LYS B 2 64  ? -1.459  -10.789 -10.515 1.00 90.64  ? 599  LYS B CB  1 
ATOM   1341 C CG  . LYS B 2 64  ? -0.730  -9.507  -10.140 1.00 93.94  ? 599  LYS B CG  1 
ATOM   1342 C CD  . LYS B 2 64  ? -0.256  -9.553  -8.699  1.00 89.25  ? 599  LYS B CD  1 
ATOM   1343 C CE  . LYS B 2 64  ? 0.693   -10.709 -8.426  1.00 88.68  ? 599  LYS B CE  1 
ATOM   1344 N NZ  . LYS B 2 64  ? 2.008   -10.554 -9.083  1.00 92.79  ? 599  LYS B NZ  1 
ATOM   1345 N N   . LYS B 2 65  ? -3.920  -12.322 -12.597 1.00 91.06  ? 600  LYS B N   1 
ATOM   1346 C CA  . LYS B 2 65  ? -4.307  -13.660 -13.028 1.00 102.20 ? 600  LYS B CA  1 
ATOM   1347 C C   . LYS B 2 65  ? -3.895  -13.894 -14.481 1.00 108.62 ? 600  LYS B C   1 
ATOM   1348 O O   . LYS B 2 65  ? -4.033  -13.006 -15.338 1.00 105.60 ? 600  LYS B O   1 
ATOM   1349 C CB  . LYS B 2 65  ? -5.807  -13.884 -12.840 1.00 95.79  ? 600  LYS B CB  1 
ATOM   1350 C CG  . LYS B 2 65  ? -6.173  -14.162 -11.392 1.00 90.22  ? 600  LYS B CG  1 
ATOM   1351 C CD  . LYS B 2 65  ? -7.667  -14.214 -11.184 1.00 90.50  ? 600  LYS B CD  1 
ATOM   1352 C CE  . LYS B 2 65  ? -8.002  -14.850 -9.845  1.00 94.25  ? 600  LYS B CE  1 
ATOM   1353 N NZ  . LYS B 2 65  ? -9.393  -14.534 -9.409  1.00 100.84 ? 600  LYS B NZ  1 
ATOM   1354 N N   . LEU B 2 66  ? -3.346  -15.081 -14.738 1.00 116.25 ? 601  LEU B N   1 
ATOM   1355 C CA  . LEU B 2 66  ? -3.075  -15.519 -16.104 1.00 118.08 ? 601  LEU B CA  1 
ATOM   1356 C C   . LEU B 2 66  ? -4.414  -15.827 -16.767 1.00 117.53 ? 601  LEU B C   1 
ATOM   1357 O O   . LEU B 2 66  ? -5.337  -16.319 -16.102 1.00 115.84 ? 601  LEU B O   1 
ATOM   1358 C CB  . LEU B 2 66  ? -2.134  -16.739 -16.127 1.00 116.50 ? 601  LEU B CB  1 
ATOM   1359 C CG  . LEU B 2 66  ? -2.400  -17.996 -15.271 1.00 119.78 ? 601  LEU B CG  1 
ATOM   1360 C CD1 . LEU B 2 66  ? -3.502  -18.901 -15.851 1.00 121.14 ? 601  LEU B CD1 1 
ATOM   1361 C CD2 . LEU B 2 66  ? -1.115  -18.809 -15.046 1.00 115.86 ? 601  LEU B CD2 1 
ATOM   1362 N N   . ASN B 2 67  ? -4.519  -15.503 -18.056 1.00 122.49 ? 602  ASN B N   1 
ATOM   1363 C CA  . ASN B 2 67  ? -5.723  -15.770 -18.845 1.00 129.52 ? 602  ASN B CA  1 
ATOM   1364 C C   . ASN B 2 67  ? -6.944  -15.005 -18.316 1.00 126.65 ? 602  ASN B C   1 
ATOM   1365 O O   . ASN B 2 67  ? -6.992  -13.770 -18.366 1.00 120.08 ? 602  ASN B O   1 
ATOM   1366 C CB  . ASN B 2 67  ? -5.994  -17.288 -18.892 1.00 125.67 ? 602  ASN B CB  1 
ATOM   1367 C CG  . ASN B 2 67  ? -7.388  -17.631 -19.396 1.00 130.92 ? 602  ASN B CG  1 
ATOM   1368 O OD1 . ASN B 2 67  ? -8.191  -18.224 -18.673 1.00 129.95 ? 602  ASN B OD1 1 
ATOM   1369 N ND2 . ASN B 2 67  ? -7.673  -17.274 -20.647 1.00 132.15 ? 602  ASN B ND2 1 
HETATM 1370 O O   . HOH C 3 .   ? 7.742   8.265   -4.933  1.00 87.05  ? 2001 HOH A O   1 
HETATM 1371 O O   . HOH C 3 .   ? 9.611   0.318   5.960   1.00 83.93  ? 2002 HOH A O   1 
HETATM 1372 O O   . HOH D 3 .   ? 6.041   14.378  7.749   1.00 90.63  ? 2001 HOH B O   1 
# 
